data_1JNZ
#
_entry.id   1JNZ
#
_cell.length_a   72.600
_cell.length_b   113.500
_cell.length_c   193.900
_cell.angle_alpha   90.00
_cell.angle_beta   90.00
_cell.angle_gamma   90.00
#
_symmetry.space_group_name_H-M   'P 21 21 21'
#
loop_
_entity.id
_entity.type
_entity.pdbx_description
1 polymer 'adenylylsulfate reductase'
2 polymer 'adenylylsulfate reductase'
3 non-polymer 'SULFITE ION'
4 non-polymer 'FLAVIN-ADENINE DINUCLEOTIDE'
5 non-polymer 'IRON/SULFUR CLUSTER'
6 water water
#
loop_
_entity_poly.entity_id
_entity_poly.type
_entity_poly.pdbx_seq_one_letter_code
_entity_poly.pdbx_strand_id
1 'polypeptide(L)'
;MVYYPKKYELYKADEVPTEVVETDILIIGGGFSGCGAAYEAAYWAKLGGLKVTLVEKAAVERSGAVAQGLSAINTYIDLT
GRSERQNTLEDYVRYVTLDMMGLAREDLVADYARHVDGTVHLFEKWGLPIWKTPDGKYVREGQWQIMIHGESYKPIIAEA
AKMAVGEENIYERVFIFELLKDNNDPNAVAGAVGFSVREPKFYVFKAKAVILATGGATLLFRPRSTGEAAGRTWYAIFDT
GSGYYMGLKAGAMLTQFEHRFIPFRFKDGYGPVGAWFLFFKCKAKNAYGEEYIKTRAAELEKYKPYGAAQPIPTPLRNHQ
VMLEIMDGNQPIYMHTEEALAELAGGDKKKLKHIYEEAFEDFLDMTVSQALLWACQNIDPQEQPSEAAPAEPYIMGSHSG
EAGFWVCGPEDLMPEEYAKLFPLKYNRMTTVKGLFAIGDCAGANPHKFSSGSFTEGRIAAKAAVRFILEQKPNPEIDDAV
VEELKKKAYAPMERFMQYKDLSTADDVNPEYILPWQGLVRLQKIMDEYAAGIATIYKTNEKMLQRALELLAFLKEDLEKL
AARDLHELMRAWELVHRVWTAEAHVRHMLFRKETRWPGYYYRTDYPELNDEEWKCFVCSKYDAEKDEWTFEKVPYVQVIE
WSF
;
A,C
2 'polypeptide(L)'
;MPSFVNPEKCDGCKALERTACEYICPNDLMTLDKEKMKAYNREPDMCWECYSCVKMCPQGAIDVRGYVDYSPLGGACVPM
RGTSDIMWTVKYRNGKVLRFKFAIRTTPWGSIQPFEGFPEPTEEALKSELLAGEPEIIGTSEFPQVKKKA
;
B,D
#
loop_
_chem_comp.id
_chem_comp.type
_chem_comp.name
_chem_comp.formula
FAD non-polymer 'FLAVIN-ADENINE DINUCLEOTIDE' 'C27 H33 N9 O15 P2'
SF4 non-polymer 'IRON/SULFUR CLUSTER' 'Fe4 S4'
SO3 non-polymer 'SULFITE ION' 'O3 S -2'
#
# COMPACT_ATOMS: atom_id res chain seq x y z
N VAL A 2 8.83 -6.16 4.47
CA VAL A 2 9.50 -6.01 5.80
C VAL A 2 10.28 -7.27 6.10
N TYR A 3 11.50 -7.10 6.61
CA TYR A 3 12.34 -8.24 6.93
C TYR A 3 12.85 -8.16 8.37
N TYR A 4 12.64 -9.25 9.12
CA TYR A 4 13.09 -9.35 10.50
C TYR A 4 13.95 -10.58 10.65
N PRO A 5 15.28 -10.46 10.45
CA PRO A 5 16.17 -11.61 10.58
C PRO A 5 16.16 -12.20 11.98
N LYS A 6 16.19 -13.52 12.04
CA LYS A 6 16.21 -14.28 13.28
C LYS A 6 17.49 -13.99 14.06
N LYS A 7 18.60 -13.91 13.34
CA LYS A 7 19.90 -13.62 13.96
C LYS A 7 20.79 -12.87 12.99
N TYR A 8 21.88 -12.31 13.50
CA TYR A 8 22.83 -11.56 12.67
C TYR A 8 23.80 -12.47 11.94
N GLU A 9 24.28 -11.99 10.80
CA GLU A 9 25.23 -12.70 9.96
C GLU A 9 26.00 -11.54 9.34
N LEU A 10 26.94 -10.98 10.10
CA LEU A 10 27.70 -9.82 9.65
C LEU A 10 29.16 -10.09 9.32
N TYR A 11 29.65 -9.43 8.28
CA TYR A 11 31.05 -9.57 7.87
C TYR A 11 31.59 -8.24 7.39
N LYS A 12 32.83 -7.94 7.74
CA LYS A 12 33.46 -6.72 7.26
C LYS A 12 34.19 -7.13 5.98
N ALA A 13 34.23 -6.22 5.01
CA ALA A 13 34.85 -6.49 3.73
C ALA A 13 36.24 -7.16 3.82
N ASP A 14 37.11 -6.59 4.65
CA ASP A 14 38.46 -7.12 4.79
C ASP A 14 38.55 -8.52 5.40
N GLU A 15 37.46 -9.02 5.98
CA GLU A 15 37.46 -10.34 6.57
C GLU A 15 36.90 -11.36 5.58
N VAL A 16 36.41 -10.87 4.45
CA VAL A 16 35.82 -11.75 3.44
C VAL A 16 36.81 -12.23 2.39
N PRO A 17 36.96 -13.56 2.25
CA PRO A 17 37.88 -14.12 1.25
C PRO A 17 37.36 -13.86 -0.15
N THR A 18 38.29 -13.63 -1.07
CA THR A 18 37.95 -13.38 -2.46
C THR A 18 38.22 -14.63 -3.27
N GLU A 19 37.32 -14.95 -4.19
CA GLU A 19 37.54 -16.09 -5.07
C GLU A 19 37.55 -15.54 -6.48
N VAL A 20 38.65 -15.78 -7.19
CA VAL A 20 38.79 -15.30 -8.55
C VAL A 20 38.44 -16.41 -9.52
N VAL A 21 37.56 -16.09 -10.46
CA VAL A 21 37.15 -17.06 -11.47
C VAL A 21 37.44 -16.50 -12.85
N GLU A 22 38.33 -17.18 -13.57
CA GLU A 22 38.69 -16.77 -14.91
C GLU A 22 37.93 -17.63 -15.91
N THR A 23 37.32 -16.97 -16.89
CA THR A 23 36.53 -17.65 -17.91
C THR A 23 36.59 -16.82 -19.18
N ASP A 24 36.00 -17.33 -20.25
CA ASP A 24 35.97 -16.60 -21.53
C ASP A 24 34.60 -15.95 -21.69
N ILE A 25 33.57 -16.75 -21.49
CA ILE A 25 32.21 -16.24 -21.58
C ILE A 25 31.52 -16.38 -20.24
N LEU A 26 31.04 -15.24 -19.73
CA LEU A 26 30.34 -15.22 -18.46
C LEU A 26 28.88 -14.84 -18.70
N ILE A 27 27.98 -15.71 -18.26
CA ILE A 27 26.56 -15.49 -18.40
C ILE A 27 26.00 -15.16 -17.03
N ILE A 28 25.42 -13.97 -16.89
CA ILE A 28 24.85 -13.56 -15.62
C ILE A 28 23.33 -13.77 -15.63
N GLY A 29 22.89 -14.78 -14.86
CA GLY A 29 21.48 -15.09 -14.77
C GLY A 29 21.17 -16.42 -15.43
N GLY A 30 20.77 -17.40 -14.62
CA GLY A 30 20.46 -18.73 -15.15
C GLY A 30 18.99 -19.00 -15.40
N GLY A 31 18.29 -18.02 -15.96
CA GLY A 31 16.87 -18.19 -16.25
C GLY A 31 16.71 -18.78 -17.65
N PHE A 32 15.64 -18.42 -18.35
CA PHE A 32 15.44 -18.95 -19.69
C PHE A 32 16.41 -18.46 -20.77
N SER A 33 16.68 -17.16 -20.80
CA SER A 33 17.63 -16.63 -21.78
C SER A 33 19.03 -17.09 -21.43
N GLY A 34 19.34 -17.07 -20.13
CA GLY A 34 20.65 -17.50 -19.67
C GLY A 34 20.95 -18.94 -20.03
N CYS A 35 20.01 -19.84 -19.74
CA CYS A 35 20.19 -21.26 -20.05
C CYS A 35 20.30 -21.44 -21.56
N GLY A 36 19.62 -20.57 -22.31
CA GLY A 36 19.70 -20.64 -23.76
C GLY A 36 21.12 -20.31 -24.18
N ALA A 37 21.70 -19.31 -23.52
CA ALA A 37 23.06 -18.89 -23.82
C ALA A 37 24.07 -19.97 -23.44
N ALA A 38 23.90 -20.59 -22.26
CA ALA A 38 24.82 -21.63 -21.80
C ALA A 38 24.80 -22.83 -22.74
N TYR A 39 23.61 -23.23 -23.16
CA TYR A 39 23.44 -24.36 -24.06
C TYR A 39 24.17 -24.13 -25.38
N GLU A 40 23.81 -23.06 -26.08
CA GLU A 40 24.42 -22.75 -27.37
C GLU A 40 25.92 -22.48 -27.28
N ALA A 41 26.32 -21.73 -26.26
CA ALA A 41 27.73 -21.39 -26.08
C ALA A 41 28.61 -22.64 -25.94
N ALA A 42 28.11 -23.62 -25.20
CA ALA A 42 28.85 -24.86 -24.99
C ALA A 42 29.14 -25.54 -26.33
N TYR A 43 28.23 -25.39 -27.29
CA TYR A 43 28.38 -25.99 -28.60
C TYR A 43 29.54 -25.39 -29.40
N TRP A 44 29.52 -24.07 -29.59
CA TRP A 44 30.57 -23.40 -30.35
C TRP A 44 31.89 -23.18 -29.61
N ALA A 45 31.85 -23.16 -28.28
CA ALA A 45 33.05 -22.94 -27.48
C ALA A 45 34.19 -23.90 -27.77
N LYS A 46 33.84 -25.14 -28.13
CA LYS A 46 34.81 -26.18 -28.44
C LYS A 46 35.81 -25.76 -29.52
N LEU A 47 35.38 -24.88 -30.42
CA LEU A 47 36.22 -24.39 -31.50
C LEU A 47 37.50 -23.73 -31.00
N GLY A 48 37.42 -23.14 -29.81
CA GLY A 48 38.60 -22.49 -29.25
C GLY A 48 38.90 -22.98 -27.85
N GLY A 49 38.26 -24.07 -27.44
CA GLY A 49 38.48 -24.61 -26.11
C GLY A 49 38.12 -23.58 -25.07
N LEU A 50 37.14 -22.73 -25.37
CA LEU A 50 36.70 -21.68 -24.47
C LEU A 50 35.95 -22.19 -23.26
N LYS A 51 36.10 -21.48 -22.16
CA LYS A 51 35.42 -21.82 -20.92
C LYS A 51 34.16 -20.97 -20.80
N VAL A 52 33.03 -21.62 -20.55
CA VAL A 52 31.75 -20.92 -20.40
C VAL A 52 31.30 -21.04 -18.96
N THR A 53 30.95 -19.92 -18.35
CA THR A 53 30.53 -19.92 -16.97
C THR A 53 29.14 -19.30 -16.81
N LEU A 54 28.34 -19.91 -15.96
CA LEU A 54 27.00 -19.45 -15.69
C LEU A 54 26.87 -19.15 -14.21
N VAL A 55 26.51 -17.91 -13.89
CA VAL A 55 26.34 -17.51 -12.50
C VAL A 55 24.87 -17.17 -12.25
N GLU A 56 24.32 -17.74 -11.18
CA GLU A 56 22.93 -17.55 -10.82
C GLU A 56 22.82 -17.23 -9.33
N LYS A 57 21.96 -16.28 -8.95
CA LYS A 57 21.81 -15.91 -7.55
C LYS A 57 21.05 -16.95 -6.73
N ALA A 58 20.21 -17.74 -7.40
CA ALA A 58 19.45 -18.78 -6.71
C ALA A 58 19.87 -20.13 -7.31
N ALA A 59 18.91 -21.03 -7.53
CA ALA A 59 19.20 -22.34 -8.12
C ALA A 59 18.54 -22.44 -9.49
N VAL A 60 19.35 -22.73 -10.51
CA VAL A 60 18.87 -22.82 -11.89
C VAL A 60 17.66 -23.73 -12.10
N GLU A 61 17.57 -24.82 -11.35
CA GLU A 61 16.46 -25.75 -11.50
C GLU A 61 15.07 -25.10 -11.49
N ARG A 62 14.90 -24.02 -10.72
CA ARG A 62 13.61 -23.34 -10.64
C ARG A 62 13.71 -21.82 -10.65
N SER A 63 14.89 -21.29 -10.94
CA SER A 63 15.08 -19.83 -10.92
C SER A 63 14.37 -19.04 -12.03
N GLY A 64 13.99 -17.81 -11.69
CA GLY A 64 13.34 -16.95 -12.67
C GLY A 64 11.83 -17.01 -12.80
N ALA A 65 11.36 -16.39 -13.87
CA ALA A 65 9.93 -16.30 -14.17
C ALA A 65 9.21 -17.62 -14.39
N VAL A 66 9.96 -18.67 -14.75
CA VAL A 66 9.34 -19.96 -15.01
C VAL A 66 9.36 -20.92 -13.82
N ALA A 67 9.69 -20.40 -12.65
CA ALA A 67 9.76 -21.21 -11.44
C ALA A 67 8.57 -22.13 -11.22
N GLN A 68 7.35 -21.65 -11.53
CA GLN A 68 6.16 -22.46 -11.34
C GLN A 68 5.85 -23.26 -12.61
N GLY A 69 6.52 -22.87 -13.70
CA GLY A 69 6.28 -23.50 -14.97
C GLY A 69 5.42 -22.55 -15.77
N LEU A 70 4.99 -22.96 -16.95
CA LEU A 70 4.14 -22.12 -17.80
C LEU A 70 3.10 -23.02 -18.43
N SER A 71 1.98 -22.44 -18.81
CA SER A 71 0.90 -23.22 -19.41
C SER A 71 0.93 -23.22 -20.93
N ALA A 72 1.78 -22.38 -21.50
CA ALA A 72 1.91 -22.29 -22.95
C ALA A 72 3.27 -21.74 -23.35
N ILE A 73 3.56 -21.87 -24.64
CA ILE A 73 4.78 -21.33 -25.23
C ILE A 73 4.19 -20.23 -26.09
N ASN A 74 4.38 -18.98 -25.66
CA ASN A 74 3.80 -17.85 -26.39
C ASN A 74 4.34 -17.54 -27.77
N THR A 75 5.49 -18.10 -28.12
CA THR A 75 6.04 -17.83 -29.45
C THR A 75 6.45 -19.08 -30.22
N TYR A 76 5.64 -19.44 -31.22
CA TYR A 76 5.90 -20.57 -32.09
C TYR A 76 5.23 -20.27 -33.42
N ILE A 77 6.05 -19.89 -34.39
CA ILE A 77 5.59 -19.53 -35.73
C ILE A 77 4.91 -20.68 -36.47
N ASP A 78 5.59 -21.82 -36.51
CA ASP A 78 5.12 -23.03 -37.21
C ASP A 78 5.19 -22.79 -38.71
N LEU A 79 6.36 -23.03 -39.28
CA LEU A 79 6.59 -22.84 -40.70
C LEU A 79 6.34 -24.08 -41.54
N THR A 80 5.96 -25.18 -40.89
CA THR A 80 5.71 -26.41 -41.63
C THR A 80 4.31 -26.99 -41.44
N GLY A 81 3.73 -26.76 -40.27
CA GLY A 81 2.41 -27.29 -40.00
C GLY A 81 2.35 -28.32 -38.89
N ARG A 82 3.23 -28.19 -37.89
CA ARG A 82 3.23 -29.11 -36.75
C ARG A 82 2.09 -28.77 -35.78
N SER A 83 1.57 -27.55 -35.87
CA SER A 83 0.49 -27.12 -35.00
C SER A 83 -0.79 -26.94 -35.80
N GLU A 84 -1.87 -26.60 -35.10
CA GLU A 84 -3.16 -26.40 -35.74
C GLU A 84 -3.17 -25.20 -36.68
N ARG A 85 -2.15 -24.34 -36.58
CA ARG A 85 -2.09 -23.18 -37.45
C ARG A 85 -0.68 -22.76 -37.87
N GLN A 86 -0.51 -22.62 -39.18
CA GLN A 86 0.76 -22.21 -39.77
C GLN A 86 0.80 -20.71 -39.95
N ASN A 87 1.99 -20.13 -39.81
CA ASN A 87 2.16 -18.68 -39.98
C ASN A 87 3.40 -18.39 -40.80
N THR A 88 3.55 -17.13 -41.18
CA THR A 88 4.72 -16.70 -41.94
C THR A 88 5.51 -15.76 -41.03
N LEU A 89 6.78 -15.57 -41.34
CA LEU A 89 7.61 -14.68 -40.54
C LEU A 89 7.22 -13.23 -40.76
N GLU A 90 6.80 -12.90 -41.98
CA GLU A 90 6.39 -11.54 -42.30
C GLU A 90 5.20 -11.13 -41.43
N ASP A 91 4.23 -12.03 -41.28
CA ASP A 91 3.06 -11.73 -40.47
C ASP A 91 3.43 -11.58 -39.00
N TYR A 92 4.46 -12.29 -38.57
CA TYR A 92 4.88 -12.19 -37.19
C TYR A 92 5.50 -10.82 -36.94
N VAL A 93 6.44 -10.43 -37.80
CA VAL A 93 7.10 -9.14 -37.67
C VAL A 93 6.05 -8.02 -37.65
N ARG A 94 5.11 -8.09 -38.59
CA ARG A 94 4.04 -7.11 -38.68
C ARG A 94 3.28 -7.05 -37.35
N TYR A 95 2.91 -8.22 -36.85
CA TYR A 95 2.19 -8.35 -35.59
C TYR A 95 2.89 -7.65 -34.43
N VAL A 96 4.18 -7.93 -34.27
CA VAL A 96 4.96 -7.35 -33.19
C VAL A 96 5.10 -5.83 -33.31
N THR A 97 5.41 -5.34 -34.50
CA THR A 97 5.57 -3.91 -34.70
C THR A 97 4.27 -3.17 -34.43
N LEU A 98 3.15 -3.74 -34.87
CA LEU A 98 1.86 -3.12 -34.66
C LEU A 98 1.50 -3.14 -33.17
N ASP A 99 1.86 -4.23 -32.50
CA ASP A 99 1.58 -4.34 -31.07
C ASP A 99 2.35 -3.27 -30.32
N MET A 100 3.52 -2.91 -30.84
CA MET A 100 4.36 -1.90 -30.23
C MET A 100 3.96 -0.51 -30.68
N MET A 101 2.80 -0.43 -31.36
CA MET A 101 2.31 0.84 -31.86
C MET A 101 3.31 1.46 -32.84
N GLY A 102 3.91 0.61 -33.67
CA GLY A 102 4.85 1.08 -34.67
C GLY A 102 6.34 1.07 -34.36
N LEU A 103 6.73 0.82 -33.11
CA LEU A 103 8.15 0.85 -32.77
C LEU A 103 8.74 -0.47 -32.29
N ALA A 104 9.48 -1.12 -33.18
CA ALA A 104 10.13 -2.38 -32.87
C ALA A 104 11.31 -2.55 -33.83
N ARG A 105 12.41 -3.10 -33.32
CA ARG A 105 13.59 -3.35 -34.13
C ARG A 105 13.31 -4.63 -34.92
N GLU A 106 12.72 -4.47 -36.11
CA GLU A 106 12.35 -5.61 -36.94
C GLU A 106 13.51 -6.54 -37.34
N ASP A 107 14.73 -6.01 -37.34
CA ASP A 107 15.88 -6.83 -37.68
C ASP A 107 16.06 -7.85 -36.54
N LEU A 108 15.86 -7.37 -35.32
CA LEU A 108 15.98 -8.19 -34.12
C LEU A 108 14.83 -9.19 -33.97
N VAL A 109 13.61 -8.72 -34.23
CA VAL A 109 12.43 -9.57 -34.11
C VAL A 109 12.42 -10.68 -35.13
N ALA A 110 12.69 -10.32 -36.39
CA ALA A 110 12.70 -11.29 -37.47
C ALA A 110 13.80 -12.31 -37.25
N ASP A 111 14.88 -11.87 -36.60
CA ASP A 111 16.02 -12.74 -36.35
C ASP A 111 15.69 -13.84 -35.33
N TYR A 112 15.08 -13.50 -34.21
CA TYR A 112 14.75 -14.53 -33.23
C TYR A 112 13.58 -15.37 -33.73
N ALA A 113 12.72 -14.76 -34.54
CA ALA A 113 11.56 -15.45 -35.08
C ALA A 113 11.91 -16.58 -36.06
N ARG A 114 13.02 -16.44 -36.79
CA ARG A 114 13.40 -17.49 -37.74
C ARG A 114 14.19 -18.61 -37.03
N HIS A 115 14.48 -18.40 -35.75
CA HIS A 115 15.22 -19.37 -34.95
C HIS A 115 14.37 -20.03 -33.86
N VAL A 116 13.34 -19.32 -33.42
CA VAL A 116 12.49 -19.81 -32.32
C VAL A 116 11.88 -21.22 -32.45
N ASP A 117 11.32 -21.54 -33.60
CA ASP A 117 10.70 -22.86 -33.78
C ASP A 117 11.66 -24.03 -33.48
N GLY A 118 12.90 -23.89 -33.90
CA GLY A 118 13.88 -24.92 -33.65
C GLY A 118 14.03 -25.16 -32.16
N THR A 119 14.08 -24.07 -31.40
CA THR A 119 14.21 -24.15 -29.96
C THR A 119 13.02 -24.91 -29.36
N VAL A 120 11.82 -24.62 -29.85
CA VAL A 120 10.61 -25.29 -29.38
C VAL A 120 10.68 -26.79 -29.66
N HIS A 121 11.14 -27.15 -30.86
CA HIS A 121 11.25 -28.54 -31.24
C HIS A 121 12.22 -29.27 -30.30
N LEU A 122 13.30 -28.59 -29.90
CA LEU A 122 14.26 -29.19 -28.99
C LEU A 122 13.62 -29.38 -27.62
N PHE A 123 12.84 -28.39 -27.18
CA PHE A 123 12.18 -28.49 -25.89
C PHE A 123 11.36 -29.77 -25.83
N GLU A 124 10.65 -30.08 -26.91
CA GLU A 124 9.84 -31.30 -26.97
C GLU A 124 10.72 -32.56 -26.99
N LYS A 125 11.90 -32.45 -27.60
CA LYS A 125 12.83 -33.56 -27.71
C LYS A 125 13.36 -33.90 -26.31
N TRP A 126 13.53 -32.86 -25.51
CA TRP A 126 14.03 -32.98 -24.15
C TRP A 126 13.00 -33.46 -23.11
N GLY A 127 11.74 -33.59 -23.52
CA GLY A 127 10.73 -34.06 -22.58
C GLY A 127 9.55 -33.16 -22.30
N LEU A 128 9.55 -31.95 -22.85
CA LEU A 128 8.44 -31.03 -22.62
C LEU A 128 7.18 -31.60 -23.28
N PRO A 129 6.14 -31.86 -22.48
CA PRO A 129 4.88 -32.39 -23.03
C PRO A 129 4.05 -31.28 -23.66
N ILE A 130 3.86 -31.35 -24.97
CA ILE A 130 3.07 -30.35 -25.68
C ILE A 130 1.67 -30.89 -25.95
N TRP A 131 0.65 -30.10 -25.60
CA TRP A 131 -0.72 -30.51 -25.84
C TRP A 131 -0.83 -30.88 -27.30
N LYS A 132 -1.36 -32.06 -27.57
CA LYS A 132 -1.56 -32.47 -28.96
C LYS A 132 -2.99 -32.89 -29.24
N THR A 133 -3.40 -32.69 -30.49
CA THR A 133 -4.75 -33.05 -30.93
C THR A 133 -4.74 -34.53 -31.27
N PRO A 134 -5.91 -35.14 -31.42
CA PRO A 134 -5.95 -36.57 -31.76
C PRO A 134 -5.14 -36.85 -33.02
N ASP A 135 -4.99 -35.82 -33.86
CA ASP A 135 -4.23 -35.94 -35.10
C ASP A 135 -2.72 -35.77 -34.89
N GLY A 136 -2.32 -35.44 -33.66
CA GLY A 136 -0.90 -35.29 -33.36
C GLY A 136 -0.31 -33.90 -33.56
N LYS A 137 -1.18 -32.91 -33.70
CA LYS A 137 -0.77 -31.52 -33.91
C LYS A 137 -0.64 -30.77 -32.60
N TYR A 138 0.25 -29.79 -32.58
CA TYR A 138 0.43 -28.93 -31.41
C TYR A 138 -0.86 -28.15 -31.28
N VAL A 139 -1.48 -28.18 -30.09
CA VAL A 139 -2.71 -27.45 -29.88
C VAL A 139 -2.42 -25.96 -29.78
N ARG A 140 -3.11 -25.17 -30.58
CA ARG A 140 -2.92 -23.73 -30.56
C ARG A 140 -3.71 -23.06 -29.45
N GLU A 141 -3.16 -22.01 -28.87
CA GLU A 141 -3.89 -21.25 -27.85
C GLU A 141 -4.51 -20.14 -28.67
N GLY A 142 -3.65 -19.26 -29.17
CA GLY A 142 -4.08 -18.16 -30.01
C GLY A 142 -3.46 -18.43 -31.37
N GLN A 143 -3.01 -17.39 -32.06
CA GLN A 143 -2.41 -17.58 -33.36
C GLN A 143 -0.93 -17.92 -33.23
N TRP A 144 -0.28 -17.32 -32.23
CA TRP A 144 1.15 -17.52 -32.04
C TRP A 144 1.59 -18.41 -30.89
N GLN A 145 0.65 -18.91 -30.11
CA GLN A 145 1.00 -19.75 -28.96
C GLN A 145 0.48 -21.18 -29.03
N ILE A 146 1.13 -22.06 -28.26
CA ILE A 146 0.71 -23.44 -28.18
C ILE A 146 0.67 -23.87 -26.71
N MET A 147 -0.36 -24.63 -26.36
CA MET A 147 -0.53 -25.09 -24.98
C MET A 147 0.51 -26.16 -24.63
N ILE A 148 0.91 -26.19 -23.36
CA ILE A 148 1.87 -27.18 -22.90
C ILE A 148 1.58 -27.60 -21.47
N HIS A 149 2.08 -28.78 -21.11
CA HIS A 149 1.95 -29.27 -19.74
C HIS A 149 3.33 -28.86 -19.20
N GLY A 150 3.46 -27.58 -18.90
CA GLY A 150 4.74 -27.05 -18.46
C GLY A 150 5.15 -26.91 -17.01
N GLU A 151 4.61 -27.73 -16.12
CA GLU A 151 4.98 -27.62 -14.71
C GLU A 151 6.50 -27.70 -14.54
N SER A 152 7.15 -28.60 -15.27
CA SER A 152 8.61 -28.78 -15.18
C SER A 152 9.39 -28.12 -16.30
N TYR A 153 8.83 -27.06 -16.86
CA TYR A 153 9.44 -26.33 -17.96
C TYR A 153 10.87 -25.85 -17.61
N LYS A 154 11.07 -25.31 -16.40
CA LYS A 154 12.40 -24.83 -16.01
C LYS A 154 13.37 -25.96 -15.70
N PRO A 155 12.94 -26.93 -14.87
CA PRO A 155 13.84 -28.04 -14.54
C PRO A 155 14.36 -28.69 -15.83
N ILE A 156 13.48 -28.86 -16.81
CA ILE A 156 13.87 -29.47 -18.08
C ILE A 156 14.88 -28.61 -18.85
N ILE A 157 14.61 -27.32 -18.98
CA ILE A 157 15.53 -26.42 -19.67
C ILE A 157 16.82 -26.30 -18.87
N ALA A 158 16.70 -26.37 -17.55
CA ALA A 158 17.85 -26.27 -16.65
C ALA A 158 18.78 -27.46 -16.89
N GLU A 159 18.18 -28.64 -17.07
CA GLU A 159 18.94 -29.85 -17.30
C GLU A 159 19.72 -29.74 -18.61
N ALA A 160 19.08 -29.21 -19.64
CA ALA A 160 19.74 -29.04 -20.94
C ALA A 160 21.01 -28.22 -20.76
N ALA A 161 20.89 -27.13 -20.01
CA ALA A 161 22.02 -26.24 -19.75
C ALA A 161 23.12 -26.88 -18.90
N LYS A 162 22.73 -27.66 -17.90
CA LYS A 162 23.71 -28.32 -17.04
C LYS A 162 24.46 -29.38 -17.83
N MET A 163 23.73 -30.11 -18.66
CA MET A 163 24.30 -31.16 -19.49
C MET A 163 25.25 -30.58 -20.52
N ALA A 164 24.89 -29.39 -21.03
CA ALA A 164 25.68 -28.71 -22.04
C ALA A 164 26.97 -28.06 -21.55
N VAL A 165 26.88 -27.26 -20.48
CA VAL A 165 28.06 -26.57 -19.96
C VAL A 165 28.78 -27.28 -18.82
N GLY A 166 28.11 -28.22 -18.18
CA GLY A 166 28.72 -28.94 -17.07
C GLY A 166 28.44 -28.23 -15.76
N GLU A 167 28.06 -29.00 -14.74
CA GLU A 167 27.76 -28.43 -13.44
C GLU A 167 28.94 -27.71 -12.79
N GLU A 168 30.16 -28.04 -13.18
CA GLU A 168 31.32 -27.40 -12.59
C GLU A 168 31.45 -25.96 -13.07
N ASN A 169 30.71 -25.62 -14.13
CA ASN A 169 30.75 -24.28 -14.69
C ASN A 169 29.51 -23.46 -14.36
N ILE A 170 28.76 -23.92 -13.36
CA ILE A 170 27.56 -23.23 -12.94
C ILE A 170 27.75 -22.81 -11.47
N TYR A 171 27.67 -21.51 -11.22
CA TYR A 171 27.82 -21.00 -9.86
C TYR A 171 26.45 -20.54 -9.37
N GLU A 172 25.90 -21.22 -8.38
CA GLU A 172 24.61 -20.85 -7.84
C GLU A 172 24.72 -20.13 -6.50
N ARG A 173 23.66 -19.42 -6.14
CA ARG A 173 23.62 -18.66 -4.91
C ARG A 173 24.72 -17.61 -4.85
N VAL A 174 25.04 -17.04 -6.01
CA VAL A 174 26.03 -15.98 -6.11
C VAL A 174 25.33 -14.80 -6.77
N PHE A 175 25.22 -13.70 -6.03
CA PHE A 175 24.58 -12.50 -6.56
C PHE A 175 25.60 -11.54 -7.19
N ILE A 176 25.38 -11.22 -8.45
CA ILE A 176 26.26 -10.31 -9.19
C ILE A 176 25.67 -8.90 -9.03
N PHE A 177 26.48 -7.96 -8.54
CA PHE A 177 25.99 -6.60 -8.32
C PHE A 177 26.62 -5.51 -9.17
N GLU A 178 27.75 -5.81 -9.81
CA GLU A 178 28.41 -4.80 -10.63
C GLU A 178 29.30 -5.44 -11.70
N LEU A 179 29.43 -4.77 -12.84
CA LEU A 179 30.29 -5.26 -13.90
C LEU A 179 31.69 -4.68 -13.70
N LEU A 180 32.67 -5.28 -14.36
CA LEU A 180 34.03 -4.80 -14.29
C LEU A 180 34.39 -4.40 -15.71
N LYS A 181 35.08 -3.27 -15.85
CA LYS A 181 35.45 -2.85 -17.19
C LYS A 181 36.94 -3.02 -17.43
N ASP A 182 37.30 -3.05 -18.70
CA ASP A 182 38.67 -3.22 -19.11
C ASP A 182 39.53 -2.02 -18.70
N ASN A 183 40.56 -2.31 -17.92
CA ASN A 183 41.49 -1.28 -17.46
C ASN A 183 42.12 -0.63 -18.69
N ASN A 184 42.24 -1.42 -19.75
CA ASN A 184 42.84 -0.98 -21.00
C ASN A 184 41.88 -0.26 -21.95
N ASP A 185 40.58 -0.38 -21.71
CA ASP A 185 39.59 0.26 -22.58
C ASP A 185 38.32 0.61 -21.81
N PRO A 186 38.02 1.92 -21.70
CA PRO A 186 36.83 2.41 -20.99
C PRO A 186 35.47 1.96 -21.54
N ASN A 187 35.45 1.43 -22.76
CA ASN A 187 34.18 0.99 -23.32
C ASN A 187 34.19 -0.51 -23.67
N ALA A 188 34.82 -1.30 -22.82
CA ALA A 188 34.90 -2.74 -23.00
C ALA A 188 34.67 -3.39 -21.64
N VAL A 189 34.01 -4.54 -21.63
CA VAL A 189 33.75 -5.25 -20.39
C VAL A 189 34.93 -6.17 -20.10
N ALA A 190 35.13 -6.50 -18.82
CA ALA A 190 36.22 -7.37 -18.44
C ALA A 190 35.76 -8.41 -17.43
N GLY A 191 34.50 -8.35 -17.03
CA GLY A 191 33.98 -9.31 -16.07
C GLY A 191 32.93 -8.74 -15.14
N ALA A 192 32.87 -9.28 -13.93
CA ALA A 192 31.90 -8.82 -12.95
C ALA A 192 32.21 -9.29 -11.53
N VAL A 193 31.64 -8.61 -10.55
CA VAL A 193 31.83 -8.95 -9.16
C VAL A 193 30.51 -9.28 -8.50
N GLY A 194 30.58 -10.09 -7.45
CA GLY A 194 29.39 -10.47 -6.72
C GLY A 194 29.79 -11.09 -5.39
N PHE A 195 28.81 -11.64 -4.69
CA PHE A 195 29.07 -12.28 -3.42
C PHE A 195 28.11 -13.44 -3.25
N SER A 196 28.47 -14.38 -2.38
CA SER A 196 27.63 -15.53 -2.11
C SER A 196 26.57 -15.13 -1.07
N VAL A 197 25.42 -15.77 -1.13
CA VAL A 197 24.36 -15.48 -0.16
C VAL A 197 24.23 -16.66 0.79
N ARG A 198 25.24 -17.54 0.77
CA ARG A 198 25.27 -18.72 1.62
C ARG A 198 26.49 -18.74 2.52
N GLU A 199 27.48 -17.91 2.20
CA GLU A 199 28.71 -17.87 3.00
C GLU A 199 29.48 -16.58 2.73
N PRO A 200 30.42 -16.23 3.62
CA PRO A 200 31.18 -15.01 3.40
C PRO A 200 32.19 -15.25 2.29
N LYS A 201 31.84 -14.88 1.07
CA LYS A 201 32.74 -15.07 -0.06
C LYS A 201 32.47 -14.06 -1.16
N PHE A 202 33.51 -13.30 -1.52
CA PHE A 202 33.44 -12.28 -2.56
C PHE A 202 33.95 -12.86 -3.88
N TYR A 203 33.19 -12.68 -4.95
CA TYR A 203 33.58 -13.22 -6.26
C TYR A 203 34.02 -12.19 -7.28
N VAL A 204 35.09 -12.54 -7.99
CA VAL A 204 35.61 -11.69 -9.06
C VAL A 204 35.67 -12.58 -10.30
N PHE A 205 34.78 -12.33 -11.25
CA PHE A 205 34.76 -13.10 -12.48
C PHE A 205 35.48 -12.35 -13.57
N LYS A 206 36.57 -12.91 -14.05
CA LYS A 206 37.31 -12.27 -15.13
C LYS A 206 36.87 -12.97 -16.41
N ALA A 207 36.42 -12.21 -17.40
CA ALA A 207 35.97 -12.82 -18.65
C ALA A 207 36.19 -11.92 -19.86
N LYS A 208 36.22 -12.55 -21.04
CA LYS A 208 36.44 -11.83 -22.28
C LYS A 208 35.11 -11.35 -22.84
N ALA A 209 34.02 -12.05 -22.50
CA ALA A 209 32.68 -11.70 -22.97
C ALA A 209 31.67 -11.92 -21.86
N VAL A 210 30.77 -10.96 -21.70
CA VAL A 210 29.75 -11.05 -20.66
C VAL A 210 28.36 -10.89 -21.25
N ILE A 211 27.47 -11.79 -20.85
CA ILE A 211 26.10 -11.80 -21.33
C ILE A 211 25.14 -11.54 -20.17
N LEU A 212 24.35 -10.48 -20.30
CA LEU A 212 23.39 -10.11 -19.26
C LEU A 212 22.08 -10.85 -19.50
N ALA A 213 21.69 -11.68 -18.53
CA ALA A 213 20.46 -12.47 -18.62
C ALA A 213 19.80 -12.50 -17.25
N THR A 214 19.70 -11.34 -16.61
CA THR A 214 19.13 -11.22 -15.27
C THR A 214 17.62 -11.06 -15.20
N GLY A 215 16.95 -11.08 -16.35
CA GLY A 215 15.52 -10.90 -16.32
C GLY A 215 15.23 -9.43 -16.19
N GLY A 216 13.95 -9.06 -16.10
CA GLY A 216 13.60 -7.66 -16.00
C GLY A 216 13.64 -7.08 -14.61
N ALA A 217 12.75 -6.13 -14.34
CA ALA A 217 12.69 -5.49 -13.03
C ALA A 217 11.24 -5.41 -12.53
N THR A 218 11.03 -5.86 -11.31
CA THR A 218 9.71 -5.82 -10.70
C THR A 218 9.87 -5.14 -9.34
N LEU A 219 8.75 -4.79 -8.73
CA LEU A 219 8.73 -4.12 -7.43
C LEU A 219 9.30 -2.70 -7.45
N LEU A 220 9.32 -2.08 -8.62
CA LEU A 220 9.79 -0.71 -8.73
C LEU A 220 8.58 0.13 -8.32
N PHE A 221 7.40 -0.35 -8.67
CA PHE A 221 6.14 0.32 -8.36
C PHE A 221 5.36 -0.37 -7.23
N ARG A 222 4.60 0.42 -6.48
CA ARG A 222 3.78 -0.11 -5.41
C ARG A 222 2.69 -1.01 -6.03
N PRO A 223 2.57 -2.26 -5.55
CA PRO A 223 1.57 -3.20 -6.06
C PRO A 223 0.18 -2.84 -5.55
N ARG A 224 -0.84 -3.59 -5.97
CA ARG A 224 -2.20 -3.34 -5.53
C ARG A 224 -2.45 -3.99 -4.17
N SER A 225 -1.49 -4.77 -3.72
CA SER A 225 -1.54 -5.42 -2.42
C SER A 225 -0.22 -5.05 -1.78
N THR A 226 -0.26 -4.47 -0.58
CA THR A 226 0.96 -4.02 0.09
C THR A 226 1.39 -4.78 1.33
N GLY A 227 0.60 -5.77 1.74
CA GLY A 227 0.95 -6.55 2.92
C GLY A 227 1.83 -7.72 2.51
N GLU A 228 1.38 -8.95 2.79
CA GLU A 228 2.16 -10.12 2.40
C GLU A 228 2.13 -10.21 0.87
N ALA A 229 0.95 -9.93 0.31
CA ALA A 229 0.73 -9.99 -1.12
C ALA A 229 1.60 -9.02 -1.91
N ALA A 230 2.50 -8.32 -1.22
CA ALA A 230 3.39 -7.41 -1.92
C ALA A 230 4.28 -8.36 -2.74
N GLY A 231 4.35 -9.61 -2.28
CA GLY A 231 5.16 -10.60 -2.97
C GLY A 231 4.44 -11.20 -4.17
N ARG A 232 3.16 -10.90 -4.32
CA ARG A 232 2.39 -11.42 -5.44
C ARG A 232 2.42 -10.48 -6.63
N THR A 233 3.58 -10.34 -7.25
CA THR A 233 3.71 -9.50 -8.44
C THR A 233 3.42 -10.44 -9.60
N TRP A 234 2.77 -9.93 -10.65
CA TRP A 234 2.49 -10.79 -11.80
C TRP A 234 3.78 -11.34 -12.37
N TYR A 235 4.71 -10.44 -12.69
CA TYR A 235 5.98 -10.87 -13.25
C TYR A 235 6.90 -11.38 -12.14
N ALA A 236 8.02 -12.00 -12.54
CA ALA A 236 8.99 -12.57 -11.61
C ALA A 236 9.51 -11.59 -10.57
N ILE A 237 9.14 -11.83 -9.32
CA ILE A 237 9.56 -11.01 -8.20
C ILE A 237 11.07 -11.19 -8.00
N PHE A 238 11.62 -12.25 -8.60
CA PHE A 238 13.04 -12.55 -8.48
C PHE A 238 13.91 -11.64 -9.34
N ASP A 239 13.33 -11.07 -10.39
CA ASP A 239 14.07 -10.18 -11.28
C ASP A 239 13.94 -8.73 -10.83
N THR A 240 15.06 -8.12 -10.46
CA THR A 240 15.04 -6.73 -9.97
C THR A 240 15.87 -5.73 -10.77
N GLY A 241 15.96 -5.95 -12.08
CA GLY A 241 16.70 -5.04 -12.94
C GLY A 241 18.20 -5.01 -12.74
N SER A 242 18.78 -6.12 -12.30
CA SER A 242 20.23 -6.18 -12.08
C SER A 242 20.99 -5.86 -13.37
N GLY A 243 20.58 -6.50 -14.47
CA GLY A 243 21.24 -6.26 -15.74
C GLY A 243 21.17 -4.80 -16.16
N TYR A 244 20.00 -4.20 -16.01
CA TYR A 244 19.81 -2.81 -16.37
C TYR A 244 20.78 -1.92 -15.60
N TYR A 245 20.89 -2.16 -14.30
CA TYR A 245 21.79 -1.39 -13.45
C TYR A 245 23.26 -1.49 -13.85
N MET A 246 23.82 -2.69 -13.84
CA MET A 246 25.23 -2.85 -14.16
C MET A 246 25.58 -2.51 -15.59
N GLY A 247 24.67 -2.79 -16.52
CA GLY A 247 24.94 -2.47 -17.90
C GLY A 247 24.94 -0.97 -18.09
N LEU A 248 23.93 -0.29 -17.55
CA LEU A 248 23.86 1.16 -17.70
C LEU A 248 25.02 1.81 -16.96
N LYS A 249 25.38 1.26 -15.79
CA LYS A 249 26.50 1.84 -15.07
C LYS A 249 27.79 1.68 -15.88
N ALA A 250 27.84 0.63 -16.71
CA ALA A 250 29.00 0.35 -17.54
C ALA A 250 29.03 1.23 -18.78
N GLY A 251 27.96 2.00 -19.00
CA GLY A 251 27.92 2.88 -20.15
C GLY A 251 27.14 2.34 -21.35
N ALA A 252 26.58 1.14 -21.20
CA ALA A 252 25.81 0.55 -22.30
C ALA A 252 24.50 1.31 -22.46
N MET A 253 24.19 1.69 -23.69
CA MET A 253 22.98 2.45 -23.98
C MET A 253 21.68 1.67 -23.84
N LEU A 254 20.68 2.33 -23.25
CA LEU A 254 19.36 1.74 -23.08
C LEU A 254 18.47 2.20 -24.22
N THR A 255 17.36 1.51 -24.43
CA THR A 255 16.42 1.87 -25.48
C THR A 255 15.00 1.56 -25.05
N GLN A 256 14.07 2.44 -25.42
CA GLN A 256 12.66 2.26 -25.10
C GLN A 256 12.42 1.94 -23.64
N PHE A 257 13.24 2.50 -22.76
CA PHE A 257 13.09 2.22 -21.34
C PHE A 257 11.83 2.82 -20.75
N GLU A 258 11.15 3.65 -21.53
CA GLU A 258 9.90 4.28 -21.10
C GLU A 258 8.77 3.28 -21.38
N HIS A 259 9.06 2.28 -22.19
CA HIS A 259 8.05 1.29 -22.56
C HIS A 259 7.81 0.19 -21.52
N ARG A 260 7.03 0.49 -20.50
CA ARG A 260 6.73 -0.49 -19.48
C ARG A 260 5.58 -1.37 -19.97
N PHE A 261 5.27 -2.41 -19.19
CA PHE A 261 4.17 -3.29 -19.54
C PHE A 261 3.19 -3.36 -18.39
N ILE A 262 1.91 -3.13 -18.67
CA ILE A 262 0.88 -3.24 -17.65
C ILE A 262 0.06 -4.45 -18.04
N PRO A 263 0.10 -5.49 -17.22
CA PRO A 263 -0.66 -6.71 -17.52
C PRO A 263 -2.09 -6.71 -17.01
N PHE A 264 -3.02 -7.10 -17.86
CA PHE A 264 -4.43 -7.21 -17.47
C PHE A 264 -4.57 -8.68 -17.13
N ARG A 265 -4.87 -8.97 -15.87
CA ARG A 265 -4.97 -10.36 -15.44
C ARG A 265 -6.06 -10.54 -14.39
N PHE A 266 -6.26 -11.78 -13.96
CA PHE A 266 -7.25 -12.07 -12.94
C PHE A 266 -6.83 -11.24 -11.74
N LYS A 267 -7.80 -10.62 -11.09
CA LYS A 267 -7.49 -9.74 -9.96
C LYS A 267 -6.83 -10.41 -8.77
N ASP A 268 -5.88 -9.68 -8.17
CA ASP A 268 -5.14 -10.10 -6.98
C ASP A 268 -4.18 -11.26 -7.11
N GLY A 269 -4.63 -12.38 -7.67
CA GLY A 269 -3.75 -13.52 -7.85
C GLY A 269 -2.97 -13.36 -9.13
N TYR A 270 -3.52 -12.57 -10.04
CA TYR A 270 -2.92 -12.29 -11.34
C TYR A 270 -2.73 -13.52 -12.22
N GLY A 271 -3.69 -14.44 -12.16
CA GLY A 271 -3.61 -15.61 -13.00
C GLY A 271 -3.64 -15.19 -14.46
N PRO A 272 -3.15 -16.04 -15.38
CA PRO A 272 -3.12 -15.76 -16.82
C PRO A 272 -4.50 -15.64 -17.47
N VAL A 273 -4.58 -14.79 -18.50
CA VAL A 273 -5.83 -14.58 -19.22
C VAL A 273 -5.70 -15.05 -20.68
N GLY A 274 -4.47 -15.34 -21.10
CA GLY A 274 -4.22 -15.79 -22.46
C GLY A 274 -5.08 -16.95 -22.89
N ALA A 275 -5.00 -18.05 -22.15
CA ALA A 275 -5.78 -19.23 -22.47
C ALA A 275 -7.28 -18.93 -22.40
N TRP A 276 -7.70 -18.23 -21.36
CA TRP A 276 -9.12 -17.90 -21.23
C TRP A 276 -9.67 -17.10 -22.40
N PHE A 277 -8.91 -16.10 -22.86
CA PHE A 277 -9.31 -15.27 -23.97
C PHE A 277 -9.19 -15.98 -25.32
N LEU A 278 -8.01 -16.52 -25.59
CA LEU A 278 -7.74 -17.19 -26.85
C LEU A 278 -8.24 -18.62 -27.02
N PHE A 279 -8.02 -19.45 -26.01
CA PHE A 279 -8.43 -20.85 -26.07
C PHE A 279 -9.88 -21.10 -25.71
N PHE A 280 -10.30 -20.64 -24.54
CA PHE A 280 -11.67 -20.85 -24.08
C PHE A 280 -12.71 -19.85 -24.61
N LYS A 281 -12.24 -18.85 -25.35
CA LYS A 281 -13.10 -17.82 -25.93
C LYS A 281 -13.91 -17.07 -24.88
N CYS A 282 -13.28 -16.81 -23.73
CA CYS A 282 -13.94 -16.11 -22.63
C CYS A 282 -14.13 -14.62 -22.95
N LYS A 283 -15.25 -14.07 -22.52
CA LYS A 283 -15.51 -12.65 -22.73
C LYS A 283 -15.24 -11.90 -21.43
N ALA A 284 -14.81 -10.65 -21.56
CA ALA A 284 -14.54 -9.79 -20.40
C ALA A 284 -15.59 -8.70 -20.47
N LYS A 285 -16.38 -8.55 -19.40
CA LYS A 285 -17.44 -7.56 -19.39
C LYS A 285 -17.35 -6.71 -18.14
N ASN A 286 -17.87 -5.49 -18.19
CA ASN A 286 -17.83 -4.61 -17.03
C ASN A 286 -18.92 -5.01 -16.06
N ALA A 287 -19.07 -4.23 -14.99
CA ALA A 287 -20.07 -4.52 -13.98
C ALA A 287 -21.51 -4.58 -14.49
N TYR A 288 -21.78 -4.01 -15.65
CA TYR A 288 -23.15 -4.01 -16.18
C TYR A 288 -23.38 -5.02 -17.30
N GLY A 289 -22.39 -5.89 -17.53
CA GLY A 289 -22.53 -6.91 -18.55
C GLY A 289 -22.16 -6.49 -19.96
N GLU A 290 -21.50 -5.33 -20.09
CA GLU A 290 -21.09 -4.86 -21.41
C GLU A 290 -19.71 -5.39 -21.78
N GLU A 291 -19.58 -5.90 -23.00
CA GLU A 291 -18.30 -6.40 -23.48
C GLU A 291 -17.59 -5.16 -24.06
N TYR A 292 -16.83 -4.49 -23.20
CA TYR A 292 -16.13 -3.25 -23.57
C TYR A 292 -15.22 -3.25 -24.79
N ILE A 293 -14.79 -4.40 -25.29
CA ILE A 293 -13.95 -4.37 -26.50
C ILE A 293 -14.87 -3.98 -27.65
N LYS A 294 -16.17 -4.14 -27.43
CA LYS A 294 -17.19 -3.78 -28.41
C LYS A 294 -17.56 -2.31 -28.24
N THR A 295 -18.03 -1.96 -27.05
CA THR A 295 -18.45 -0.58 -26.76
C THR A 295 -17.35 0.46 -26.83
N ARG A 296 -16.09 0.04 -26.76
CA ARG A 296 -14.97 0.97 -26.81
C ARG A 296 -14.17 0.84 -28.10
N ALA A 297 -14.72 0.14 -29.08
CA ALA A 297 -14.02 -0.05 -30.35
C ALA A 297 -13.80 1.29 -31.05
N ALA A 298 -14.86 2.09 -31.10
CA ALA A 298 -14.81 3.40 -31.76
C ALA A 298 -13.69 4.30 -31.25
N GLU A 299 -13.42 4.24 -29.95
CA GLU A 299 -12.37 5.08 -29.37
C GLU A 299 -10.98 4.74 -29.88
N LEU A 300 -10.84 3.58 -30.52
CA LEU A 300 -9.56 3.16 -31.07
C LEU A 300 -9.40 3.73 -32.49
N GLU A 301 -10.48 4.29 -33.02
CA GLU A 301 -10.48 4.84 -34.37
C GLU A 301 -9.42 5.94 -34.55
N LYS A 302 -9.10 6.64 -33.47
CA LYS A 302 -8.09 7.69 -33.54
C LYS A 302 -6.67 7.14 -33.67
N TYR A 303 -6.48 5.85 -33.41
CA TYR A 303 -5.14 5.29 -33.51
C TYR A 303 -4.87 4.54 -34.80
N LYS A 304 -5.42 5.04 -35.91
CA LYS A 304 -5.22 4.45 -37.22
C LYS A 304 -3.72 4.50 -37.51
N PRO A 305 -3.16 3.44 -38.10
CA PRO A 305 -3.87 2.22 -38.50
C PRO A 305 -3.79 1.23 -37.35
N TYR A 306 -2.99 1.57 -36.35
CA TYR A 306 -2.79 0.71 -35.18
C TYR A 306 -4.11 0.24 -34.60
N GLY A 307 -5.02 1.17 -34.37
CA GLY A 307 -6.32 0.83 -33.81
C GLY A 307 -7.17 -0.05 -34.71
N ALA A 308 -6.78 -0.16 -35.97
CA ALA A 308 -7.53 -0.97 -36.93
C ALA A 308 -6.76 -2.25 -37.25
N ALA A 309 -5.78 -2.59 -36.42
CA ALA A 309 -4.97 -3.78 -36.63
C ALA A 309 -5.55 -5.00 -35.94
N GLN A 310 -5.22 -6.17 -36.47
CA GLN A 310 -5.69 -7.43 -35.92
C GLN A 310 -4.50 -8.37 -35.72
N PRO A 311 -4.26 -8.78 -34.47
CA PRO A 311 -5.03 -8.43 -33.28
C PRO A 311 -4.81 -6.96 -32.91
N ILE A 312 -5.73 -6.42 -32.12
CA ILE A 312 -5.63 -5.04 -31.66
C ILE A 312 -4.43 -4.92 -30.72
N PRO A 313 -3.60 -3.87 -30.89
CA PRO A 313 -2.43 -3.70 -30.02
C PRO A 313 -2.81 -3.83 -28.54
N THR A 314 -2.03 -4.63 -27.81
CA THR A 314 -2.27 -4.87 -26.39
C THR A 314 -2.46 -3.58 -25.58
N PRO A 315 -1.63 -2.56 -25.84
CA PRO A 315 -1.81 -1.32 -25.07
C PRO A 315 -3.18 -0.70 -25.31
N LEU A 316 -3.69 -0.82 -26.53
CA LEU A 316 -4.99 -0.29 -26.88
C LEU A 316 -6.11 -1.10 -26.21
N ARG A 317 -5.84 -2.38 -25.97
CA ARG A 317 -6.82 -3.23 -25.28
C ARG A 317 -6.88 -2.73 -23.85
N ASN A 318 -5.70 -2.43 -23.30
CA ASN A 318 -5.59 -1.90 -21.94
C ASN A 318 -6.28 -0.56 -21.85
N HIS A 319 -6.14 0.25 -22.90
CA HIS A 319 -6.74 1.56 -22.91
C HIS A 319 -8.25 1.45 -22.79
N GLN A 320 -8.82 0.44 -23.43
CA GLN A 320 -10.26 0.23 -23.35
C GLN A 320 -10.63 -0.08 -21.90
N VAL A 321 -9.78 -0.86 -21.24
CA VAL A 321 -10.02 -1.20 -19.83
C VAL A 321 -9.97 0.07 -18.97
N MET A 322 -8.94 0.90 -19.20
CA MET A 322 -8.78 2.13 -18.44
C MET A 322 -9.97 3.06 -18.55
N LEU A 323 -10.57 3.14 -19.75
CA LEU A 323 -11.73 3.99 -19.96
C LEU A 323 -12.87 3.51 -19.07
N GLU A 324 -13.03 2.19 -18.97
CA GLU A 324 -14.08 1.61 -18.13
C GLU A 324 -13.82 1.91 -16.67
N ILE A 325 -12.55 1.82 -16.28
CA ILE A 325 -12.17 2.07 -14.90
C ILE A 325 -12.42 3.52 -14.51
N MET A 326 -12.11 4.44 -15.41
CA MET A 326 -12.31 5.86 -15.13
C MET A 326 -13.79 6.24 -15.09
N ASP A 327 -14.61 5.51 -15.84
CA ASP A 327 -16.05 5.78 -15.84
C ASP A 327 -16.68 5.09 -14.64
N GLY A 328 -15.87 4.31 -13.93
CA GLY A 328 -16.36 3.60 -12.76
C GLY A 328 -17.29 2.43 -13.04
N ASN A 329 -16.96 1.64 -14.07
CA ASN A 329 -17.78 0.50 -14.43
C ASN A 329 -17.19 -0.82 -13.93
N GLN A 330 -16.45 -0.75 -12.82
CA GLN A 330 -15.87 -1.95 -12.24
C GLN A 330 -16.93 -2.56 -11.32
N PRO A 331 -16.80 -3.86 -11.00
CA PRO A 331 -15.75 -4.77 -11.43
C PRO A 331 -15.82 -5.21 -12.89
N ILE A 332 -14.68 -5.63 -13.42
CA ILE A 332 -14.59 -6.14 -14.77
C ILE A 332 -14.52 -7.65 -14.54
N TYR A 333 -15.35 -8.40 -15.28
CA TYR A 333 -15.39 -9.84 -15.10
C TYR A 333 -14.96 -10.69 -16.28
N MET A 334 -14.26 -11.77 -15.96
CA MET A 334 -13.85 -12.74 -16.96
C MET A 334 -14.93 -13.80 -16.76
N HIS A 335 -15.88 -13.85 -17.69
CA HIS A 335 -16.98 -14.79 -17.58
C HIS A 335 -16.65 -16.22 -17.96
N THR A 336 -15.86 -16.84 -17.10
CA THR A 336 -15.43 -18.22 -17.28
C THR A 336 -16.61 -19.18 -17.28
N GLU A 337 -17.63 -18.86 -16.49
CA GLU A 337 -18.82 -19.70 -16.38
C GLU A 337 -19.55 -19.82 -17.72
N GLU A 338 -19.65 -18.71 -18.45
CA GLU A 338 -20.32 -18.72 -19.74
C GLU A 338 -19.42 -19.32 -20.82
N ALA A 339 -18.11 -19.22 -20.62
CA ALA A 339 -17.16 -19.77 -21.59
C ALA A 339 -17.23 -21.29 -21.54
N LEU A 340 -17.15 -21.85 -20.34
CA LEU A 340 -17.18 -23.29 -20.15
C LEU A 340 -18.48 -23.94 -20.63
N ALA A 341 -19.62 -23.32 -20.34
CA ALA A 341 -20.90 -23.85 -20.76
C ALA A 341 -20.99 -23.85 -22.29
N GLU A 342 -20.63 -22.71 -22.89
CA GLU A 342 -20.66 -22.57 -24.33
C GLU A 342 -19.80 -23.65 -24.99
N LEU A 343 -18.56 -23.78 -24.50
CA LEU A 343 -17.62 -24.74 -25.05
C LEU A 343 -18.04 -26.20 -24.89
N ALA A 344 -18.58 -26.55 -23.72
CA ALA A 344 -19.01 -27.92 -23.46
C ALA A 344 -20.27 -28.31 -24.22
N GLY A 345 -21.11 -27.32 -24.52
CA GLY A 345 -22.33 -27.59 -25.27
C GLY A 345 -23.23 -28.68 -24.73
N GLY A 346 -23.46 -28.68 -23.41
CA GLY A 346 -24.33 -29.69 -22.83
C GLY A 346 -23.70 -31.04 -22.55
N ASP A 347 -22.54 -31.30 -23.16
CA ASP A 347 -21.84 -32.55 -22.97
C ASP A 347 -21.09 -32.53 -21.63
N LYS A 348 -21.56 -33.32 -20.68
CA LYS A 348 -20.96 -33.37 -19.35
C LYS A 348 -19.51 -33.87 -19.32
N LYS A 349 -19.20 -34.86 -20.15
CA LYS A 349 -17.84 -35.36 -20.19
C LYS A 349 -16.91 -34.33 -20.82
N LYS A 350 -17.43 -33.61 -21.81
CA LYS A 350 -16.65 -32.58 -22.48
C LYS A 350 -16.38 -31.45 -21.48
N LEU A 351 -17.35 -31.18 -20.62
CA LEU A 351 -17.21 -30.14 -19.61
C LEU A 351 -16.10 -30.53 -18.63
N LYS A 352 -16.12 -31.78 -18.19
CA LYS A 352 -15.10 -32.25 -17.25
C LYS A 352 -13.71 -32.06 -17.86
N HIS A 353 -13.57 -32.40 -19.14
CA HIS A 353 -12.29 -32.29 -19.81
C HIS A 353 -11.77 -30.85 -19.88
N ILE A 354 -12.63 -29.91 -20.28
CA ILE A 354 -12.22 -28.52 -20.38
C ILE A 354 -12.06 -27.89 -18.99
N TYR A 355 -12.75 -28.46 -18.01
CA TYR A 355 -12.68 -27.99 -16.63
C TYR A 355 -11.30 -28.30 -16.05
N GLU A 356 -10.75 -29.44 -16.42
CA GLU A 356 -9.43 -29.84 -15.94
C GLU A 356 -8.40 -28.96 -16.63
N GLU A 357 -8.62 -28.73 -17.92
CA GLU A 357 -7.72 -27.90 -18.71
C GLU A 357 -7.71 -26.48 -18.10
N ALA A 358 -8.87 -26.03 -17.65
CA ALA A 358 -9.01 -24.71 -17.04
C ALA A 358 -8.10 -24.59 -15.82
N PHE A 359 -8.20 -25.56 -14.92
CA PHE A 359 -7.38 -25.52 -13.72
C PHE A 359 -5.90 -25.76 -14.00
N GLU A 360 -5.58 -26.54 -15.03
CA GLU A 360 -4.18 -26.77 -15.33
C GLU A 360 -3.55 -25.48 -15.80
N ASP A 361 -4.33 -24.66 -16.48
CA ASP A 361 -3.83 -23.39 -16.97
C ASP A 361 -3.29 -22.56 -15.81
N PHE A 362 -3.87 -22.78 -14.63
CA PHE A 362 -3.44 -22.05 -13.43
C PHE A 362 -2.41 -22.83 -12.62
N LEU A 363 -2.64 -24.13 -12.45
CA LEU A 363 -1.75 -24.97 -11.66
C LEU A 363 -0.38 -25.19 -12.31
N ASP A 364 -0.28 -24.88 -13.61
CA ASP A 364 0.96 -25.03 -14.34
C ASP A 364 1.82 -23.76 -14.37
N MET A 365 1.30 -22.63 -13.87
CA MET A 365 2.10 -21.41 -13.90
C MET A 365 1.83 -20.32 -12.85
N THR A 366 0.63 -20.29 -12.26
CA THR A 366 0.32 -19.30 -11.22
C THR A 366 -0.69 -19.90 -10.26
N VAL A 367 -0.21 -20.77 -9.40
CA VAL A 367 -1.04 -21.47 -8.43
C VAL A 367 -1.86 -20.53 -7.54
N SER A 368 -1.31 -19.36 -7.25
CA SER A 368 -2.00 -18.41 -6.38
C SER A 368 -3.43 -18.15 -6.83
N GLN A 369 -3.66 -18.19 -8.13
CA GLN A 369 -4.99 -17.94 -8.68
C GLN A 369 -5.94 -19.06 -8.34
N ALA A 370 -5.42 -20.29 -8.37
CA ALA A 370 -6.21 -21.47 -8.04
C ALA A 370 -6.49 -21.42 -6.53
N LEU A 371 -5.50 -20.99 -5.78
CA LEU A 371 -5.62 -20.88 -4.34
C LEU A 371 -6.63 -19.78 -3.99
N LEU A 372 -6.58 -18.69 -4.74
CA LEU A 372 -7.49 -17.57 -4.53
C LEU A 372 -8.93 -18.06 -4.71
N TRP A 373 -9.19 -18.80 -5.78
CA TRP A 373 -10.52 -19.33 -6.03
C TRP A 373 -10.95 -20.23 -4.88
N ALA A 374 -10.03 -21.11 -4.46
CA ALA A 374 -10.29 -22.03 -3.37
C ALA A 374 -10.66 -21.27 -2.09
N CYS A 375 -9.87 -20.25 -1.77
CA CYS A 375 -10.11 -19.45 -0.57
C CYS A 375 -11.38 -18.62 -0.65
N GLN A 376 -11.74 -18.20 -1.84
CA GLN A 376 -12.94 -17.37 -2.00
C GLN A 376 -14.14 -18.14 -2.49
N ASN A 377 -14.03 -19.46 -2.53
CA ASN A 377 -15.13 -20.32 -2.97
C ASN A 377 -15.62 -19.97 -4.37
N ILE A 378 -14.69 -19.72 -5.29
CA ILE A 378 -15.05 -19.39 -6.65
C ILE A 378 -14.88 -20.60 -7.56
N ASP A 379 -16.00 -21.07 -8.10
CA ASP A 379 -16.02 -22.20 -9.02
C ASP A 379 -16.20 -21.59 -10.41
N PRO A 380 -15.13 -21.60 -11.22
CA PRO A 380 -15.16 -21.04 -12.58
C PRO A 380 -16.33 -21.46 -13.46
N GLN A 381 -16.98 -22.57 -13.16
CA GLN A 381 -18.12 -23.02 -13.97
C GLN A 381 -19.44 -22.40 -13.50
N GLU A 382 -19.44 -21.84 -12.29
CA GLU A 382 -20.64 -21.25 -11.73
C GLU A 382 -20.60 -19.72 -11.73
N GLN A 383 -19.50 -19.14 -11.28
CA GLN A 383 -19.39 -17.68 -11.23
C GLN A 383 -18.14 -17.15 -11.91
N PRO A 384 -18.20 -15.90 -12.41
CA PRO A 384 -17.09 -15.23 -13.08
C PRO A 384 -16.04 -14.74 -12.08
N SER A 385 -14.89 -14.31 -12.60
CA SER A 385 -13.81 -13.80 -11.75
C SER A 385 -13.47 -12.36 -12.13
N GLU A 386 -13.07 -11.56 -11.15
CA GLU A 386 -12.70 -10.19 -11.41
C GLU A 386 -11.30 -10.12 -12.01
N ALA A 387 -11.13 -9.21 -12.97
CA ALA A 387 -9.85 -9.02 -13.64
C ALA A 387 -9.46 -7.56 -13.45
N ALA A 388 -8.15 -7.29 -13.51
CA ALA A 388 -7.68 -5.91 -13.33
C ALA A 388 -6.24 -5.78 -13.77
N PRO A 389 -5.83 -4.56 -14.14
CA PRO A 389 -4.46 -4.31 -14.59
C PRO A 389 -3.58 -4.14 -13.35
N ALA A 390 -2.40 -4.74 -13.35
CA ALA A 390 -1.47 -4.65 -12.23
C ALA A 390 -0.61 -3.40 -12.35
N GLU A 391 0.34 -3.25 -11.42
CA GLU A 391 1.25 -2.11 -11.44
C GLU A 391 2.24 -2.33 -12.58
N PRO A 392 3.00 -1.29 -12.97
CA PRO A 392 3.98 -1.42 -14.05
C PRO A 392 5.19 -2.30 -13.77
N TYR A 393 5.66 -2.98 -14.81
CA TYR A 393 6.84 -3.83 -14.73
C TYR A 393 7.72 -3.41 -15.91
N ILE A 394 9.04 -3.55 -15.76
CA ILE A 394 9.97 -3.17 -16.81
C ILE A 394 10.74 -4.41 -17.29
N MET A 395 10.57 -4.77 -18.56
CA MET A 395 11.24 -5.93 -19.14
C MET A 395 11.16 -5.87 -20.66
N GLY A 396 11.96 -6.69 -21.34
CA GLY A 396 11.96 -6.68 -22.79
C GLY A 396 11.62 -7.98 -23.51
N SER A 397 11.24 -9.03 -22.78
CA SER A 397 10.92 -10.31 -23.42
C SER A 397 9.43 -10.55 -23.60
N HIS A 398 8.62 -9.88 -22.79
CA HIS A 398 7.17 -10.05 -22.85
C HIS A 398 6.54 -9.01 -23.77
N SER A 399 5.49 -8.35 -23.30
CA SER A 399 4.82 -7.34 -24.11
C SER A 399 5.50 -5.98 -23.97
N GLY A 400 6.50 -5.93 -23.09
CA GLY A 400 7.25 -4.70 -22.91
C GLY A 400 8.54 -4.84 -23.71
N GLU A 401 9.10 -3.74 -24.18
CA GLU A 401 10.35 -3.80 -24.96
C GLU A 401 11.48 -2.96 -24.40
N ALA A 402 11.51 -2.80 -23.07
CA ALA A 402 12.56 -2.00 -22.43
C ALA A 402 13.81 -2.84 -22.18
N GLY A 403 14.97 -2.28 -22.53
CA GLY A 403 16.21 -2.99 -22.32
C GLY A 403 17.34 -2.31 -23.07
N PHE A 404 18.49 -2.95 -23.14
CA PHE A 404 19.62 -2.38 -23.85
C PHE A 404 19.47 -2.36 -25.37
N TRP A 405 20.06 -1.32 -25.96
CA TRP A 405 20.07 -1.14 -27.40
C TRP A 405 21.13 -2.14 -27.90
N VAL A 406 20.70 -3.16 -28.64
CA VAL A 406 21.61 -4.18 -29.12
C VAL A 406 21.70 -4.30 -30.64
N CYS A 407 22.85 -4.78 -31.08
CA CYS A 407 23.15 -4.97 -32.49
C CYS A 407 22.41 -6.21 -33.03
N GLY A 408 21.99 -6.14 -34.29
CA GLY A 408 21.29 -7.26 -34.91
C GLY A 408 22.19 -8.06 -35.83
N PRO A 409 21.62 -9.03 -36.58
CA PRO A 409 22.39 -9.86 -37.51
C PRO A 409 22.85 -9.04 -38.72
N GLU A 410 24.02 -9.36 -39.25
CA GLU A 410 24.57 -8.62 -40.39
C GLU A 410 23.69 -8.70 -41.63
N ASP A 411 22.91 -9.77 -41.74
CA ASP A 411 22.05 -9.95 -42.91
C ASP A 411 20.66 -9.34 -42.78
N LEU A 412 20.39 -8.63 -41.68
CA LEU A 412 19.06 -8.02 -41.51
C LEU A 412 19.11 -6.60 -40.96
N MET A 413 20.08 -6.32 -40.11
CA MET A 413 20.21 -4.99 -39.53
C MET A 413 20.57 -3.92 -40.57
N PRO A 414 19.73 -2.88 -40.70
CA PRO A 414 20.05 -1.83 -41.67
C PRO A 414 21.13 -0.89 -41.15
N GLU A 415 21.71 -0.11 -42.06
CA GLU A 415 22.75 0.84 -41.68
C GLU A 415 22.26 1.80 -40.60
N GLU A 416 20.98 2.17 -40.66
CA GLU A 416 20.39 3.09 -39.70
C GLU A 416 20.50 2.64 -38.25
N TYR A 417 20.58 1.33 -38.03
CA TYR A 417 20.65 0.76 -36.69
C TYR A 417 22.02 0.31 -36.20
N ALA A 418 23.03 0.34 -37.06
CA ALA A 418 24.36 -0.12 -36.68
C ALA A 418 25.30 0.97 -36.18
N LYS A 419 24.90 2.21 -36.37
CA LYS A 419 25.71 3.37 -36.01
C LYS A 419 26.32 3.48 -34.60
N LEU A 420 25.62 3.02 -33.59
CA LEU A 420 26.11 3.15 -32.23
C LEU A 420 26.94 1.98 -31.72
N PHE A 421 27.22 1.01 -32.58
CA PHE A 421 27.99 -0.13 -32.15
C PHE A 421 29.43 -0.15 -32.66
N PRO A 422 30.41 -0.12 -31.74
CA PRO A 422 31.82 -0.14 -32.10
C PRO A 422 32.15 -1.46 -32.79
N LEU A 423 31.49 -2.52 -32.33
CA LEU A 423 31.67 -3.85 -32.90
C LEU A 423 30.29 -4.40 -33.23
N LYS A 424 30.16 -4.97 -34.42
CA LYS A 424 28.89 -5.52 -34.88
C LYS A 424 28.75 -7.01 -34.65
N TYR A 425 28.31 -7.37 -33.45
CA TYR A 425 28.08 -8.77 -33.09
C TYR A 425 26.66 -8.85 -32.57
N ASN A 426 25.91 -9.83 -33.08
CA ASN A 426 24.52 -10.02 -32.72
C ASN A 426 24.26 -10.01 -31.21
N ARG A 427 23.38 -9.10 -30.80
CA ARG A 427 22.98 -8.91 -29.41
C ARG A 427 24.02 -8.26 -28.50
N MET A 428 25.07 -7.69 -29.11
CA MET A 428 26.09 -7.02 -28.32
C MET A 428 25.59 -5.60 -28.06
N THR A 429 25.91 -5.06 -26.88
CA THR A 429 25.50 -3.71 -26.52
C THR A 429 26.48 -2.71 -27.14
N THR A 430 26.36 -1.44 -26.75
CA THR A 430 27.26 -0.41 -27.25
C THR A 430 28.61 -0.58 -26.54
N VAL A 431 28.63 -1.41 -25.51
CA VAL A 431 29.86 -1.69 -24.77
C VAL A 431 30.46 -2.98 -25.35
N LYS A 432 31.72 -2.89 -25.73
CA LYS A 432 32.41 -4.02 -26.33
C LYS A 432 32.55 -5.24 -25.43
N GLY A 433 32.08 -6.38 -25.95
CA GLY A 433 32.15 -7.64 -25.23
C GLY A 433 30.96 -7.89 -24.32
N LEU A 434 30.08 -6.89 -24.20
CA LEU A 434 28.91 -7.01 -23.34
C LEU A 434 27.63 -7.24 -24.14
N PHE A 435 27.00 -8.41 -23.93
CA PHE A 435 25.77 -8.77 -24.62
C PHE A 435 24.56 -8.70 -23.69
N ALA A 436 23.38 -8.52 -24.28
CA ALA A 436 22.14 -8.46 -23.53
C ALA A 436 21.11 -9.38 -24.18
N ILE A 437 20.44 -10.19 -23.36
CA ILE A 437 19.44 -11.13 -23.87
C ILE A 437 18.18 -11.21 -23.01
N GLY A 438 17.13 -11.79 -23.58
CA GLY A 438 15.88 -11.91 -22.87
C GLY A 438 15.28 -10.56 -22.50
N ASP A 439 15.02 -10.38 -21.20
CA ASP A 439 14.46 -9.14 -20.71
C ASP A 439 15.45 -8.00 -20.89
N CYS A 440 16.74 -8.32 -20.82
CA CYS A 440 17.79 -7.31 -20.94
C CYS A 440 17.95 -6.70 -22.32
N ALA A 441 17.52 -7.41 -23.36
CA ALA A 441 17.62 -6.88 -24.72
C ALA A 441 16.32 -6.16 -25.08
N GLY A 442 16.42 -4.87 -25.36
CA GLY A 442 15.23 -4.09 -25.68
C GLY A 442 14.95 -3.97 -27.16
N ALA A 443 13.80 -3.37 -27.48
CA ALA A 443 13.39 -3.14 -28.86
C ALA A 443 12.97 -4.37 -29.67
N ASN A 444 12.90 -5.53 -29.04
CA ASN A 444 12.44 -6.73 -29.73
C ASN A 444 11.76 -7.66 -28.72
N PRO A 445 10.51 -7.34 -28.39
CA PRO A 445 9.63 -8.04 -27.44
C PRO A 445 8.94 -9.26 -28.03
N HIS A 446 8.07 -9.88 -27.24
CA HIS A 446 7.32 -11.06 -27.64
C HIS A 446 8.19 -12.29 -27.85
N LYS A 447 9.28 -12.38 -27.10
CA LYS A 447 10.19 -13.51 -27.16
C LYS A 447 9.64 -14.60 -26.26
N PHE A 448 9.17 -14.17 -25.10
CA PHE A 448 8.60 -15.02 -24.08
C PHE A 448 9.58 -16.14 -23.74
N SER A 449 9.07 -17.29 -23.30
CA SER A 449 9.96 -18.38 -22.93
C SER A 449 10.84 -18.85 -24.10
N SER A 450 10.21 -19.31 -25.17
CA SER A 450 10.94 -19.79 -26.34
C SER A 450 11.86 -18.75 -26.97
N GLY A 451 11.36 -17.53 -27.13
CA GLY A 451 12.16 -16.47 -27.74
C GLY A 451 13.32 -16.00 -26.88
N SER A 452 13.15 -16.02 -25.57
CA SER A 452 14.22 -15.58 -24.67
C SER A 452 15.37 -16.60 -24.71
N PHE A 453 15.01 -17.88 -24.70
CA PHE A 453 16.00 -18.94 -24.75
C PHE A 453 16.73 -18.79 -26.08
N THR A 454 15.95 -18.58 -27.14
CA THR A 454 16.49 -18.43 -28.48
C THR A 454 17.47 -17.26 -28.57
N GLU A 455 17.07 -16.09 -28.09
CA GLU A 455 17.95 -14.92 -28.13
C GLU A 455 19.24 -15.23 -27.37
N GLY A 456 19.13 -16.01 -26.32
CA GLY A 456 20.29 -16.37 -25.54
C GLY A 456 21.23 -17.21 -26.40
N ARG A 457 20.66 -18.05 -27.25
CA ARG A 457 21.46 -18.90 -28.14
C ARG A 457 22.20 -17.99 -29.12
N ILE A 458 21.44 -17.12 -29.75
CA ILE A 458 21.97 -16.16 -30.72
C ILE A 458 23.15 -15.35 -30.18
N ALA A 459 23.02 -14.85 -28.97
CA ALA A 459 24.09 -14.04 -28.39
C ALA A 459 25.32 -14.89 -28.07
N ALA A 460 25.08 -16.10 -27.56
CA ALA A 460 26.14 -17.02 -27.17
C ALA A 460 27.05 -17.35 -28.35
N LYS A 461 26.47 -17.70 -29.49
CA LYS A 461 27.27 -18.00 -30.67
C LYS A 461 28.04 -16.74 -31.05
N ALA A 462 27.37 -15.59 -30.99
CA ALA A 462 28.02 -14.34 -31.34
C ALA A 462 29.20 -14.03 -30.41
N ALA A 463 29.04 -14.35 -29.14
CA ALA A 463 30.08 -14.13 -28.14
C ALA A 463 31.32 -14.96 -28.47
N VAL A 464 31.08 -16.19 -28.94
CA VAL A 464 32.18 -17.07 -29.30
C VAL A 464 32.87 -16.48 -30.53
N ARG A 465 32.07 -16.07 -31.50
CA ARG A 465 32.61 -15.48 -32.73
C ARG A 465 33.41 -14.23 -32.38
N PHE A 466 32.82 -13.38 -31.55
CA PHE A 466 33.47 -12.15 -31.12
C PHE A 466 34.85 -12.46 -30.53
N ILE A 467 34.88 -13.41 -29.60
CA ILE A 467 36.13 -13.80 -28.95
C ILE A 467 37.18 -14.33 -29.93
N LEU A 468 36.77 -15.25 -30.80
CA LEU A 468 37.71 -15.83 -31.75
C LEU A 468 38.14 -14.87 -32.86
N GLU A 469 37.30 -13.89 -33.17
CA GLU A 469 37.63 -12.92 -34.21
C GLU A 469 38.40 -11.72 -33.67
N GLN A 470 37.90 -11.13 -32.59
CA GLN A 470 38.56 -9.96 -32.01
C GLN A 470 39.69 -10.31 -31.04
N LYS A 471 39.65 -11.54 -30.48
CA LYS A 471 40.67 -12.00 -29.55
C LYS A 471 40.94 -11.00 -28.44
N PRO A 472 39.91 -10.66 -27.65
CA PRO A 472 40.10 -9.71 -26.56
C PRO A 472 40.87 -10.29 -25.38
N ASN A 473 41.49 -9.42 -24.60
CA ASN A 473 42.26 -9.82 -23.44
C ASN A 473 42.09 -8.76 -22.35
N PRO A 474 40.84 -8.53 -21.93
CA PRO A 474 40.49 -7.55 -20.90
C PRO A 474 41.31 -7.68 -19.63
N GLU A 475 41.70 -6.54 -19.07
CA GLU A 475 42.46 -6.53 -17.82
C GLU A 475 41.59 -5.81 -16.80
N ILE A 476 41.36 -6.44 -15.66
CA ILE A 476 40.55 -5.81 -14.62
C ILE A 476 41.41 -4.86 -13.79
N ASP A 477 40.79 -3.80 -13.28
CA ASP A 477 41.48 -2.83 -12.46
C ASP A 477 41.36 -3.27 -11.00
N ASP A 478 42.46 -3.76 -10.43
CA ASP A 478 42.44 -4.23 -9.04
C ASP A 478 42.05 -3.15 -8.04
N ALA A 479 42.30 -1.89 -8.39
CA ALA A 479 41.98 -0.78 -7.51
C ALA A 479 40.46 -0.61 -7.43
N VAL A 480 39.80 -0.81 -8.55
CA VAL A 480 38.35 -0.70 -8.61
C VAL A 480 37.72 -1.91 -7.91
N VAL A 481 38.29 -3.08 -8.15
CA VAL A 481 37.80 -4.29 -7.51
C VAL A 481 37.73 -4.14 -6.00
N GLU A 482 38.83 -3.69 -5.40
CA GLU A 482 38.87 -3.52 -3.94
C GLU A 482 37.83 -2.50 -3.47
N GLU A 483 37.63 -1.46 -4.26
CA GLU A 483 36.64 -0.43 -3.93
C GLU A 483 35.27 -1.10 -3.89
N LEU A 484 34.98 -1.88 -4.92
CA LEU A 484 33.71 -2.60 -5.03
C LEU A 484 33.51 -3.60 -3.90
N LYS A 485 34.59 -4.23 -3.44
CA LYS A 485 34.52 -5.21 -2.36
C LYS A 485 34.09 -4.49 -1.08
N LYS A 486 34.64 -3.30 -0.85
CA LYS A 486 34.28 -2.51 0.32
C LYS A 486 32.81 -2.13 0.23
N LYS A 487 32.39 -1.68 -0.96
CA LYS A 487 31.00 -1.29 -1.16
C LYS A 487 30.06 -2.48 -0.95
N ALA A 488 30.48 -3.63 -1.44
CA ALA A 488 29.69 -4.85 -1.34
C ALA A 488 29.20 -5.11 0.07
N TYR A 489 30.11 -5.04 1.05
CA TYR A 489 29.70 -5.30 2.43
C TYR A 489 29.54 -4.07 3.31
N ALA A 490 29.61 -2.89 2.70
CA ALA A 490 29.46 -1.65 3.46
C ALA A 490 28.17 -1.64 4.27
N PRO A 491 27.05 -2.12 3.69
CA PRO A 491 25.79 -2.11 4.46
C PRO A 491 25.93 -2.83 5.79
N MET A 492 26.65 -3.94 5.81
CA MET A 492 26.86 -4.71 7.04
C MET A 492 27.71 -3.93 8.03
N GLU A 493 28.75 -3.28 7.51
CA GLU A 493 29.65 -2.49 8.36
C GLU A 493 28.93 -1.25 8.88
N ARG A 494 28.02 -0.71 8.10
CA ARG A 494 27.30 0.48 8.55
C ARG A 494 26.36 0.07 9.68
N PHE A 495 25.69 -1.06 9.52
CA PHE A 495 24.78 -1.53 10.55
C PHE A 495 25.53 -1.64 11.88
N MET A 496 26.68 -2.30 11.86
CA MET A 496 27.50 -2.48 13.06
C MET A 496 27.98 -1.17 13.64
N GLN A 497 28.20 -0.18 12.79
CA GLN A 497 28.69 1.11 13.25
C GLN A 497 27.64 2.03 13.86
N TYR A 498 26.39 1.94 13.40
CA TYR A 498 25.34 2.82 13.89
C TYR A 498 24.14 2.20 14.62
N LYS A 499 24.08 0.87 14.71
CA LYS A 499 22.94 0.23 15.38
C LYS A 499 22.78 0.68 16.83
N ASP A 500 23.88 1.06 17.50
CA ASP A 500 23.81 1.47 18.90
C ASP A 500 23.13 2.82 19.11
N LEU A 501 22.80 3.51 18.02
CA LEU A 501 22.14 4.81 18.12
C LEU A 501 20.68 4.65 18.53
N SER A 502 20.17 3.43 18.41
CA SER A 502 18.77 3.15 18.73
C SER A 502 18.55 1.77 19.33
N THR A 503 17.55 1.65 20.19
CA THR A 503 17.24 0.36 20.82
C THR A 503 16.49 -0.55 19.86
N ALA A 504 16.17 -0.03 18.68
CA ALA A 504 15.47 -0.82 17.67
C ALA A 504 16.35 -0.86 16.42
N ASP A 505 16.61 -2.05 15.90
CA ASP A 505 17.44 -2.18 14.72
C ASP A 505 16.88 -1.51 13.47
N ASP A 506 15.57 -1.56 13.28
CA ASP A 506 14.96 -0.96 12.10
C ASP A 506 14.48 0.49 12.19
N VAL A 507 14.78 1.17 13.28
CA VAL A 507 14.40 2.57 13.40
C VAL A 507 15.67 3.30 13.80
N ASN A 508 16.47 3.63 12.78
CA ASN A 508 17.75 4.30 12.98
C ASN A 508 17.86 5.55 12.10
N PRO A 509 18.41 6.65 12.65
CA PRO A 509 18.56 7.90 11.90
C PRO A 509 19.74 7.92 10.92
N GLU A 510 20.68 7.00 11.07
CA GLU A 510 21.85 6.94 10.20
C GLU A 510 21.84 5.88 9.11
N TYR A 511 20.71 5.23 8.91
CA TYR A 511 20.63 4.22 7.86
C TYR A 511 19.22 3.71 7.60
N ILE A 512 19.03 3.14 6.42
CA ILE A 512 17.75 2.56 6.05
C ILE A 512 18.03 1.13 5.65
N LEU A 513 17.08 0.26 5.95
CA LEU A 513 17.20 -1.15 5.60
C LEU A 513 16.61 -1.32 4.19
N PRO A 514 16.99 -2.39 3.49
CA PRO A 514 16.50 -2.65 2.13
C PRO A 514 14.99 -2.53 1.96
N TRP A 515 14.21 -3.11 2.88
CA TRP A 515 12.77 -3.03 2.74
C TRP A 515 12.26 -1.61 2.92
N GLN A 516 12.98 -0.80 3.69
CA GLN A 516 12.56 0.57 3.93
C GLN A 516 12.84 1.42 2.69
N GLY A 517 13.97 1.18 2.03
CA GLY A 517 14.29 1.93 0.83
C GLY A 517 13.36 1.53 -0.30
N LEU A 518 12.96 0.27 -0.34
CA LEU A 518 12.08 -0.23 -1.39
C LEU A 518 10.68 0.38 -1.30
N VAL A 519 10.14 0.43 -0.08
CA VAL A 519 8.81 1.01 0.14
C VAL A 519 8.80 2.45 -0.34
N ARG A 520 9.91 3.14 -0.10
CA ARG A 520 10.06 4.53 -0.51
C ARG A 520 10.13 4.61 -2.03
N LEU A 521 10.92 3.73 -2.64
CA LEU A 521 11.05 3.72 -4.09
C LEU A 521 9.67 3.52 -4.71
N GLN A 522 8.97 2.51 -4.24
CA GLN A 522 7.64 2.19 -4.75
C GLN A 522 6.64 3.32 -4.60
N LYS A 523 6.67 4.01 -3.47
CA LYS A 523 5.74 5.13 -3.27
C LYS A 523 6.06 6.24 -4.29
N ILE A 524 7.34 6.54 -4.49
CA ILE A 524 7.74 7.58 -5.44
C ILE A 524 7.29 7.29 -6.88
N MET A 525 7.58 6.08 -7.33
CA MET A 525 7.24 5.66 -8.68
C MET A 525 5.74 5.55 -8.88
N ASP A 526 5.07 5.02 -7.86
CA ASP A 526 3.63 4.86 -7.91
C ASP A 526 2.91 6.20 -8.02
N GLU A 527 3.38 7.19 -7.26
CA GLU A 527 2.73 8.49 -7.26
C GLU A 527 3.20 9.48 -8.34
N TYR A 528 4.40 9.28 -8.89
CA TYR A 528 4.88 10.23 -9.89
C TYR A 528 5.24 9.67 -11.26
N ALA A 529 5.52 8.38 -11.35
CA ALA A 529 5.90 7.79 -12.63
C ALA A 529 4.80 6.98 -13.30
N ALA A 530 3.56 7.45 -13.20
CA ALA A 530 2.42 6.77 -13.82
C ALA A 530 2.13 5.38 -13.26
N GLY A 531 1.97 5.30 -11.94
CA GLY A 531 1.68 4.02 -11.31
C GLY A 531 0.17 3.85 -11.20
N ILE A 532 -0.27 2.85 -10.43
CA ILE A 532 -1.70 2.62 -10.25
C ILE A 532 -2.36 3.81 -9.56
N ALA A 533 -1.58 4.50 -8.72
CA ALA A 533 -2.08 5.66 -7.96
C ALA A 533 -2.77 6.72 -8.82
N THR A 534 -2.25 6.97 -10.03
CA THR A 534 -2.84 7.96 -10.91
C THR A 534 -3.43 7.31 -12.16
N ILE A 535 -3.79 6.04 -12.04
CA ILE A 535 -4.34 5.30 -13.17
C ILE A 535 -3.38 5.43 -14.35
N TYR A 536 -2.11 5.16 -14.07
CA TYR A 536 -1.03 5.18 -15.07
C TYR A 536 -0.87 6.51 -15.80
N LYS A 537 -1.21 7.60 -15.13
CA LYS A 537 -1.04 8.91 -15.74
C LYS A 537 0.13 9.66 -15.11
N THR A 538 0.74 10.55 -15.89
CA THR A 538 1.86 11.36 -15.42
C THR A 538 2.09 12.56 -16.37
N ASN A 539 2.99 13.46 -15.97
CA ASN A 539 3.31 14.63 -16.78
C ASN A 539 4.73 15.12 -16.46
N GLU A 540 5.21 16.11 -17.21
CA GLU A 540 6.55 16.65 -17.00
C GLU A 540 6.87 16.96 -15.54
N LYS A 541 5.93 17.64 -14.89
CA LYS A 541 6.11 18.05 -13.50
C LYS A 541 6.22 16.87 -12.54
N MET A 542 5.33 15.90 -12.69
CA MET A 542 5.34 14.71 -11.84
C MET A 542 6.68 14.01 -11.99
N LEU A 543 7.08 13.83 -13.24
CA LEU A 543 8.33 13.16 -13.55
C LEU A 543 9.54 13.90 -12.98
N GLN A 544 9.53 15.22 -13.08
CA GLN A 544 10.64 16.01 -12.56
C GLN A 544 10.72 15.88 -11.05
N ARG A 545 9.56 15.84 -10.39
CA ARG A 545 9.54 15.69 -8.96
C ARG A 545 10.05 14.30 -8.61
N ALA A 546 9.77 13.33 -9.47
CA ALA A 546 10.22 11.97 -9.25
C ALA A 546 11.74 11.91 -9.22
N LEU A 547 12.38 12.63 -10.13
CA LEU A 547 13.84 12.66 -10.18
C LEU A 547 14.40 13.28 -8.91
N GLU A 548 13.70 14.27 -8.39
CA GLU A 548 14.14 14.93 -7.17
C GLU A 548 14.08 13.97 -6.00
N LEU A 549 12.99 13.21 -5.90
CA LEU A 549 12.85 12.25 -4.81
C LEU A 549 13.81 11.07 -4.99
N LEU A 550 14.02 10.65 -6.23
CA LEU A 550 14.92 9.54 -6.49
C LEU A 550 16.35 9.93 -6.15
N ALA A 551 16.68 11.21 -6.33
CA ALA A 551 18.01 11.70 -6.02
C ALA A 551 18.24 11.59 -4.51
N PHE A 552 17.24 11.96 -3.73
CA PHE A 552 17.33 11.85 -2.28
C PHE A 552 17.55 10.37 -1.92
N LEU A 553 16.72 9.51 -2.48
CA LEU A 553 16.81 8.07 -2.22
C LEU A 553 18.18 7.53 -2.64
N LYS A 554 18.66 7.96 -3.80
CA LYS A 554 19.96 7.51 -4.28
C LYS A 554 21.04 7.90 -3.27
N GLU A 555 20.99 9.13 -2.77
CA GLU A 555 22.01 9.55 -1.81
C GLU A 555 21.92 8.67 -0.56
N ASP A 556 20.70 8.38 -0.11
CA ASP A 556 20.52 7.56 1.08
C ASP A 556 20.95 6.11 0.85
N LEU A 557 21.10 5.71 -0.40
CA LEU A 557 21.55 4.34 -0.66
C LEU A 557 22.93 4.20 -0.06
N GLU A 558 23.65 5.32 0.04
CA GLU A 558 24.98 5.33 0.62
C GLU A 558 24.90 5.08 2.12
N LYS A 559 23.69 5.08 2.67
CA LYS A 559 23.50 4.83 4.09
C LYS A 559 22.63 3.58 4.30
N LEU A 560 22.77 2.63 3.40
CA LEU A 560 22.04 1.37 3.47
C LEU A 560 22.70 0.47 4.50
N ALA A 561 21.90 -0.35 5.17
CA ALA A 561 22.40 -1.28 6.17
C ALA A 561 21.88 -2.68 5.87
N ALA A 562 22.55 -3.70 6.39
CA ALA A 562 22.16 -5.09 6.17
C ALA A 562 22.58 -5.91 7.39
N ARG A 563 21.68 -6.77 7.86
CA ARG A 563 21.93 -7.59 9.04
C ARG A 563 22.37 -9.04 8.77
N ASP A 564 22.34 -9.44 7.50
CA ASP A 564 22.78 -10.78 7.10
C ASP A 564 23.01 -10.84 5.58
N LEU A 565 23.46 -11.99 5.09
CA LEU A 565 23.72 -12.14 3.65
C LEU A 565 22.47 -11.98 2.80
N HIS A 566 21.35 -12.51 3.31
CA HIS A 566 20.08 -12.43 2.59
C HIS A 566 19.71 -10.95 2.37
N GLU A 567 19.78 -10.18 3.44
CA GLU A 567 19.43 -8.76 3.38
C GLU A 567 20.46 -7.96 2.60
N LEU A 568 21.69 -8.44 2.54
CA LEU A 568 22.73 -7.74 1.79
C LEU A 568 22.41 -7.85 0.31
N MET A 569 21.84 -8.97 -0.08
CA MET A 569 21.44 -9.17 -1.46
C MET A 569 20.27 -8.22 -1.69
N ARG A 570 19.33 -8.22 -0.75
CA ARG A 570 18.16 -7.35 -0.82
C ARG A 570 18.61 -5.90 -0.97
N ALA A 571 19.68 -5.52 -0.28
CA ALA A 571 20.18 -4.16 -0.37
C ALA A 571 20.59 -3.83 -1.80
N TRP A 572 21.42 -4.69 -2.39
CA TRP A 572 21.84 -4.47 -3.77
C TRP A 572 20.71 -4.59 -4.77
N GLU A 573 19.73 -5.44 -4.48
CA GLU A 573 18.60 -5.59 -5.39
C GLU A 573 17.88 -4.23 -5.41
N LEU A 574 17.84 -3.56 -4.27
CA LEU A 574 17.21 -2.24 -4.17
C LEU A 574 18.00 -1.25 -5.03
N VAL A 575 19.32 -1.21 -4.81
CA VAL A 575 20.20 -0.33 -5.58
C VAL A 575 19.96 -0.51 -7.07
N HIS A 576 19.84 -1.76 -7.50
CA HIS A 576 19.60 -2.05 -8.91
C HIS A 576 18.27 -1.46 -9.36
N ARG A 577 17.25 -1.62 -8.53
CA ARG A 577 15.92 -1.11 -8.84
C ARG A 577 15.87 0.41 -8.95
N VAL A 578 16.50 1.10 -8.01
CA VAL A 578 16.47 2.55 -8.00
C VAL A 578 17.03 3.16 -9.30
N TRP A 579 18.16 2.65 -9.77
CA TRP A 579 18.75 3.19 -11.00
C TRP A 579 17.87 2.85 -12.20
N THR A 580 17.27 1.67 -12.17
CA THR A 580 16.38 1.25 -13.24
C THR A 580 15.21 2.21 -13.24
N ALA A 581 14.76 2.56 -12.04
CA ALA A 581 13.65 3.48 -11.86
C ALA A 581 13.99 4.84 -12.44
N GLU A 582 15.18 5.35 -12.12
CA GLU A 582 15.57 6.65 -12.64
C GLU A 582 15.60 6.67 -14.17
N ALA A 583 16.17 5.62 -14.76
CA ALA A 583 16.25 5.52 -16.21
C ALA A 583 14.86 5.52 -16.84
N HIS A 584 13.95 4.78 -16.21
CA HIS A 584 12.58 4.70 -16.70
C HIS A 584 11.92 6.07 -16.66
N VAL A 585 12.15 6.80 -15.57
CA VAL A 585 11.58 8.13 -15.40
C VAL A 585 12.16 9.11 -16.44
N ARG A 586 13.48 9.11 -16.59
CA ARG A 586 14.12 10.00 -17.54
C ARG A 586 13.66 9.72 -18.97
N HIS A 587 13.46 8.45 -19.29
CA HIS A 587 12.99 8.09 -20.63
C HIS A 587 11.56 8.57 -20.85
N MET A 588 10.71 8.40 -19.86
CA MET A 588 9.33 8.84 -20.00
C MET A 588 9.25 10.35 -20.14
N LEU A 589 10.15 11.05 -19.45
CA LEU A 589 10.18 12.50 -19.51
C LEU A 589 10.66 12.96 -20.89
N PHE A 590 11.63 12.24 -21.45
CA PHE A 590 12.18 12.59 -22.75
C PHE A 590 11.21 12.46 -23.92
N ARG A 591 10.48 11.35 -24.00
CA ARG A 591 9.52 11.15 -25.09
C ARG A 591 8.25 11.95 -24.83
N LYS A 592 8.05 12.96 -25.65
CA LYS A 592 6.91 13.86 -25.55
C LYS A 592 5.69 13.44 -26.38
N GLU A 593 5.05 12.36 -25.96
CA GLU A 593 3.88 11.86 -26.64
C GLU A 593 3.30 10.74 -25.79
N THR A 594 2.18 10.21 -26.25
CA THR A 594 1.50 9.11 -25.60
C THR A 594 1.25 8.14 -26.74
N ARG A 595 2.21 7.24 -26.94
CA ARG A 595 2.13 6.26 -28.01
C ARG A 595 1.50 4.96 -27.55
N TRP A 596 1.57 4.71 -26.24
CA TRP A 596 1.01 3.49 -25.69
C TRP A 596 -0.02 3.75 -24.60
N PRO A 597 -1.14 4.38 -24.95
CA PRO A 597 -2.15 4.62 -23.91
C PRO A 597 -2.55 3.23 -23.44
N GLY A 598 -2.74 3.06 -22.14
CA GLY A 598 -3.07 1.74 -21.62
C GLY A 598 -1.87 1.25 -20.82
N TYR A 599 -0.70 1.78 -21.16
CA TYR A 599 0.53 1.44 -20.45
C TYR A 599 0.89 2.68 -19.64
N TYR A 600 0.67 3.85 -20.24
CA TYR A 600 0.91 5.11 -19.54
C TYR A 600 0.44 6.31 -20.38
N TYR A 601 0.08 7.39 -19.70
CA TYR A 601 -0.38 8.60 -20.38
C TYR A 601 0.39 9.84 -19.96
N ARG A 602 0.84 10.61 -20.94
CA ARG A 602 1.51 11.89 -20.68
C ARG A 602 0.35 12.85 -20.91
N THR A 603 -0.31 13.25 -19.83
CA THR A 603 -1.44 14.16 -19.95
C THR A 603 -1.05 15.48 -20.58
N ASP A 604 0.24 15.81 -20.54
CA ASP A 604 0.72 17.06 -21.14
C ASP A 604 1.05 16.88 -22.62
N TYR A 605 1.06 15.64 -23.08
CA TYR A 605 1.33 15.31 -24.49
C TYR A 605 0.48 14.07 -24.75
N PRO A 606 -0.85 14.20 -24.61
CA PRO A 606 -1.86 13.15 -24.79
C PRO A 606 -1.98 12.42 -26.11
N GLU A 607 -1.37 12.94 -27.17
CA GLU A 607 -1.47 12.27 -28.46
C GLU A 607 -0.26 11.47 -28.92
N LEU A 608 -0.48 10.60 -29.89
CA LEU A 608 0.58 9.79 -30.48
C LEU A 608 1.14 10.66 -31.62
N ASN A 609 2.46 10.84 -31.65
CA ASN A 609 3.10 11.69 -32.65
C ASN A 609 4.02 10.94 -33.62
N ASP A 610 3.48 10.49 -34.75
CA ASP A 610 4.28 9.79 -35.76
C ASP A 610 5.09 10.76 -36.61
N GLU A 611 4.82 12.05 -36.45
CA GLU A 611 5.53 13.07 -37.21
C GLU A 611 6.90 13.33 -36.57
N GLU A 612 6.94 13.32 -35.24
CA GLU A 612 8.16 13.60 -34.52
C GLU A 612 8.68 12.53 -33.55
N TRP A 613 7.88 11.50 -33.26
CA TRP A 613 8.36 10.49 -32.32
C TRP A 613 8.31 9.02 -32.74
N LYS A 614 8.23 8.76 -34.05
CA LYS A 614 8.25 7.38 -34.52
C LYS A 614 9.72 7.01 -34.55
N CYS A 615 10.31 6.97 -33.37
CA CYS A 615 11.72 6.68 -33.23
C CYS A 615 11.97 5.97 -31.92
N PHE A 616 13.12 5.33 -31.82
CA PHE A 616 13.49 4.64 -30.60
C PHE A 616 14.21 5.67 -29.77
N VAL A 617 13.95 5.69 -28.47
CA VAL A 617 14.66 6.62 -27.60
C VAL A 617 15.78 5.81 -26.96
N CYS A 618 17.01 6.22 -27.24
CA CYS A 618 18.18 5.53 -26.72
C CYS A 618 18.92 6.48 -25.80
N SER A 619 19.46 5.95 -24.71
CA SER A 619 20.16 6.77 -23.75
C SER A 619 21.43 6.09 -23.28
N LYS A 620 22.30 6.89 -22.68
CA LYS A 620 23.55 6.39 -22.15
C LYS A 620 23.86 7.17 -20.89
N TYR A 621 24.33 6.46 -19.87
CA TYR A 621 24.68 7.11 -18.63
C TYR A 621 26.19 7.09 -18.48
N ASP A 622 26.77 8.26 -18.22
CA ASP A 622 28.21 8.38 -18.03
C ASP A 622 28.45 8.48 -16.53
N ALA A 623 29.05 7.43 -15.96
CA ALA A 623 29.30 7.39 -14.52
C ALA A 623 30.32 8.43 -14.07
N GLU A 624 31.32 8.70 -14.89
CA GLU A 624 32.34 9.68 -14.53
C GLU A 624 31.77 11.09 -14.41
N LYS A 625 30.89 11.46 -15.35
CA LYS A 625 30.31 12.79 -15.37
C LYS A 625 28.93 12.82 -14.70
N ASP A 626 28.37 11.64 -14.46
CA ASP A 626 27.06 11.54 -13.86
C ASP A 626 26.07 12.31 -14.75
N GLU A 627 26.18 12.08 -16.07
CA GLU A 627 25.29 12.74 -17.03
C GLU A 627 24.57 11.73 -17.91
N TRP A 628 23.34 12.06 -18.26
CA TRP A 628 22.53 11.21 -19.13
C TRP A 628 22.40 11.93 -20.48
N THR A 629 22.65 11.21 -21.55
CA THR A 629 22.54 11.76 -22.90
C THR A 629 21.47 10.96 -23.63
N PHE A 630 20.56 11.67 -24.29
CA PHE A 630 19.49 10.99 -25.03
C PHE A 630 19.60 11.20 -26.53
N GLU A 631 19.14 10.20 -27.28
CA GLU A 631 19.18 10.24 -28.73
C GLU A 631 17.94 9.54 -29.29
N LYS A 632 17.49 10.04 -30.44
CA LYS A 632 16.32 9.50 -31.12
C LYS A 632 16.81 8.76 -32.38
N VAL A 633 16.47 7.49 -32.48
CA VAL A 633 16.86 6.72 -33.67
C VAL A 633 15.56 6.45 -34.42
N PRO A 634 15.38 7.08 -35.58
CA PRO A 634 14.16 6.87 -36.37
C PRO A 634 13.91 5.41 -36.73
N TYR A 635 12.66 5.00 -36.64
CA TYR A 635 12.29 3.65 -36.97
C TYR A 635 12.25 3.52 -38.49
N VAL A 636 12.73 2.40 -38.99
CA VAL A 636 12.70 2.12 -40.42
C VAL A 636 12.13 0.73 -40.55
N GLN A 637 11.24 0.53 -41.52
CA GLN A 637 10.66 -0.79 -41.72
C GLN A 637 11.69 -1.65 -42.42
N VAL A 638 12.10 -2.72 -41.75
CA VAL A 638 13.10 -3.64 -42.28
C VAL A 638 12.47 -4.79 -43.08
N ILE A 639 11.36 -5.31 -42.57
CA ILE A 639 10.68 -6.42 -43.22
C ILE A 639 9.48 -5.95 -44.03
N GLU A 640 9.16 -6.71 -45.07
CA GLU A 640 8.03 -6.38 -45.93
C GLU A 640 6.70 -6.80 -45.32
N TRP A 641 5.78 -5.85 -45.24
CA TRP A 641 4.44 -6.10 -44.70
C TRP A 641 3.61 -4.82 -44.80
N SER A 642 2.30 -4.98 -44.71
CA SER A 642 1.38 -3.84 -44.78
C SER A 642 0.30 -3.99 -43.71
N PHE A 643 -0.22 -2.88 -43.22
CA PHE A 643 -1.26 -2.92 -42.21
C PHE A 643 -2.42 -3.72 -42.76
N PRO B 2 1.79 -17.21 1.23
CA PRO B 2 3.20 -17.60 1.45
C PRO B 2 3.32 -19.02 1.97
N SER B 3 4.51 -19.59 1.84
CA SER B 3 4.75 -20.95 2.29
C SER B 3 5.00 -20.99 3.79
N PHE B 4 4.84 -22.16 4.37
CA PHE B 4 5.08 -22.34 5.78
C PHE B 4 5.39 -23.80 6.01
N VAL B 5 6.27 -24.06 6.97
CA VAL B 5 6.68 -25.43 7.29
C VAL B 5 5.89 -26.02 8.46
N ASN B 6 5.42 -27.24 8.28
CA ASN B 6 4.69 -27.95 9.32
C ASN B 6 5.76 -28.60 10.19
N PRO B 7 5.89 -28.17 11.46
CA PRO B 7 6.87 -28.70 12.40
C PRO B 7 6.81 -30.23 12.56
N GLU B 8 5.61 -30.76 12.68
CA GLU B 8 5.42 -32.20 12.87
C GLU B 8 5.98 -33.06 11.74
N LYS B 9 6.01 -32.54 10.52
CA LYS B 9 6.52 -33.30 9.39
C LYS B 9 7.96 -32.95 9.03
N CYS B 10 8.37 -31.71 9.32
CA CYS B 10 9.73 -31.28 9.01
C CYS B 10 10.77 -31.95 9.90
N ASP B 11 11.84 -32.43 9.27
CA ASP B 11 12.92 -33.07 9.99
C ASP B 11 14.25 -32.39 9.67
N GLY B 12 14.17 -31.11 9.31
CA GLY B 12 15.35 -30.34 8.97
C GLY B 12 16.19 -31.06 7.93
N CYS B 13 15.54 -31.95 7.19
CA CYS B 13 16.21 -32.74 6.17
C CYS B 13 17.27 -33.65 6.78
N LYS B 14 16.78 -34.74 7.36
CA LYS B 14 17.58 -35.77 8.03
C LYS B 14 19.07 -35.78 7.77
N ALA B 15 19.55 -36.85 7.13
CA ALA B 15 20.97 -36.98 6.85
C ALA B 15 21.31 -36.75 5.38
N LEU B 16 20.35 -36.25 4.60
CA LEU B 16 20.60 -35.98 3.20
C LEU B 16 21.73 -34.96 3.06
N GLU B 17 22.25 -34.84 1.84
CA GLU B 17 23.35 -33.92 1.59
C GLU B 17 22.96 -32.43 1.57
N ARG B 18 21.71 -32.13 1.25
CA ARG B 18 21.27 -30.75 1.19
C ARG B 18 19.83 -30.54 1.65
N THR B 19 19.53 -29.32 2.10
CA THR B 19 18.19 -28.97 2.55
C THR B 19 17.39 -28.58 1.31
N ALA B 20 16.49 -29.46 0.89
CA ALA B 20 15.67 -29.24 -0.30
C ALA B 20 15.02 -27.85 -0.42
N CYS B 21 14.23 -27.45 0.58
CA CYS B 21 13.56 -26.15 0.53
C CYS B 21 14.53 -24.98 0.39
N GLU B 22 15.60 -24.99 1.19
CA GLU B 22 16.59 -23.91 1.14
C GLU B 22 17.34 -23.89 -0.18
N TYR B 23 17.52 -25.07 -0.77
CA TYR B 23 18.23 -25.18 -2.04
C TYR B 23 17.41 -24.70 -3.23
N ILE B 24 16.13 -24.99 -3.24
CA ILE B 24 15.27 -24.63 -4.37
C ILE B 24 14.68 -23.22 -4.49
N CYS B 25 14.34 -22.59 -3.37
CA CYS B 25 13.72 -21.27 -3.39
C CYS B 25 14.41 -20.20 -4.24
N PRO B 26 13.73 -19.74 -5.31
CA PRO B 26 14.20 -18.72 -6.26
C PRO B 26 14.39 -17.34 -5.63
N ASN B 27 13.87 -17.14 -4.42
CA ASN B 27 14.01 -15.84 -3.76
C ASN B 27 14.74 -15.92 -2.43
N ASP B 28 15.42 -17.04 -2.18
CA ASP B 28 16.19 -17.24 -0.96
C ASP B 28 15.39 -17.03 0.32
N LEU B 29 14.16 -17.55 0.35
CA LEU B 29 13.30 -17.38 1.52
C LEU B 29 13.38 -18.50 2.55
N MET B 30 13.52 -19.74 2.08
CA MET B 30 13.59 -20.89 2.97
C MET B 30 14.98 -21.03 3.60
N THR B 31 15.00 -21.19 4.93
CA THR B 31 16.25 -21.35 5.66
C THR B 31 16.03 -22.20 6.91
N LEU B 32 17.12 -22.74 7.44
CA LEU B 32 17.06 -23.60 8.62
C LEU B 32 17.31 -22.89 9.94
N ASP B 33 16.50 -23.23 10.93
CA ASP B 33 16.66 -22.69 12.28
C ASP B 33 17.50 -23.76 12.96
N LYS B 34 18.82 -23.56 12.96
CA LYS B 34 19.75 -24.51 13.54
C LYS B 34 19.35 -24.99 14.95
N GLU B 35 18.63 -24.16 15.67
CA GLU B 35 18.19 -24.50 17.02
C GLU B 35 17.12 -25.60 17.01
N LYS B 36 16.04 -25.35 16.28
CA LYS B 36 14.94 -26.31 16.16
C LYS B 36 15.27 -27.41 15.15
N MET B 37 16.16 -27.09 14.22
CA MET B 37 16.53 -28.01 13.16
C MET B 37 15.29 -28.18 12.28
N LYS B 38 14.57 -27.08 12.11
CA LYS B 38 13.36 -27.04 11.30
C LYS B 38 13.41 -25.79 10.43
N ALA B 39 12.88 -25.91 9.22
CA ALA B 39 12.87 -24.81 8.26
C ALA B 39 11.71 -23.85 8.43
N TYR B 40 11.85 -22.69 7.80
CA TYR B 40 10.82 -21.64 7.86
C TYR B 40 11.13 -20.59 6.80
N ASN B 41 10.07 -19.89 6.37
CA ASN B 41 10.19 -18.82 5.39
C ASN B 41 10.66 -17.58 6.16
N ARG B 42 11.85 -17.08 5.81
CA ARG B 42 12.41 -15.94 6.51
C ARG B 42 11.82 -14.59 6.14
N GLU B 43 11.16 -14.51 4.98
CA GLU B 43 10.58 -13.25 4.53
C GLU B 43 9.35 -13.52 3.66
N PRO B 44 8.24 -13.95 4.30
CA PRO B 44 6.98 -14.26 3.61
C PRO B 44 6.37 -13.23 2.65
N ASP B 45 6.55 -11.94 2.91
CA ASP B 45 5.98 -10.94 2.01
C ASP B 45 6.79 -10.81 0.72
N MET B 46 7.80 -11.67 0.58
CA MET B 46 8.63 -11.70 -0.61
C MET B 46 8.41 -13.03 -1.32
N CYS B 47 7.42 -13.77 -0.84
CA CYS B 47 7.07 -15.07 -1.40
C CYS B 47 6.20 -14.89 -2.64
N TRP B 48 6.55 -15.59 -3.72
CA TRP B 48 5.82 -15.52 -4.98
C TRP B 48 4.78 -16.63 -5.03
N GLU B 49 4.82 -17.51 -4.02
CA GLU B 49 3.92 -18.67 -3.94
C GLU B 49 4.08 -19.51 -5.21
N CYS B 50 5.33 -19.80 -5.56
CA CYS B 50 5.63 -20.59 -6.75
C CYS B 50 5.57 -22.09 -6.46
N TYR B 51 5.44 -22.44 -5.19
CA TYR B 51 5.34 -23.83 -4.74
C TYR B 51 6.56 -24.72 -5.00
N SER B 52 7.70 -24.11 -5.32
CA SER B 52 8.91 -24.88 -5.59
C SER B 52 9.32 -25.67 -4.36
N CYS B 53 9.34 -25.01 -3.21
CA CYS B 53 9.72 -25.65 -1.95
C CYS B 53 8.71 -26.75 -1.61
N VAL B 54 7.43 -26.43 -1.73
CA VAL B 54 6.39 -27.40 -1.43
C VAL B 54 6.61 -28.69 -2.22
N LYS B 55 6.88 -28.55 -3.50
CA LYS B 55 7.11 -29.71 -4.36
C LYS B 55 8.38 -30.50 -4.04
N MET B 56 9.44 -29.81 -3.65
CA MET B 56 10.70 -30.49 -3.38
C MET B 56 10.92 -31.03 -1.95
N CYS B 57 9.97 -30.79 -1.05
CA CYS B 57 10.10 -31.29 0.32
C CYS B 57 9.74 -32.78 0.37
N PRO B 58 10.75 -33.66 0.50
CA PRO B 58 10.51 -35.11 0.56
C PRO B 58 9.60 -35.56 1.70
N GLN B 59 9.38 -34.68 2.67
CA GLN B 59 8.53 -35.02 3.80
C GLN B 59 7.14 -34.41 3.64
N GLY B 60 6.96 -33.59 2.59
CA GLY B 60 5.68 -32.94 2.39
C GLY B 60 5.35 -32.08 3.61
N ALA B 61 6.39 -31.47 4.17
CA ALA B 61 6.25 -30.64 5.36
C ALA B 61 5.98 -29.18 5.07
N ILE B 62 5.87 -28.84 3.79
CA ILE B 62 5.60 -27.45 3.43
C ILE B 62 4.26 -27.31 2.70
N ASP B 63 3.52 -26.28 3.06
CA ASP B 63 2.23 -26.01 2.43
C ASP B 63 2.19 -24.50 2.20
N VAL B 64 1.13 -24.02 1.55
CA VAL B 64 1.00 -22.61 1.27
C VAL B 64 -0.32 -22.08 1.80
N ARG B 65 -0.24 -20.96 2.53
CA ARG B 65 -1.40 -20.30 3.11
C ARG B 65 -1.50 -18.98 2.35
N GLY B 66 -2.56 -18.82 1.56
CA GLY B 66 -2.74 -17.61 0.77
C GLY B 66 -2.49 -16.28 1.46
N TYR B 67 -1.90 -15.34 0.72
CA TYR B 67 -1.60 -14.01 1.27
C TYR B 67 -2.83 -13.46 1.99
N VAL B 68 -2.62 -12.97 3.20
CA VAL B 68 -3.70 -12.43 4.02
C VAL B 68 -4.40 -11.22 3.44
N ASP B 69 -3.73 -10.50 2.55
CA ASP B 69 -4.32 -9.31 1.96
C ASP B 69 -5.65 -9.57 1.26
N TYR B 70 -5.76 -10.71 0.59
CA TYR B 70 -6.99 -11.01 -0.14
C TYR B 70 -7.51 -12.43 0.03
N SER B 71 -6.81 -13.24 0.81
CA SER B 71 -7.23 -14.62 0.96
C SER B 71 -8.00 -14.98 2.24
N PRO B 72 -9.26 -15.41 2.09
CA PRO B 72 -9.98 -15.78 3.31
C PRO B 72 -9.33 -17.10 3.71
N LEU B 73 -9.42 -17.49 4.97
CA LEU B 73 -8.83 -18.75 5.42
C LEU B 73 -9.57 -19.97 4.87
N GLY B 74 -8.89 -21.12 4.83
CA GLY B 74 -9.55 -22.33 4.38
C GLY B 74 -9.19 -22.96 3.04
N GLY B 75 -8.56 -22.20 2.14
CA GLY B 75 -8.22 -22.77 0.85
C GLY B 75 -6.84 -23.41 0.85
N ALA B 76 -6.64 -24.33 -0.08
CA ALA B 76 -5.35 -25.02 -0.19
C ALA B 76 -5.19 -25.75 -1.51
N CYS B 77 -3.96 -25.78 -1.99
CA CYS B 77 -3.59 -26.47 -3.22
C CYS B 77 -2.41 -27.35 -2.82
N VAL B 78 -2.59 -28.65 -2.93
CA VAL B 78 -1.52 -29.57 -2.54
C VAL B 78 -1.02 -30.38 -3.73
N PRO B 79 0.29 -30.26 -4.02
CA PRO B 79 0.88 -31.00 -5.14
C PRO B 79 1.58 -32.28 -4.71
N MET B 80 1.58 -33.28 -5.59
CA MET B 80 2.27 -34.54 -5.36
C MET B 80 2.95 -34.79 -6.70
N ARG B 81 4.16 -34.25 -6.82
CA ARG B 81 4.95 -34.34 -8.04
C ARG B 81 5.74 -35.63 -8.16
N GLY B 82 5.53 -36.34 -9.26
CA GLY B 82 6.25 -37.58 -9.51
C GLY B 82 7.33 -37.35 -10.53
N THR B 83 7.53 -38.30 -11.44
CA THR B 83 8.55 -38.17 -12.46
C THR B 83 8.00 -37.83 -13.83
N SER B 84 6.86 -38.42 -14.20
CA SER B 84 6.27 -38.14 -15.51
C SER B 84 4.98 -37.30 -15.41
N ASP B 85 4.43 -37.17 -14.21
CA ASP B 85 3.22 -36.39 -14.01
C ASP B 85 3.17 -35.80 -12.62
N ILE B 86 2.19 -34.95 -12.37
CA ILE B 86 2.02 -34.32 -11.07
C ILE B 86 0.54 -34.31 -10.73
N MET B 87 0.23 -34.59 -9.47
CA MET B 87 -1.16 -34.61 -9.03
C MET B 87 -1.46 -33.40 -8.15
N TRP B 88 -2.68 -32.90 -8.26
CA TRP B 88 -3.09 -31.76 -7.45
C TRP B 88 -4.43 -31.99 -6.78
N THR B 89 -4.53 -31.54 -5.54
CA THR B 89 -5.76 -31.61 -4.78
C THR B 89 -6.03 -30.18 -4.38
N VAL B 90 -7.17 -29.65 -4.81
CA VAL B 90 -7.54 -28.28 -4.49
C VAL B 90 -8.70 -28.34 -3.52
N LYS B 91 -8.50 -27.81 -2.32
CA LYS B 91 -9.56 -27.82 -1.33
C LYS B 91 -10.08 -26.41 -1.09
N TYR B 92 -11.38 -26.25 -1.31
CA TYR B 92 -12.07 -24.98 -1.14
C TYR B 92 -12.39 -24.69 0.31
N ARG B 93 -12.60 -23.41 0.61
CA ARG B 93 -12.94 -22.97 1.94
C ARG B 93 -14.21 -23.70 2.41
N ASN B 94 -15.12 -23.94 1.47
CA ASN B 94 -16.40 -24.59 1.78
C ASN B 94 -16.37 -26.12 1.82
N GLY B 95 -15.18 -26.71 1.74
CA GLY B 95 -15.07 -28.16 1.78
C GLY B 95 -14.98 -28.87 0.44
N LYS B 96 -15.28 -28.15 -0.64
CA LYS B 96 -15.20 -28.73 -1.97
C LYS B 96 -13.78 -29.22 -2.22
N VAL B 97 -13.65 -30.44 -2.77
CA VAL B 97 -12.34 -31.03 -3.05
C VAL B 97 -12.18 -31.48 -4.50
N LEU B 98 -11.22 -30.88 -5.19
CA LEU B 98 -10.94 -31.20 -6.59
C LEU B 98 -9.62 -31.93 -6.73
N ARG B 99 -9.56 -32.87 -7.67
CA ARG B 99 -8.34 -33.64 -7.91
C ARG B 99 -7.99 -33.66 -9.39
N PHE B 100 -6.74 -33.32 -9.69
CA PHE B 100 -6.27 -33.30 -11.07
C PHE B 100 -4.93 -34.03 -11.17
N LYS B 101 -4.52 -34.32 -12.39
CA LYS B 101 -3.24 -34.98 -12.64
C LYS B 101 -2.79 -34.56 -14.04
N PHE B 102 -1.59 -34.01 -14.13
CA PHE B 102 -1.07 -33.54 -15.41
C PHE B 102 0.31 -34.11 -15.70
N ALA B 103 0.61 -34.28 -16.99
CA ALA B 103 1.90 -34.79 -17.41
C ALA B 103 2.89 -33.65 -17.20
N ILE B 104 4.14 -33.99 -16.91
CA ILE B 104 5.15 -32.96 -16.70
C ILE B 104 6.40 -33.26 -17.52
N ARG B 105 6.54 -34.52 -17.95
CA ARG B 105 7.68 -34.91 -18.77
C ARG B 105 7.42 -36.22 -19.50
N THR B 106 7.83 -36.27 -20.77
CA THR B 106 7.66 -37.46 -21.60
C THR B 106 8.93 -38.29 -21.72
N THR B 107 9.98 -37.87 -21.04
CA THR B 107 11.25 -38.60 -21.08
C THR B 107 11.81 -38.75 -19.68
N PRO B 108 12.71 -39.72 -19.47
CA PRO B 108 13.30 -39.93 -18.15
C PRO B 108 14.11 -38.71 -17.72
N TRP B 109 14.09 -38.41 -16.42
CA TRP B 109 14.84 -37.28 -15.92
C TRP B 109 16.35 -37.53 -16.05
N GLY B 110 17.09 -36.49 -16.43
CA GLY B 110 18.53 -36.61 -16.59
C GLY B 110 18.94 -37.36 -17.84
N SER B 111 18.04 -37.49 -18.81
CA SER B 111 18.32 -38.22 -20.04
C SER B 111 18.62 -37.33 -21.24
N ILE B 112 18.68 -36.02 -21.04
CA ILE B 112 18.95 -35.11 -22.14
C ILE B 112 20.38 -35.18 -22.70
N GLN B 113 20.46 -35.30 -24.01
CA GLN B 113 21.72 -35.32 -24.75
C GLN B 113 21.59 -34.03 -25.58
N PRO B 114 22.10 -32.90 -25.04
CA PRO B 114 22.08 -31.57 -25.64
C PRO B 114 22.27 -31.42 -27.15
N PHE B 115 23.26 -32.11 -27.72
CA PHE B 115 23.53 -31.97 -29.13
C PHE B 115 23.39 -33.28 -29.93
N GLU B 116 22.52 -34.16 -29.44
CA GLU B 116 22.29 -35.45 -30.08
C GLU B 116 22.04 -35.35 -31.58
N GLY B 117 22.86 -36.04 -32.37
CA GLY B 117 22.68 -36.02 -33.80
C GLY B 117 23.22 -34.80 -34.51
N PHE B 118 23.66 -33.79 -33.75
CA PHE B 118 24.20 -32.57 -34.33
C PHE B 118 25.59 -32.80 -34.90
N PRO B 119 25.94 -32.11 -36.00
CA PRO B 119 27.28 -32.30 -36.56
C PRO B 119 28.23 -31.48 -35.69
N GLU B 120 29.54 -31.72 -35.81
CA GLU B 120 30.49 -30.95 -35.03
C GLU B 120 30.53 -29.52 -35.58
N PRO B 121 30.78 -28.53 -34.70
CA PRO B 121 30.84 -27.14 -35.14
C PRO B 121 32.14 -26.90 -35.92
N THR B 122 32.12 -25.94 -36.84
CA THR B 122 33.31 -25.62 -37.63
C THR B 122 33.49 -24.11 -37.72
N GLU B 123 34.74 -23.67 -37.88
CA GLU B 123 35.05 -22.26 -37.98
C GLU B 123 34.24 -21.58 -39.07
N GLU B 124 33.99 -22.30 -40.15
CA GLU B 124 33.22 -21.74 -41.25
C GLU B 124 31.80 -21.50 -40.81
N ALA B 125 31.20 -22.50 -40.18
CA ALA B 125 29.82 -22.42 -39.72
C ALA B 125 29.67 -21.33 -38.65
N LEU B 126 30.74 -21.10 -37.88
CA LEU B 126 30.73 -20.09 -36.83
C LEU B 126 30.38 -18.73 -37.40
N LYS B 127 30.70 -18.54 -38.67
CA LYS B 127 30.43 -17.28 -39.34
C LYS B 127 29.04 -17.15 -39.95
N SER B 128 28.23 -18.21 -39.92
CA SER B 128 26.88 -18.12 -40.49
C SER B 128 25.83 -17.68 -39.47
N GLU B 129 24.57 -17.64 -39.90
CA GLU B 129 23.48 -17.25 -39.00
C GLU B 129 22.89 -18.49 -38.33
N LEU B 130 23.35 -19.67 -38.74
CA LEU B 130 22.86 -20.93 -38.20
C LEU B 130 23.25 -21.26 -36.76
N LEU B 131 22.28 -21.73 -35.99
CA LEU B 131 22.52 -22.12 -34.60
C LEU B 131 22.71 -23.64 -34.56
N ALA B 132 23.11 -24.15 -33.41
CA ALA B 132 23.31 -25.59 -33.25
C ALA B 132 22.08 -26.36 -33.74
N GLY B 133 22.31 -27.35 -34.58
CA GLY B 133 21.21 -28.17 -35.08
C GLY B 133 20.45 -27.59 -36.26
N GLU B 134 20.70 -26.34 -36.61
CA GLU B 134 19.99 -25.73 -37.73
C GLU B 134 20.63 -26.04 -39.07
N PRO B 135 19.84 -25.99 -40.16
CA PRO B 135 18.41 -25.65 -40.17
C PRO B 135 17.51 -26.86 -39.95
N GLU B 136 18.11 -28.02 -39.75
CA GLU B 136 17.36 -29.26 -39.56
C GLU B 136 16.28 -29.22 -38.48
N ILE B 137 16.66 -28.82 -37.27
CA ILE B 137 15.70 -28.77 -36.17
C ILE B 137 14.51 -27.85 -36.40
N ILE B 138 14.63 -26.92 -37.33
CA ILE B 138 13.54 -26.00 -37.60
C ILE B 138 12.39 -26.71 -38.31
N GLY B 139 12.70 -27.80 -39.01
CA GLY B 139 11.68 -28.56 -39.71
C GLY B 139 11.41 -28.11 -41.13
N THR B 140 12.03 -27.01 -41.54
CA THR B 140 11.85 -26.46 -42.87
C THR B 140 12.79 -27.09 -43.90
N SER B 141 12.48 -26.87 -45.17
CA SER B 141 13.30 -27.42 -46.25
C SER B 141 14.63 -26.68 -46.42
N GLU B 142 14.80 -25.60 -45.66
CA GLU B 142 16.03 -24.80 -45.70
C GLU B 142 15.93 -23.76 -44.59
N PHE B 143 16.99 -22.99 -44.37
CA PHE B 143 16.97 -21.96 -43.34
C PHE B 143 15.84 -20.99 -43.69
N PRO B 144 14.94 -20.73 -42.73
CA PRO B 144 13.84 -19.80 -43.00
C PRO B 144 14.28 -18.47 -43.57
N GLN B 145 13.66 -18.08 -44.67
CA GLN B 145 13.97 -16.81 -45.34
C GLN B 145 12.87 -15.81 -44.97
N VAL B 146 13.28 -14.56 -44.79
CA VAL B 146 12.32 -13.52 -44.46
C VAL B 146 12.51 -12.39 -45.48
N LYS B 147 11.42 -12.01 -46.11
CA LYS B 147 11.40 -10.95 -47.12
C LYS B 147 11.79 -9.58 -46.53
N LYS B 148 12.84 -8.95 -47.07
CA LYS B 148 13.28 -7.62 -46.60
C LYS B 148 12.42 -6.51 -47.26
N LYS B 149 12.10 -5.45 -46.52
CA LYS B 149 11.30 -4.35 -47.05
C LYS B 149 11.97 -3.76 -48.29
N ALA B 150 11.22 -3.65 -49.37
CA ALA B 150 11.75 -3.10 -50.62
C ALA B 150 12.16 -1.64 -50.45
N VAL C 2 2.53 -4.04 10.55
CA VAL C 2 3.11 -5.35 10.96
C VAL C 2 3.59 -5.29 12.39
N TYR C 3 3.40 -6.39 13.12
CA TYR C 3 3.80 -6.43 14.52
C TYR C 3 4.55 -7.71 14.87
N TYR C 4 5.73 -7.54 15.46
CA TYR C 4 6.54 -8.66 15.90
C TYR C 4 6.79 -8.49 17.40
N PRO C 5 5.99 -9.14 18.24
CA PRO C 5 6.20 -9.01 19.68
C PRO C 5 7.56 -9.56 20.11
N LYS C 6 8.19 -8.88 21.05
CA LYS C 6 9.49 -9.31 21.55
C LYS C 6 9.31 -10.66 22.25
N LYS C 7 8.22 -10.80 22.99
CA LYS C 7 7.92 -12.04 23.67
C LYS C 7 6.43 -12.18 23.92
N TYR C 8 6.00 -13.40 24.22
CA TYR C 8 4.60 -13.68 24.46
C TYR C 8 4.13 -13.13 25.78
N GLU C 9 2.81 -13.02 25.91
CA GLU C 9 2.15 -12.52 27.10
C GLU C 9 0.75 -13.09 26.89
N LEU C 10 0.63 -14.38 27.17
CA LEU C 10 -0.60 -15.12 26.95
C LEU C 10 -1.38 -15.49 28.21
N TYR C 11 -2.70 -15.41 28.10
CA TYR C 11 -3.57 -15.74 29.20
C TYR C 11 -4.84 -16.41 28.68
N LYS C 12 -5.40 -17.32 29.47
CA LYS C 12 -6.64 -17.99 29.14
C LYS C 12 -7.71 -17.23 29.92
N ALA C 13 -8.89 -17.12 29.35
CA ALA C 13 -9.99 -16.42 30.00
C ALA C 13 -10.20 -16.91 31.45
N ASP C 14 -10.28 -18.22 31.62
CA ASP C 14 -10.51 -18.81 32.94
C ASP C 14 -9.47 -18.46 34.01
N GLU C 15 -8.28 -18.06 33.58
CA GLU C 15 -7.23 -17.71 34.54
C GLU C 15 -7.08 -16.22 34.81
N VAL C 16 -7.86 -15.40 34.10
CA VAL C 16 -7.79 -13.95 34.29
C VAL C 16 -8.81 -13.49 35.33
N PRO C 17 -8.35 -12.71 36.33
CA PRO C 17 -9.27 -12.23 37.37
C PRO C 17 -10.17 -11.11 36.86
N THR C 18 -11.42 -11.14 37.30
CA THR C 18 -12.39 -10.14 36.91
C THR C 18 -12.51 -9.07 38.00
N GLU C 19 -12.53 -7.82 37.59
CA GLU C 19 -12.70 -6.74 38.55
C GLU C 19 -14.02 -6.07 38.20
N VAL C 20 -14.95 -6.08 39.16
CA VAL C 20 -16.25 -5.48 38.95
C VAL C 20 -16.27 -4.05 39.48
N VAL C 21 -16.75 -3.13 38.65
CA VAL C 21 -16.82 -1.73 39.04
C VAL C 21 -18.25 -1.26 38.93
N GLU C 22 -18.80 -0.76 40.04
CA GLU C 22 -20.15 -0.25 40.03
C GLU C 22 -20.10 1.27 40.00
N THR C 23 -20.90 1.85 39.12
CA THR C 23 -20.93 3.30 38.98
C THR C 23 -22.28 3.69 38.43
N ASP C 24 -22.55 4.98 38.38
CA ASP C 24 -23.82 5.44 37.84
C ASP C 24 -23.60 5.84 36.39
N ILE C 25 -22.63 6.71 36.17
CA ILE C 25 -22.32 7.19 34.83
C ILE C 25 -20.95 6.68 34.39
N LEU C 26 -20.93 5.98 33.26
CA LEU C 26 -19.71 5.44 32.70
C LEU C 26 -19.45 6.16 31.38
N ILE C 27 -18.27 6.76 31.28
CA ILE C 27 -17.86 7.48 30.08
C ILE C 27 -16.74 6.66 29.45
N ILE C 28 -16.98 6.20 28.23
CA ILE C 28 -15.99 5.39 27.54
C ILE C 28 -15.21 6.26 26.56
N GLY C 29 -13.96 6.56 26.94
CA GLY C 29 -13.10 7.39 26.11
C GLY C 29 -12.77 8.67 26.84
N GLY C 30 -11.48 8.90 27.09
CA GLY C 30 -11.07 10.11 27.80
C GLY C 30 -10.43 11.17 26.92
N GLY C 31 -11.01 11.39 25.74
CA GLY C 31 -10.47 12.40 24.84
C GLY C 31 -11.13 13.74 25.13
N PHE C 32 -11.39 14.53 24.09
CA PHE C 32 -12.02 15.82 24.32
C PHE C 32 -13.49 15.78 24.71
N SER C 33 -14.30 14.97 24.04
CA SER C 33 -15.71 14.90 24.40
C SER C 33 -15.84 14.19 25.75
N GLY C 34 -15.03 13.15 25.94
CA GLY C 34 -15.06 12.41 27.19
C GLY C 34 -14.69 13.26 28.40
N CYS C 35 -13.62 14.04 28.29
CA CYS C 35 -13.20 14.90 29.38
C CYS C 35 -14.28 15.95 29.64
N GLY C 36 -14.96 16.36 28.58
CA GLY C 36 -16.04 17.33 28.71
C GLY C 36 -17.19 16.72 29.49
N ALA C 37 -17.48 15.45 29.21
CA ALA C 37 -18.56 14.75 29.90
C ALA C 37 -18.22 14.49 31.37
N ALA C 38 -16.95 14.18 31.63
CA ALA C 38 -16.51 13.91 33.00
C ALA C 38 -16.58 15.18 33.84
N TYR C 39 -16.11 16.27 33.24
CA TYR C 39 -16.11 17.57 33.88
C TYR C 39 -17.51 18.01 34.30
N GLU C 40 -18.43 18.03 33.33
CA GLU C 40 -19.80 18.45 33.59
C GLU C 40 -20.57 17.49 34.49
N ALA C 41 -20.38 16.20 34.29
CA ALA C 41 -21.06 15.19 35.09
C ALA C 41 -20.70 15.37 36.56
N ALA C 42 -19.43 15.61 36.83
CA ALA C 42 -18.95 15.80 38.18
C ALA C 42 -19.67 16.94 38.90
N TYR C 43 -20.11 17.94 38.13
CA TYR C 43 -20.81 19.08 38.69
C TYR C 43 -22.22 18.74 39.15
N TRP C 44 -23.01 18.13 38.26
CA TRP C 44 -24.40 17.81 38.60
C TRP C 44 -24.58 16.55 39.45
N ALA C 45 -23.69 15.58 39.27
CA ALA C 45 -23.76 14.32 40.01
C ALA C 45 -24.01 14.50 41.51
N LYS C 46 -23.57 15.63 42.05
CA LYS C 46 -23.72 15.94 43.46
C LYS C 46 -25.18 15.97 43.90
N LEU C 47 -26.09 16.34 42.99
CA LEU C 47 -27.50 16.40 43.32
C LEU C 47 -28.04 15.06 43.80
N GLY C 48 -27.37 13.97 43.42
CA GLY C 48 -27.82 12.66 43.83
C GLY C 48 -26.70 11.79 44.35
N GLY C 49 -25.55 12.40 44.63
CA GLY C 49 -24.42 11.65 45.13
C GLY C 49 -24.07 10.55 44.15
N LEU C 50 -24.22 10.85 42.86
CA LEU C 50 -23.94 9.88 41.82
C LEU C 50 -22.46 9.66 41.61
N LYS C 51 -22.12 8.47 41.18
CA LYS C 51 -20.73 8.14 40.92
C LYS C 51 -20.49 8.25 39.41
N VAL C 52 -19.38 8.88 39.04
CA VAL C 52 -18.99 9.05 37.64
C VAL C 52 -17.67 8.32 37.39
N THR C 53 -17.61 7.52 36.34
CA THR C 53 -16.41 6.76 36.01
C THR C 53 -15.94 7.02 34.59
N LEU C 54 -14.64 7.27 34.44
CA LEU C 54 -14.05 7.51 33.12
C LEU C 54 -13.04 6.41 32.82
N VAL C 55 -13.26 5.70 31.72
CA VAL C 55 -12.38 4.63 31.31
C VAL C 55 -11.73 5.05 29.99
N GLU C 56 -10.41 4.98 29.95
CA GLU C 56 -9.63 5.36 28.77
C GLU C 56 -8.66 4.23 28.45
N LYS C 57 -8.53 3.88 27.17
CA LYS C 57 -7.61 2.81 26.78
C LYS C 57 -6.14 3.20 26.93
N ALA C 58 -5.87 4.50 26.86
CA ALA C 58 -4.50 5.01 27.00
C ALA C 58 -4.33 5.84 28.28
N ALA C 59 -3.76 7.03 28.16
CA ALA C 59 -3.57 7.93 29.30
C ALA C 59 -4.18 9.28 28.93
N VAL C 60 -5.21 9.68 29.67
CA VAL C 60 -5.92 10.92 29.42
C VAL C 60 -5.04 12.14 29.16
N GLU C 61 -3.87 12.19 29.78
CA GLU C 61 -2.97 13.34 29.60
C GLU C 61 -2.71 13.68 28.13
N ARG C 62 -2.59 12.66 27.27
CA ARG C 62 -2.32 12.90 25.86
C ARG C 62 -3.15 12.06 24.89
N SER C 63 -4.11 11.29 25.41
CA SER C 63 -4.91 10.41 24.56
C SER C 63 -5.83 11.11 23.55
N GLY C 64 -6.06 10.44 22.43
CA GLY C 64 -6.95 10.98 21.41
C GLY C 64 -6.34 11.87 20.34
N ALA C 65 -7.23 12.51 19.58
CA ALA C 65 -6.86 13.38 18.47
C ALA C 65 -6.02 14.60 18.81
N VAL C 66 -6.00 14.99 20.08
CA VAL C 66 -5.26 16.18 20.49
C VAL C 66 -3.93 15.87 21.19
N ALA C 67 -3.40 14.67 20.93
CA ALA C 67 -2.14 14.25 21.53
C ALA C 67 -0.97 15.23 21.28
N GLN C 68 -0.89 15.78 20.09
CA GLN C 68 0.20 16.71 19.77
C GLN C 68 -0.19 18.14 20.12
N GLY C 69 -1.47 18.36 20.39
CA GLY C 69 -1.95 19.70 20.68
C GLY C 69 -2.62 20.15 19.39
N LEU C 70 -3.17 21.36 19.39
CA LEU C 70 -3.82 21.88 18.18
C LEU C 70 -3.36 23.32 17.99
N SER C 71 -3.39 23.80 16.74
CA SER C 71 -2.95 25.16 16.48
C SER C 71 -4.12 26.15 16.52
N ALA C 72 -5.33 25.63 16.70
CA ALA C 72 -6.49 26.49 16.76
C ALA C 72 -7.71 25.81 17.39
N ILE C 73 -8.73 26.63 17.68
CA ILE C 73 -9.99 26.15 18.21
C ILE C 73 -10.90 26.48 17.02
N ASN C 74 -11.38 25.45 16.35
CA ASN C 74 -12.20 25.63 15.15
C ASN C 74 -13.63 26.10 15.32
N THR C 75 -14.14 26.10 16.54
CA THR C 75 -15.49 26.57 16.77
C THR C 75 -15.60 27.54 17.95
N TYR C 76 -15.77 28.81 17.61
CA TYR C 76 -15.93 29.87 18.58
C TYR C 76 -16.81 30.91 17.89
N ILE C 77 -18.07 30.99 18.31
CA ILE C 77 -19.02 31.91 17.71
C ILE C 77 -18.67 33.38 17.97
N ASP C 78 -18.49 33.70 19.24
CA ASP C 78 -18.19 35.05 19.72
C ASP C 78 -19.45 35.90 19.63
N LEU C 79 -20.24 35.84 20.69
CA LEU C 79 -21.49 36.57 20.76
C LEU C 79 -21.35 37.96 21.40
N THR C 80 -20.19 38.25 21.98
CA THR C 80 -19.99 39.54 22.64
C THR C 80 -18.83 40.39 22.13
N GLY C 81 -17.98 39.82 21.28
CA GLY C 81 -16.87 40.59 20.76
C GLY C 81 -15.51 40.40 21.41
N ARG C 82 -15.20 39.18 21.83
CA ARG C 82 -13.89 38.92 22.45
C ARG C 82 -12.85 38.60 21.38
N SER C 83 -13.30 38.35 20.16
CA SER C 83 -12.40 38.04 19.06
C SER C 83 -12.47 39.14 18.02
N GLU C 84 -11.67 39.00 16.97
CA GLU C 84 -11.64 39.97 15.89
C GLU C 84 -12.92 39.95 15.07
N ARG C 85 -13.77 38.95 15.30
CA ARG C 85 -15.02 38.84 14.56
C ARG C 85 -16.15 38.18 15.32
N GLN C 86 -17.24 38.92 15.51
CA GLN C 86 -18.42 38.42 16.20
C GLN C 86 -19.33 37.75 15.17
N ASN C 87 -20.09 36.74 15.60
CA ASN C 87 -21.00 36.04 14.70
C ASN C 87 -22.32 35.76 15.42
N THR C 88 -23.34 35.36 14.66
CA THR C 88 -24.63 35.03 15.26
C THR C 88 -24.82 33.52 15.15
N LEU C 89 -25.65 32.95 16.03
CA LEU C 89 -25.93 31.53 16.02
C LEU C 89 -26.65 31.09 14.74
N GLU C 90 -27.60 31.91 14.27
CA GLU C 90 -28.34 31.58 13.06
C GLU C 90 -27.39 31.47 11.87
N ASP C 91 -26.44 32.40 11.81
CA ASP C 91 -25.46 32.41 10.73
C ASP C 91 -24.63 31.14 10.77
N TYR C 92 -24.34 30.67 11.98
CA TYR C 92 -23.54 29.46 12.16
C TYR C 92 -24.29 28.19 11.74
N VAL C 93 -25.54 28.07 12.19
CA VAL C 93 -26.35 26.91 11.84
C VAL C 93 -26.47 26.83 10.32
N ARG C 94 -26.74 27.97 9.67
CA ARG C 94 -26.85 28.01 8.22
C ARG C 94 -25.55 27.51 7.61
N TYR C 95 -24.44 28.09 8.05
CA TYR C 95 -23.10 27.71 7.59
C TYR C 95 -22.87 26.22 7.62
N VAL C 96 -23.22 25.58 8.73
CA VAL C 96 -23.02 24.15 8.84
C VAL C 96 -23.91 23.35 7.91
N THR C 97 -25.20 23.69 7.85
CA THR C 97 -26.12 22.96 6.98
C THR C 97 -25.74 23.06 5.51
N LEU C 98 -25.31 24.24 5.08
CA LEU C 98 -24.92 24.40 3.69
C LEU C 98 -23.64 23.62 3.40
N ASP C 99 -22.72 23.60 4.36
CA ASP C 99 -21.47 22.87 4.20
C ASP C 99 -21.73 21.37 4.10
N MET C 100 -22.77 20.91 4.79
CA MET C 100 -23.14 19.50 4.76
C MET C 100 -24.02 19.21 3.55
N MET C 101 -24.05 20.14 2.60
CA MET C 101 -24.85 20.00 1.39
C MET C 101 -26.35 19.91 1.70
N GLY C 102 -26.79 20.67 2.70
CA GLY C 102 -28.19 20.68 3.05
C GLY C 102 -28.70 19.72 4.10
N LEU C 103 -27.84 18.87 4.62
CA LEU C 103 -28.27 17.90 5.63
C LEU C 103 -27.51 18.00 6.95
N ALA C 104 -28.23 18.36 8.01
CA ALA C 104 -27.66 18.49 9.34
C ALA C 104 -28.77 18.64 10.35
N ARG C 105 -28.61 18.03 11.52
CA ARG C 105 -29.61 18.14 12.59
C ARG C 105 -29.41 19.50 13.25
N GLU C 106 -30.08 20.51 12.70
CA GLU C 106 -29.97 21.87 13.20
C GLU C 106 -30.31 22.05 14.68
N ASP C 107 -31.14 21.15 15.21
CA ASP C 107 -31.49 21.24 16.63
C ASP C 107 -30.25 20.88 17.47
N LEU C 108 -29.45 19.94 16.98
CA LEU C 108 -28.24 19.53 17.67
C LEU C 108 -27.10 20.53 17.45
N VAL C 109 -27.00 21.03 16.22
CA VAL C 109 -25.96 21.99 15.87
C VAL C 109 -26.14 23.31 16.64
N ALA C 110 -27.37 23.84 16.64
CA ALA C 110 -27.62 25.08 17.35
C ALA C 110 -27.40 24.86 18.85
N ASP C 111 -27.74 23.65 19.31
CA ASP C 111 -27.59 23.34 20.72
C ASP C 111 -26.14 23.43 21.20
N TYR C 112 -25.21 22.80 20.49
CA TYR C 112 -23.82 22.87 20.93
C TYR C 112 -23.24 24.26 20.71
N ALA C 113 -23.66 24.91 19.63
CA ALA C 113 -23.18 26.25 19.30
C ALA C 113 -23.57 27.29 20.36
N ARG C 114 -24.73 27.15 20.98
CA ARG C 114 -25.13 28.13 21.98
C ARG C 114 -24.40 27.89 23.31
N HIS C 115 -23.68 26.79 23.40
CA HIS C 115 -22.94 26.44 24.62
C HIS C 115 -21.41 26.51 24.45
N VAL C 116 -20.93 26.30 23.23
CA VAL C 116 -19.51 26.25 22.95
C VAL C 116 -18.60 27.40 23.43
N ASP C 117 -19.02 28.65 23.24
CA ASP C 117 -18.20 29.79 23.67
C ASP C 117 -17.84 29.73 25.16
N GLY C 118 -18.78 29.25 25.98
CA GLY C 118 -18.54 29.15 27.40
C GLY C 118 -17.41 28.17 27.69
N THR C 119 -17.36 27.10 26.91
CA THR C 119 -16.33 26.09 27.03
C THR C 119 -14.97 26.67 26.66
N VAL C 120 -14.95 27.49 25.62
CA VAL C 120 -13.70 28.11 25.17
C VAL C 120 -13.17 29.06 26.22
N HIS C 121 -14.08 29.84 26.81
CA HIS C 121 -13.72 30.80 27.85
C HIS C 121 -13.12 30.10 29.05
N LEU C 122 -13.65 28.92 29.36
CA LEU C 122 -13.13 28.14 30.47
C LEU C 122 -11.73 27.66 30.11
N PHE C 123 -11.56 27.24 28.86
CA PHE C 123 -10.27 26.75 28.38
C PHE C 123 -9.20 27.81 28.62
N GLU C 124 -9.54 29.07 28.36
CA GLU C 124 -8.56 30.14 28.58
C GLU C 124 -8.35 30.38 30.07
N LYS C 125 -9.42 30.28 30.85
CA LYS C 125 -9.33 30.48 32.28
C LYS C 125 -8.41 29.44 32.90
N TRP C 126 -8.40 28.24 32.31
CA TRP C 126 -7.58 27.14 32.79
C TRP C 126 -6.12 27.18 32.36
N GLY C 127 -5.75 28.16 31.54
CA GLY C 127 -4.36 28.25 31.12
C GLY C 127 -4.04 28.14 29.65
N LEU C 128 -5.03 27.87 28.81
CA LEU C 128 -4.78 27.76 27.38
C LEU C 128 -4.42 29.13 26.82
N PRO C 129 -3.24 29.25 26.20
CA PRO C 129 -2.77 30.52 25.63
C PRO C 129 -3.42 30.80 24.28
N ILE C 130 -4.30 31.78 24.23
CA ILE C 130 -4.96 32.12 22.98
C ILE C 130 -4.27 33.30 22.32
N TRP C 131 -4.01 33.19 21.02
CA TRP C 131 -3.37 34.28 20.29
C TRP C 131 -4.21 35.53 20.46
N LYS C 132 -3.55 36.63 20.77
CA LYS C 132 -4.28 37.88 20.91
C LYS C 132 -3.64 39.03 20.17
N THR C 133 -4.48 39.97 19.75
CA THR C 133 -4.06 41.16 19.02
C THR C 133 -3.57 42.19 20.05
N PRO C 134 -2.89 43.25 19.59
CA PRO C 134 -2.41 44.27 20.54
C PRO C 134 -3.55 44.81 21.41
N ASP C 135 -4.76 44.84 20.86
CA ASP C 135 -5.93 45.33 21.58
C ASP C 135 -6.50 44.29 22.56
N GLY C 136 -5.95 43.09 22.53
CA GLY C 136 -6.42 42.05 23.43
C GLY C 136 -7.54 41.13 22.92
N LYS C 137 -7.79 41.16 21.62
CA LYS C 137 -8.83 40.31 21.03
C LYS C 137 -8.26 38.97 20.55
N TYR C 138 -9.08 37.93 20.63
CA TYR C 138 -8.71 36.59 20.18
C TYR C 138 -8.45 36.70 18.67
N VAL C 139 -7.29 36.27 18.21
CA VAL C 139 -6.98 36.32 16.79
C VAL C 139 -7.80 35.29 16.02
N ARG C 140 -8.54 35.76 15.03
CA ARG C 140 -9.35 34.90 14.19
C ARG C 140 -8.50 34.25 13.11
N GLU C 141 -8.84 33.03 12.73
CA GLU C 141 -8.13 32.34 11.66
C GLU C 141 -9.03 32.64 10.48
N GLY C 142 -10.22 32.07 10.50
CA GLY C 142 -11.22 32.30 9.48
C GLY C 142 -12.34 33.00 10.22
N GLN C 143 -13.59 32.74 9.83
CA GLN C 143 -14.71 33.37 10.51
C GLN C 143 -15.11 32.67 11.82
N TRP C 144 -14.92 31.36 11.90
CA TRP C 144 -15.31 30.61 13.08
C TRP C 144 -14.22 30.08 13.98
N GLN C 145 -12.96 30.24 13.58
CA GLN C 145 -11.86 29.72 14.38
C GLN C 145 -10.95 30.80 14.96
N ILE C 146 -10.22 30.45 16.03
CA ILE C 146 -9.27 31.36 16.66
C ILE C 146 -7.93 30.63 16.87
N MET C 147 -6.84 31.37 16.70
CA MET C 147 -5.50 30.78 16.84
C MET C 147 -5.09 30.61 18.30
N ILE C 148 -4.51 29.46 18.62
CA ILE C 148 -4.08 29.20 19.99
C ILE C 148 -2.70 28.58 20.03
N HIS C 149 -1.99 28.81 21.13
CA HIS C 149 -0.68 28.20 21.33
C HIS C 149 -1.13 26.95 22.07
N GLY C 150 -1.57 25.95 21.32
CA GLY C 150 -2.11 24.75 21.95
C GLY C 150 -1.33 23.47 22.10
N GLU C 151 -0.02 23.54 22.27
CA GLU C 151 0.78 22.33 22.42
C GLU C 151 0.29 21.47 23.58
N SER C 152 -0.08 22.11 24.69
CA SER C 152 -0.56 21.39 25.88
C SER C 152 -2.08 21.41 26.02
N TYR C 153 -2.77 21.59 24.90
CA TYR C 153 -4.23 21.66 24.88
C TYR C 153 -4.91 20.47 25.58
N LYS C 154 -4.46 19.26 25.31
CA LYS C 154 -5.02 18.06 25.94
C LYS C 154 -4.63 17.94 27.43
N PRO C 155 -3.34 18.10 27.75
CA PRO C 155 -2.94 18.00 29.15
C PRO C 155 -3.73 18.96 30.04
N ILE C 156 -4.06 20.14 29.49
CA ILE C 156 -4.83 21.13 30.23
C ILE C 156 -6.27 20.64 30.44
N ILE C 157 -6.90 20.19 29.37
CA ILE C 157 -8.26 19.68 29.45
C ILE C 157 -8.29 18.41 30.29
N ALA C 158 -7.19 17.67 30.30
CA ALA C 158 -7.10 16.45 31.08
C ALA C 158 -7.07 16.79 32.56
N GLU C 159 -6.32 17.85 32.90
CA GLU C 159 -6.21 18.29 34.29
C GLU C 159 -7.58 18.74 34.83
N ALA C 160 -8.33 19.47 34.02
CA ALA C 160 -9.65 19.93 34.44
C ALA C 160 -10.54 18.74 34.76
N ALA C 161 -10.60 17.78 33.84
CA ALA C 161 -11.43 16.59 34.02
C ALA C 161 -11.02 15.79 35.26
N LYS C 162 -9.71 15.67 35.49
CA LYS C 162 -9.20 14.95 36.65
C LYS C 162 -9.59 15.67 37.95
N MET C 163 -9.41 16.99 37.98
CA MET C 163 -9.75 17.76 39.17
C MET C 163 -11.23 17.62 39.45
N ALA C 164 -12.03 17.60 38.40
CA ALA C 164 -13.48 17.50 38.52
C ALA C 164 -13.99 16.14 38.99
N VAL C 165 -13.60 15.09 38.29
CA VAL C 165 -14.08 13.75 38.65
C VAL C 165 -13.24 13.02 39.70
N GLY C 166 -11.97 13.38 39.81
CA GLY C 166 -11.11 12.70 40.79
C GLY C 166 -10.38 11.53 40.15
N GLU C 167 -9.07 11.45 40.40
CA GLU C 167 -8.24 10.38 39.85
C GLU C 167 -8.69 8.96 40.17
N GLU C 168 -9.29 8.75 41.32
CA GLU C 168 -9.72 7.41 41.68
C GLU C 168 -10.91 6.93 40.85
N ASN C 169 -11.47 7.84 40.06
CA ASN C 169 -12.60 7.51 39.20
C ASN C 169 -12.19 7.41 37.74
N ILE C 170 -10.87 7.46 37.51
CA ILE C 170 -10.33 7.37 36.18
C ILE C 170 -9.54 6.08 35.98
N TYR C 171 -9.99 5.26 35.04
CA TYR C 171 -9.32 4.00 34.71
C TYR C 171 -8.61 4.13 33.37
N GLU C 172 -7.27 4.13 33.42
CA GLU C 172 -6.47 4.24 32.20
C GLU C 172 -5.88 2.88 31.80
N ARG C 173 -5.56 2.74 30.52
CA ARG C 173 -5.01 1.51 29.96
C ARG C 173 -5.99 0.33 30.08
N VAL C 174 -7.27 0.64 29.92
CA VAL C 174 -8.31 -0.37 29.93
C VAL C 174 -9.10 -0.21 28.63
N PHE C 175 -9.18 -1.27 27.86
CA PHE C 175 -9.86 -1.24 26.57
C PHE C 175 -11.27 -1.79 26.62
N ILE C 176 -12.25 -0.95 26.32
CA ILE C 176 -13.65 -1.37 26.29
C ILE C 176 -13.93 -1.92 24.90
N PHE C 177 -14.35 -3.19 24.82
CA PHE C 177 -14.61 -3.82 23.53
C PHE C 177 -16.07 -4.15 23.27
N GLU C 178 -16.91 -4.05 24.30
CA GLU C 178 -18.32 -4.36 24.11
C GLU C 178 -19.20 -3.81 25.23
N LEU C 179 -20.46 -3.53 24.91
CA LEU C 179 -21.40 -3.02 25.89
C LEU C 179 -22.19 -4.16 26.53
N LEU C 180 -22.83 -3.85 27.65
CA LEU C 180 -23.67 -4.82 28.35
C LEU C 180 -25.08 -4.21 28.36
N LYS C 181 -26.09 -5.02 28.04
CA LYS C 181 -27.45 -4.54 28.02
C LYS C 181 -28.25 -5.07 29.19
N ASP C 182 -29.38 -4.44 29.48
CA ASP C 182 -30.23 -4.88 30.58
C ASP C 182 -30.82 -6.26 30.32
N ASN C 183 -30.56 -7.15 31.26
CA ASN C 183 -31.04 -8.52 31.22
C ASN C 183 -32.57 -8.58 31.02
N ASN C 184 -33.28 -7.58 31.53
CA ASN C 184 -34.74 -7.57 31.41
C ASN C 184 -35.33 -6.54 30.46
N ASP C 185 -34.47 -5.91 29.68
CA ASP C 185 -34.91 -4.92 28.68
C ASP C 185 -33.90 -4.94 27.54
N PRO C 186 -34.27 -5.53 26.40
CA PRO C 186 -33.39 -5.62 25.23
C PRO C 186 -33.00 -4.28 24.58
N ASN C 187 -33.54 -3.18 25.07
CA ASN C 187 -33.19 -1.88 24.50
C ASN C 187 -32.72 -0.87 25.53
N ALA C 188 -32.04 -1.38 26.56
CA ALA C 188 -31.49 -0.52 27.62
C ALA C 188 -30.07 -1.02 27.94
N VAL C 189 -29.15 -0.07 28.12
CA VAL C 189 -27.77 -0.41 28.43
C VAL C 189 -27.59 -0.68 29.93
N ALA C 190 -26.63 -1.52 30.28
CA ALA C 190 -26.39 -1.86 31.68
C ALA C 190 -24.93 -1.71 32.11
N GLY C 191 -24.05 -1.45 31.15
CA GLY C 191 -22.65 -1.28 31.47
C GLY C 191 -21.76 -1.59 30.29
N ALA C 192 -20.60 -2.18 30.54
CA ALA C 192 -19.67 -2.51 29.48
C ALA C 192 -18.54 -3.40 29.99
N VAL C 193 -17.89 -4.10 29.07
CA VAL C 193 -16.78 -4.97 29.45
C VAL C 193 -15.51 -4.54 28.74
N GLY C 194 -14.37 -4.78 29.39
CA GLY C 194 -13.10 -4.43 28.81
C GLY C 194 -11.98 -5.21 29.47
N PHE C 195 -10.75 -4.90 29.09
CA PHE C 195 -9.60 -5.57 29.67
C PHE C 195 -8.40 -4.62 29.74
N SER C 196 -7.51 -4.89 30.68
CA SER C 196 -6.31 -4.09 30.85
C SER C 196 -5.32 -4.46 29.77
N VAL C 197 -4.46 -3.52 29.40
CA VAL C 197 -3.44 -3.79 28.40
C VAL C 197 -2.09 -3.71 29.09
N ARG C 198 -2.13 -3.73 30.41
CA ARG C 198 -0.92 -3.66 31.24
C ARG C 198 -0.81 -4.87 32.16
N GLU C 199 -1.91 -5.59 32.34
CA GLU C 199 -1.92 -6.77 33.20
C GLU C 199 -3.12 -7.64 32.85
N PRO C 200 -3.15 -8.88 33.36
CA PRO C 200 -4.28 -9.79 33.09
C PRO C 200 -5.46 -9.47 33.99
N LYS C 201 -6.36 -8.63 33.51
CA LYS C 201 -7.53 -8.25 34.29
C LYS C 201 -8.70 -7.87 33.40
N PHE C 202 -9.80 -8.58 33.60
CA PHE C 202 -11.04 -8.40 32.86
C PHE C 202 -11.94 -7.47 33.66
N TYR C 203 -12.42 -6.42 33.02
CA TYR C 203 -13.29 -5.46 33.69
C TYR C 203 -14.76 -5.60 33.34
N VAL C 204 -15.60 -5.43 34.34
CA VAL C 204 -17.05 -5.48 34.17
C VAL C 204 -17.62 -4.22 34.81
N PHE C 205 -18.01 -3.26 33.98
CA PHE C 205 -18.58 -2.02 34.49
C PHE C 205 -20.10 -2.09 34.48
N LYS C 206 -20.71 -1.86 35.63
CA LYS C 206 -22.16 -1.86 35.75
C LYS C 206 -22.54 -0.39 35.89
N ALA C 207 -23.37 0.11 34.99
CA ALA C 207 -23.77 1.51 35.05
C ALA C 207 -25.21 1.73 34.66
N LYS C 208 -25.76 2.88 35.04
CA LYS C 208 -27.13 3.22 34.73
C LYS C 208 -27.18 4.02 33.44
N ALA C 209 -26.09 4.72 33.14
CA ALA C 209 -25.99 5.48 31.91
C ALA C 209 -24.57 5.29 31.36
N VAL C 210 -24.48 5.10 30.05
CA VAL C 210 -23.18 4.93 29.41
C VAL C 210 -23.03 5.98 28.33
N ILE C 211 -21.86 6.63 28.30
CA ILE C 211 -21.60 7.67 27.31
C ILE C 211 -20.46 7.28 26.38
N LEU C 212 -20.77 7.09 25.12
CA LEU C 212 -19.80 6.72 24.11
C LEU C 212 -18.98 7.92 23.65
N ALA C 213 -17.70 7.95 24.02
CA ALA C 213 -16.81 9.05 23.66
C ALA C 213 -15.47 8.49 23.15
N THR C 214 -15.54 7.49 22.28
CA THR C 214 -14.34 6.84 21.76
C THR C 214 -13.68 7.48 20.54
N GLY C 215 -14.23 8.58 20.05
CA GLY C 215 -13.66 9.18 18.86
C GLY C 215 -14.14 8.41 17.65
N GLY C 216 -13.72 8.84 16.45
CA GLY C 216 -14.15 8.18 15.24
C GLY C 216 -13.41 6.90 14.87
N ALA C 217 -13.29 6.66 13.57
CA ALA C 217 -12.62 5.47 13.06
C ALA C 217 -11.63 5.78 11.94
N THR C 218 -10.38 5.38 12.14
CA THR C 218 -9.35 5.61 11.13
C THR C 218 -8.75 4.25 10.76
N LEU C 219 -7.98 4.23 9.68
CA LEU C 219 -7.35 3.01 9.17
C LEU C 219 -8.30 1.97 8.58
N LEU C 220 -9.54 2.36 8.32
CA LEU C 220 -10.49 1.45 7.69
C LEU C 220 -10.07 1.32 6.23
N PHE C 221 -9.55 2.43 5.68
CA PHE C 221 -9.08 2.48 4.30
C PHE C 221 -7.56 2.51 4.23
N ARG C 222 -7.01 1.99 3.13
CA ARG C 222 -5.57 1.98 2.92
C ARG C 222 -5.09 3.42 2.73
N PRO C 223 -4.14 3.88 3.55
CA PRO C 223 -3.57 5.24 3.49
C PRO C 223 -2.76 5.43 2.21
N ARG C 224 -2.23 6.63 2.00
CA ARG C 224 -1.42 6.90 0.81
C ARG C 224 0.01 6.38 1.00
N SER C 225 0.31 5.96 2.22
CA SER C 225 1.61 5.39 2.55
C SER C 225 1.29 4.08 3.27
N THR C 226 1.94 3.00 2.85
CA THR C 226 1.68 1.69 3.43
C THR C 226 2.78 1.04 4.27
N GLY C 227 3.97 1.64 4.29
CA GLY C 227 5.06 1.07 5.08
C GLY C 227 4.96 1.56 6.51
N GLU C 228 6.01 2.20 7.02
CA GLU C 228 5.98 2.74 8.37
C GLU C 228 4.90 3.80 8.42
N ALA C 229 4.84 4.60 7.35
CA ALA C 229 3.88 5.70 7.27
C ALA C 229 2.42 5.23 7.24
N ALA C 230 2.20 3.94 7.45
CA ALA C 230 0.84 3.43 7.52
C ALA C 230 0.30 4.07 8.79
N GLY C 231 1.22 4.51 9.64
CA GLY C 231 0.86 5.13 10.90
C GLY C 231 0.57 6.61 10.76
N ARG C 232 0.89 7.20 9.61
CA ARG C 232 0.63 8.62 9.39
C ARG C 232 -0.73 8.88 8.77
N THR C 233 -1.76 8.92 9.60
CA THR C 233 -3.11 9.22 9.14
C THR C 233 -3.36 10.64 9.63
N TRP C 234 -4.08 11.45 8.86
CA TRP C 234 -4.35 12.80 9.30
C TRP C 234 -5.11 12.74 10.62
N TYR C 235 -6.20 11.98 10.65
CA TYR C 235 -6.97 11.91 11.87
C TYR C 235 -6.32 10.95 12.87
N ALA C 236 -6.81 10.97 14.10
CA ALA C 236 -6.27 10.13 15.17
C ALA C 236 -6.22 8.63 14.86
N ILE C 237 -5.00 8.11 14.72
CA ILE C 237 -4.83 6.70 14.45
C ILE C 237 -5.33 5.91 15.68
N PHE C 238 -5.41 6.59 16.82
CA PHE C 238 -5.86 5.97 18.07
C PHE C 238 -7.36 5.65 18.06
N ASP C 239 -8.15 6.36 17.27
CA ASP C 239 -9.58 6.11 17.23
C ASP C 239 -9.89 5.09 16.14
N THR C 240 -10.46 3.95 16.53
CA THR C 240 -10.77 2.87 15.59
C THR C 240 -12.24 2.46 15.53
N GLY C 241 -13.14 3.39 15.81
CA GLY C 241 -14.56 3.07 15.76
C GLY C 241 -15.10 2.15 16.85
N SER C 242 -14.52 2.20 18.03
CA SER C 242 -14.98 1.35 19.11
C SER C 242 -16.43 1.70 19.50
N GLY C 243 -16.73 2.99 19.60
CA GLY C 243 -18.07 3.40 19.97
C GLY C 243 -19.08 2.94 18.94
N TYR C 244 -18.74 3.10 17.67
CA TYR C 244 -19.61 2.69 16.58
C TYR C 244 -19.97 1.21 16.71
N TYR C 245 -18.95 0.39 16.94
CA TYR C 245 -19.14 -1.05 17.08
C TYR C 245 -20.05 -1.44 18.24
N MET C 246 -19.65 -1.12 19.46
CA MET C 246 -20.45 -1.51 20.62
C MET C 246 -21.84 -0.90 20.61
N GLY C 247 -21.95 0.33 20.12
CA GLY C 247 -23.25 0.98 20.07
C GLY C 247 -24.14 0.30 19.04
N LEU C 248 -23.63 0.09 17.84
CA LEU C 248 -24.46 -0.54 16.82
C LEU C 248 -24.78 -1.97 17.21
N LYS C 249 -23.82 -2.66 17.81
CA LYS C 249 -24.10 -4.03 18.23
C LYS C 249 -25.24 -4.04 19.25
N ALA C 250 -25.31 -3.02 20.10
CA ALA C 250 -26.36 -2.96 21.11
C ALA C 250 -27.72 -2.63 20.52
N GLY C 251 -27.74 -2.19 19.27
CA GLY C 251 -28.99 -1.86 18.62
C GLY C 251 -29.27 -0.38 18.55
N ALA C 252 -28.27 0.44 18.88
CA ALA C 252 -28.42 1.88 18.82
C ALA C 252 -28.35 2.25 17.33
N MET C 253 -29.28 3.07 16.88
CA MET C 253 -29.33 3.45 15.48
C MET C 253 -28.25 4.43 15.04
N LEU C 254 -27.68 4.15 13.87
CA LEU C 254 -26.64 5.00 13.28
C LEU C 254 -27.29 5.97 12.31
N THR C 255 -26.57 7.04 11.98
CA THR C 255 -27.07 8.02 11.03
C THR C 255 -25.97 8.59 10.16
N GLN C 256 -26.31 8.93 8.92
CA GLN C 256 -25.35 9.52 7.99
C GLN C 256 -23.99 8.82 8.01
N PHE C 257 -24.00 7.51 8.26
CA PHE C 257 -22.76 6.77 8.31
C PHE C 257 -22.05 6.69 6.97
N GLU C 258 -22.74 7.10 5.91
CA GLU C 258 -22.17 7.09 4.57
C GLU C 258 -21.36 8.37 4.41
N HIS C 259 -21.64 9.35 5.25
CA HIS C 259 -20.96 10.64 5.18
C HIS C 259 -19.57 10.60 5.80
N ARG C 260 -18.59 10.15 5.02
CA ARG C 260 -17.22 10.11 5.53
C ARG C 260 -16.65 11.51 5.38
N PHE C 261 -15.37 11.66 5.71
CA PHE C 261 -14.72 12.94 5.55
C PHE C 261 -13.37 12.72 4.91
N ILE C 262 -13.14 13.42 3.80
CA ILE C 262 -11.88 13.34 3.07
C ILE C 262 -11.20 14.69 3.28
N PRO C 263 -10.09 14.71 4.03
CA PRO C 263 -9.41 16.00 4.25
C PRO C 263 -8.34 16.30 3.21
N PHE C 264 -8.30 17.55 2.77
CA PHE C 264 -7.30 18.00 1.82
C PHE C 264 -6.20 18.53 2.73
N ARG C 265 -5.01 17.94 2.66
CA ARG C 265 -3.92 18.37 3.53
C ARG C 265 -2.59 18.40 2.79
N PHE C 266 -1.54 18.83 3.49
CA PHE C 266 -0.20 18.87 2.89
C PHE C 266 0.11 17.43 2.60
N LYS C 267 0.74 17.18 1.46
CA LYS C 267 1.01 15.79 1.07
C LYS C 267 1.91 15.01 2.03
N ASP C 268 1.58 13.74 2.19
CA ASP C 268 2.33 12.78 3.00
C ASP C 268 2.37 12.99 4.52
N GLY C 269 2.71 14.21 4.95
CA GLY C 269 2.77 14.49 6.37
C GLY C 269 1.37 14.80 6.89
N TYR C 270 0.51 15.23 5.98
CA TYR C 270 -0.87 15.58 6.28
C TYR C 270 -1.04 16.76 7.23
N GLY C 271 -0.08 17.69 7.18
CA GLY C 271 -0.18 18.87 8.01
C GLY C 271 -1.46 19.61 7.66
N PRO C 272 -1.95 20.50 8.55
CA PRO C 272 -3.17 21.27 8.34
C PRO C 272 -3.06 22.34 7.27
N VAL C 273 -4.18 22.66 6.63
CA VAL C 273 -4.22 23.70 5.60
C VAL C 273 -5.12 24.85 6.01
N GLY C 274 -5.87 24.67 7.10
CA GLY C 274 -6.78 25.69 7.58
C GLY C 274 -6.16 27.06 7.81
N ALA C 275 -5.09 27.13 8.60
CA ALA C 275 -4.43 28.41 8.85
C ALA C 275 -3.83 28.97 7.57
N TRP C 276 -3.27 28.09 6.74
CA TRP C 276 -2.67 28.54 5.48
C TRP C 276 -3.67 29.19 4.52
N PHE C 277 -4.90 28.66 4.49
CA PHE C 277 -5.94 29.17 3.61
C PHE C 277 -6.64 30.39 4.19
N LEU C 278 -7.00 30.31 5.46
CA LEU C 278 -7.73 31.39 6.13
C LEU C 278 -6.88 32.51 6.74
N PHE C 279 -5.77 32.15 7.37
CA PHE C 279 -4.91 33.13 8.02
C PHE C 279 -3.82 33.69 7.11
N PHE C 280 -3.10 32.83 6.39
CA PHE C 280 -2.02 33.30 5.51
C PHE C 280 -2.43 33.61 4.07
N LYS C 281 -3.71 33.47 3.75
CA LYS C 281 -4.28 33.73 2.43
C LYS C 281 -3.52 32.99 1.33
N CYS C 282 -3.08 31.78 1.65
CA CYS C 282 -2.32 30.92 0.72
C CYS C 282 -3.18 30.43 -0.45
N LYS C 283 -2.60 30.40 -1.65
CA LYS C 283 -3.30 29.95 -2.85
C LYS C 283 -2.90 28.52 -3.17
N ALA C 284 -3.87 27.74 -3.65
CA ALA C 284 -3.62 26.35 -4.05
C ALA C 284 -3.70 26.33 -5.58
N LYS C 285 -2.67 25.79 -6.23
CA LYS C 285 -2.65 25.76 -7.69
C LYS C 285 -2.22 24.39 -8.21
N ASN C 286 -2.62 24.07 -9.44
CA ASN C 286 -2.22 22.79 -10.01
C ASN C 286 -0.78 22.88 -10.53
N ALA C 287 -0.31 21.83 -11.20
CA ALA C 287 1.06 21.82 -11.69
C ALA C 287 1.37 22.96 -12.67
N TYR C 288 0.32 23.57 -13.23
CA TYR C 288 0.51 24.64 -14.19
C TYR C 288 0.15 26.03 -13.66
N GLY C 289 0.35 26.23 -12.36
CA GLY C 289 0.07 27.53 -11.76
C GLY C 289 -1.37 28.00 -11.80
N GLU C 290 -2.30 27.10 -12.08
CA GLU C 290 -3.70 27.47 -12.14
C GLU C 290 -4.41 27.36 -10.80
N GLU C 291 -5.11 28.42 -10.44
CA GLU C 291 -5.86 28.45 -9.19
C GLU C 291 -7.22 27.81 -9.51
N TYR C 292 -7.30 26.50 -9.28
CA TYR C 292 -8.51 25.74 -9.59
C TYR C 292 -9.80 26.13 -8.88
N ILE C 293 -9.73 26.79 -7.73
CA ILE C 293 -10.97 27.21 -7.06
C ILE C 293 -11.69 28.17 -7.98
N LYS C 294 -10.91 28.82 -8.84
CA LYS C 294 -11.43 29.75 -9.82
C LYS C 294 -11.68 29.13 -11.19
N THR C 295 -10.73 28.34 -11.68
CA THR C 295 -10.90 27.69 -12.99
C THR C 295 -11.97 26.59 -12.98
N ARG C 296 -12.33 26.11 -11.79
CA ARG C 296 -13.34 25.07 -11.67
C ARG C 296 -14.62 25.61 -11.03
N ALA C 297 -14.78 26.92 -11.07
CA ALA C 297 -15.96 27.54 -10.47
C ALA C 297 -17.25 27.16 -11.19
N ALA C 298 -17.17 27.00 -12.51
CA ALA C 298 -18.34 26.66 -13.31
C ALA C 298 -18.94 25.31 -12.93
N GLU C 299 -18.07 24.36 -12.60
CA GLU C 299 -18.52 23.01 -12.23
C GLU C 299 -19.35 22.98 -10.95
N LEU C 300 -19.34 24.06 -10.20
CA LEU C 300 -20.10 24.10 -8.95
C LEU C 300 -21.50 24.65 -9.16
N GLU C 301 -21.67 25.41 -10.24
CA GLU C 301 -22.95 26.03 -10.57
C GLU C 301 -24.13 25.06 -10.59
N LYS C 302 -23.89 23.81 -10.97
CA LYS C 302 -24.98 22.84 -11.01
C LYS C 302 -25.56 22.54 -9.64
N TYR C 303 -24.78 22.75 -8.60
CA TYR C 303 -25.28 22.49 -7.26
C TYR C 303 -25.96 23.74 -6.76
N LYS C 304 -27.26 23.62 -6.51
CA LYS C 304 -28.04 24.75 -6.05
C LYS C 304 -28.72 24.50 -4.72
N PRO C 305 -28.57 25.42 -3.76
CA PRO C 305 -27.79 26.65 -3.91
C PRO C 305 -26.37 26.42 -3.42
N TYR C 306 -26.11 25.21 -2.96
CA TYR C 306 -24.81 24.83 -2.42
C TYR C 306 -23.59 25.38 -3.18
N GLY C 307 -23.60 25.28 -4.50
CA GLY C 307 -22.48 25.77 -5.28
C GLY C 307 -22.21 27.26 -5.23
N ALA C 308 -23.19 28.03 -4.74
CA ALA C 308 -23.07 29.48 -4.66
C ALA C 308 -22.84 29.98 -3.24
N ALA C 309 -22.81 29.07 -2.28
CA ALA C 309 -22.59 29.44 -0.90
C ALA C 309 -21.18 29.94 -0.64
N GLN C 310 -21.04 30.71 0.43
CA GLN C 310 -19.74 31.26 0.83
C GLN C 310 -19.56 31.08 2.34
N PRO C 311 -18.52 30.35 2.75
CA PRO C 311 -17.55 29.70 1.86
C PRO C 311 -18.13 28.51 1.09
N ILE C 312 -17.41 28.05 0.07
CA ILE C 312 -17.86 26.92 -0.71
C ILE C 312 -17.88 25.70 0.20
N PRO C 313 -18.94 24.89 0.13
CA PRO C 313 -18.99 23.70 0.99
C PRO C 313 -17.71 22.88 0.82
N THR C 314 -17.23 22.33 1.93
CA THR C 314 -16.01 21.55 1.93
C THR C 314 -15.98 20.45 0.88
N PRO C 315 -17.06 19.66 0.79
CA PRO C 315 -17.02 18.60 -0.22
C PRO C 315 -16.83 19.14 -1.64
N LEU C 316 -17.48 20.26 -1.96
CA LEU C 316 -17.33 20.85 -3.28
C LEU C 316 -15.91 21.39 -3.48
N ARG C 317 -15.28 21.85 -2.42
CA ARG C 317 -13.91 22.35 -2.54
C ARG C 317 -13.05 21.15 -2.94
N ASN C 318 -13.33 20.00 -2.34
CA ASN C 318 -12.60 18.76 -2.64
C ASN C 318 -12.89 18.33 -4.07
N HIS C 319 -14.15 18.52 -4.49
CA HIS C 319 -14.55 18.13 -5.84
C HIS C 319 -13.68 18.81 -6.88
N GLN C 320 -13.37 20.09 -6.66
CA GLN C 320 -12.55 20.85 -7.58
C GLN C 320 -11.14 20.28 -7.68
N VAL C 321 -10.59 19.81 -6.56
CA VAL C 321 -9.27 19.24 -6.60
C VAL C 321 -9.33 17.87 -7.28
N MET C 322 -10.42 17.14 -7.04
CA MET C 322 -10.59 15.82 -7.64
C MET C 322 -10.57 15.93 -9.16
N LEU C 323 -11.27 16.93 -9.69
CA LEU C 323 -11.32 17.13 -11.13
C LEU C 323 -9.92 17.37 -11.67
N GLU C 324 -9.08 18.08 -10.91
CA GLU C 324 -7.71 18.36 -11.32
C GLU C 324 -6.90 17.07 -11.31
N ILE C 325 -7.12 16.26 -10.29
CA ILE C 325 -6.42 14.99 -10.15
C ILE C 325 -6.82 14.04 -11.27
N MET C 326 -8.11 14.03 -11.60
CA MET C 326 -8.61 13.17 -12.68
C MET C 326 -8.08 13.60 -14.05
N ASP C 327 -7.81 14.89 -14.22
CA ASP C 327 -7.27 15.38 -15.48
C ASP C 327 -5.76 15.20 -15.48
N GLY C 328 -5.23 14.79 -14.34
CA GLY C 328 -3.80 14.56 -14.21
C GLY C 328 -2.98 15.84 -14.18
N ASN C 329 -3.49 16.86 -13.46
CA ASN C 329 -2.78 18.13 -13.37
C ASN C 329 -1.98 18.27 -12.08
N GLN C 330 -1.61 17.15 -11.48
CA GLN C 330 -0.81 17.18 -10.26
C GLN C 330 0.65 17.39 -10.65
N PRO C 331 1.50 17.78 -9.69
CA PRO C 331 1.19 17.99 -8.27
C PRO C 331 0.32 19.21 -8.03
N ILE C 332 -0.32 19.22 -6.86
CA ILE C 332 -1.14 20.34 -6.44
C ILE C 332 -0.27 21.02 -5.39
N TYR C 333 -0.13 22.34 -5.47
CA TYR C 333 0.71 23.05 -4.52
C TYR C 333 0.04 24.09 -3.64
N MET C 334 0.53 24.18 -2.41
CA MET C 334 0.08 25.17 -1.45
C MET C 334 1.26 26.14 -1.54
N HIS C 335 1.06 27.28 -2.20
CA HIS C 335 2.13 28.25 -2.36
C HIS C 335 2.40 29.12 -1.15
N THR C 336 2.97 28.49 -0.13
CA THR C 336 3.32 29.13 1.13
C THR C 336 4.33 30.25 0.91
N GLU C 337 5.20 30.06 -0.07
CA GLU C 337 6.24 31.04 -0.38
C GLU C 337 5.63 32.35 -0.81
N GLU C 338 4.63 32.30 -1.67
CA GLU C 338 3.96 33.49 -2.17
C GLU C 338 3.02 34.08 -1.13
N ALA C 339 2.52 33.22 -0.24
CA ALA C 339 1.63 33.66 0.81
C ALA C 339 2.38 34.47 1.88
N LEU C 340 3.57 34.00 2.24
CA LEU C 340 4.37 34.69 3.24
C LEU C 340 4.90 36.02 2.69
N ALA C 341 5.34 36.00 1.44
CA ALA C 341 5.86 37.21 0.81
C ALA C 341 4.79 38.29 0.72
N GLU C 342 3.59 37.90 0.28
CA GLU C 342 2.50 38.85 0.15
C GLU C 342 2.03 39.39 1.50
N LEU C 343 2.02 38.53 2.50
CA LEU C 343 1.58 38.94 3.84
C LEU C 343 2.60 39.86 4.53
N ALA C 344 3.89 39.62 4.29
CA ALA C 344 4.94 40.43 4.89
C ALA C 344 5.05 41.81 4.22
N GLY C 345 4.81 41.84 2.91
CA GLY C 345 4.87 43.09 2.18
C GLY C 345 6.22 43.79 2.11
N GLY C 346 7.31 43.03 2.13
CA GLY C 346 8.63 43.63 2.06
C GLY C 346 9.27 43.89 3.41
N ASP C 347 8.47 43.87 4.46
CA ASP C 347 8.97 44.10 5.81
C ASP C 347 9.62 42.82 6.32
N LYS C 348 10.94 42.82 6.38
CA LYS C 348 11.67 41.64 6.84
C LYS C 348 11.33 41.21 8.26
N LYS C 349 11.10 42.17 9.15
CA LYS C 349 10.76 41.82 10.52
C LYS C 349 9.36 41.19 10.53
N LYS C 350 8.48 41.72 9.69
CA LYS C 350 7.13 41.19 9.59
C LYS C 350 7.22 39.76 9.05
N LEU C 351 8.12 39.54 8.10
CA LEU C 351 8.30 38.22 7.51
C LEU C 351 8.75 37.21 8.55
N LYS C 352 9.71 37.60 9.38
CA LYS C 352 10.19 36.71 10.44
C LYS C 352 9.05 36.35 11.39
N HIS C 353 8.21 37.31 11.74
CA HIS C 353 7.13 37.01 12.66
C HIS C 353 6.15 35.96 12.13
N ILE C 354 5.73 36.10 10.88
CA ILE C 354 4.79 35.16 10.30
C ILE C 354 5.45 33.82 9.95
N TYR C 355 6.75 33.86 9.75
CA TYR C 355 7.52 32.65 9.44
C TYR C 355 7.48 31.76 10.68
N GLU C 356 7.59 32.38 11.85
CA GLU C 356 7.56 31.63 13.10
C GLU C 356 6.15 31.12 13.33
N GLU C 357 5.16 31.94 13.01
CA GLU C 357 3.76 31.55 13.15
C GLU C 357 3.48 30.36 12.23
N ALA C 358 4.08 30.38 11.04
CA ALA C 358 3.90 29.30 10.08
C ALA C 358 4.35 27.98 10.69
N PHE C 359 5.56 27.97 11.24
CA PHE C 359 6.07 26.75 11.86
C PHE C 359 5.31 26.33 13.11
N GLU C 360 4.82 27.30 13.89
CA GLU C 360 4.07 26.96 15.09
C GLU C 360 2.81 26.19 14.70
N ASP C 361 2.22 26.58 13.57
CA ASP C 361 1.01 25.93 13.07
C ASP C 361 1.18 24.43 12.89
N PHE C 362 2.41 23.98 12.65
CA PHE C 362 2.67 22.55 12.48
C PHE C 362 3.25 21.94 13.75
N LEU C 363 4.17 22.66 14.38
CA LEU C 363 4.81 22.17 15.61
C LEU C 363 3.83 22.09 16.77
N ASP C 364 2.67 22.73 16.62
CA ASP C 364 1.65 22.73 17.67
C ASP C 364 0.59 21.63 17.47
N MET C 365 0.59 20.95 16.31
CA MET C 365 -0.40 19.90 16.10
C MET C 365 -0.06 18.75 15.15
N THR C 366 0.89 18.94 14.26
CA THR C 366 1.29 17.85 13.36
C THR C 366 2.75 18.02 12.99
N VAL C 367 3.61 17.67 13.93
CA VAL C 367 5.05 17.78 13.77
C VAL C 367 5.59 17.09 12.53
N SER C 368 5.00 15.95 12.17
CA SER C 368 5.44 15.21 11.00
C SER C 368 5.61 16.09 9.76
N GLN C 369 4.77 17.11 9.62
CA GLN C 369 4.86 17.98 8.46
C GLN C 369 6.12 18.82 8.50
N ALA C 370 6.47 19.30 9.70
CA ALA C 370 7.67 20.12 9.86
C ALA C 370 8.88 19.21 9.68
N LEU C 371 8.73 17.96 10.11
CA LEU C 371 9.81 17.00 9.97
C LEU C 371 9.98 16.66 8.48
N LEU C 372 8.86 16.56 7.77
CA LEU C 372 8.88 16.27 6.35
C LEU C 372 9.62 17.41 5.65
N TRP C 373 9.27 18.64 6.01
CA TRP C 373 9.93 19.80 5.43
C TRP C 373 11.43 19.76 5.63
N ALA C 374 11.84 19.42 6.86
CA ALA C 374 13.26 19.35 7.20
C ALA C 374 13.98 18.24 6.44
N CYS C 375 13.39 17.05 6.41
CA CYS C 375 14.01 15.92 5.71
C CYS C 375 14.11 16.17 4.20
N GLN C 376 13.15 16.90 3.64
CA GLN C 376 13.15 17.19 2.21
C GLN C 376 13.70 18.57 1.85
N ASN C 377 14.34 19.22 2.81
CA ASN C 377 14.92 20.56 2.61
C ASN C 377 13.93 21.54 1.97
N ILE C 378 12.71 21.58 2.50
CA ILE C 378 11.71 22.49 1.98
C ILE C 378 11.58 23.68 2.92
N ASP C 379 11.86 24.87 2.42
CA ASP C 379 11.75 26.09 3.20
C ASP C 379 10.54 26.85 2.69
N PRO C 380 9.43 26.79 3.43
CA PRO C 380 8.15 27.44 3.11
C PRO C 380 8.20 28.87 2.57
N GLN C 381 9.30 29.58 2.82
CA GLN C 381 9.39 30.94 2.31
C GLN C 381 10.00 30.96 0.91
N GLU C 382 10.60 29.83 0.52
CA GLU C 382 11.23 29.74 -0.80
C GLU C 382 10.51 28.86 -1.79
N GLN C 383 10.05 27.68 -1.36
CA GLN C 383 9.33 26.80 -2.27
C GLN C 383 7.99 26.32 -1.71
N PRO C 384 7.04 26.01 -2.60
CA PRO C 384 5.70 25.54 -2.21
C PRO C 384 5.72 24.09 -1.75
N SER C 385 4.60 23.62 -1.23
CA SER C 385 4.46 22.24 -0.76
C SER C 385 3.33 21.57 -1.48
N GLU C 386 3.49 20.28 -1.76
CA GLU C 386 2.46 19.52 -2.42
C GLU C 386 1.36 19.18 -1.41
N ALA C 387 0.12 19.17 -1.88
CA ALA C 387 -1.01 18.84 -1.04
C ALA C 387 -1.80 17.78 -1.76
N ALA C 388 -2.60 17.02 -1.02
CA ALA C 388 -3.40 15.96 -1.61
C ALA C 388 -4.49 15.53 -0.66
N PRO C 389 -5.56 14.94 -1.18
CA PRO C 389 -6.64 14.50 -0.28
C PRO C 389 -6.24 13.14 0.26
N ALA C 390 -6.44 12.93 1.56
CA ALA C 390 -6.09 11.67 2.20
C ALA C 390 -7.20 10.63 1.98
N GLU C 391 -7.04 9.46 2.61
CA GLU C 391 -8.05 8.41 2.49
C GLU C 391 -9.22 8.77 3.41
N PRO C 392 -10.38 8.11 3.24
CA PRO C 392 -11.57 8.38 4.05
C PRO C 392 -11.42 8.08 5.54
N TYR C 393 -12.13 8.86 6.36
CA TYR C 393 -12.16 8.67 7.80
C TYR C 393 -13.64 8.74 8.18
N ILE C 394 -14.04 8.00 9.20
CA ILE C 394 -15.43 7.99 9.64
C ILE C 394 -15.56 8.65 11.02
N MET C 395 -16.10 9.86 11.06
CA MET C 395 -16.30 10.58 12.32
C MET C 395 -17.37 11.67 12.22
N GLY C 396 -17.86 12.11 13.37
CA GLY C 396 -18.90 13.13 13.38
C GLY C 396 -18.58 14.43 14.08
N SER C 397 -17.33 14.66 14.45
CA SER C 397 -16.97 15.90 15.15
C SER C 397 -16.38 16.94 14.22
N HIS C 398 -15.79 16.48 13.11
CA HIS C 398 -15.15 17.37 12.15
C HIS C 398 -16.10 17.73 11.00
N SER C 399 -15.64 17.55 9.77
CA SER C 399 -16.47 17.88 8.60
C SER C 399 -17.36 16.74 8.15
N GLY C 400 -17.28 15.61 8.82
CA GLY C 400 -18.13 14.48 8.50
C GLY C 400 -19.20 14.39 9.58
N GLU C 401 -20.34 13.77 9.28
CA GLU C 401 -21.38 13.67 10.28
C GLU C 401 -21.85 12.24 10.58
N ALA C 402 -20.96 11.27 10.39
CA ALA C 402 -21.27 9.88 10.67
C ALA C 402 -21.26 9.63 12.18
N GLY C 403 -22.26 8.90 12.66
CA GLY C 403 -22.35 8.61 14.08
C GLY C 403 -23.72 8.11 14.47
N PHE C 404 -24.01 8.11 15.77
CA PHE C 404 -25.31 7.64 16.23
C PHE C 404 -26.39 8.71 16.16
N TRP C 405 -27.60 8.26 15.85
CA TRP C 405 -28.76 9.14 15.78
C TRP C 405 -29.02 9.46 17.25
N VAL C 406 -28.93 10.73 17.61
CA VAL C 406 -29.12 11.13 18.99
C VAL C 406 -30.19 12.19 19.16
N CYS C 407 -30.89 12.12 20.29
CA CYS C 407 -31.95 13.05 20.62
C CYS C 407 -31.40 14.44 20.88
N GLY C 408 -32.22 15.46 20.62
CA GLY C 408 -31.79 16.84 20.84
C GLY C 408 -32.50 17.46 22.02
N PRO C 409 -32.21 18.75 22.32
CA PRO C 409 -32.84 19.46 23.44
C PRO C 409 -34.35 19.65 23.22
N GLU C 410 -35.09 19.62 24.33
CA GLU C 410 -36.54 19.77 24.33
C GLU C 410 -37.04 21.02 23.63
N ASP C 411 -36.31 22.12 23.78
CA ASP C 411 -36.70 23.40 23.21
C ASP C 411 -36.35 23.62 21.73
N LEU C 412 -35.54 22.74 21.15
CA LEU C 412 -35.15 22.90 19.76
C LEU C 412 -35.49 21.72 18.87
N MET C 413 -35.51 20.52 19.42
CA MET C 413 -35.82 19.34 18.61
C MET C 413 -37.28 19.25 18.18
N PRO C 414 -37.52 19.22 16.87
CA PRO C 414 -38.89 19.13 16.34
C PRO C 414 -39.42 17.70 16.46
N GLU C 415 -40.73 17.54 16.43
CA GLU C 415 -41.34 16.22 16.55
C GLU C 415 -40.85 15.26 15.46
N GLU C 416 -40.50 15.81 14.30
CA GLU C 416 -40.02 14.98 13.19
C GLU C 416 -38.79 14.15 13.57
N TYR C 417 -37.95 14.69 14.45
CA TYR C 417 -36.72 14.00 14.84
C TYR C 417 -36.81 13.26 16.17
N ALA C 418 -37.93 13.36 16.87
CA ALA C 418 -38.09 12.71 18.16
C ALA C 418 -38.67 11.30 18.10
N LYS C 419 -39.21 10.94 16.95
CA LYS C 419 -39.85 9.64 16.76
C LYS C 419 -39.12 8.36 17.16
N LEU C 420 -37.83 8.27 16.88
CA LEU C 420 -37.10 7.05 17.20
C LEU C 420 -36.52 6.91 18.61
N PHE C 421 -36.75 7.90 19.47
CA PHE C 421 -36.20 7.84 20.82
C PHE C 421 -37.23 7.47 21.90
N PRO C 422 -36.97 6.37 22.64
CA PRO C 422 -37.87 5.92 23.71
C PRO C 422 -37.89 6.93 24.86
N LEU C 423 -36.74 7.55 25.08
CA LEU C 423 -36.59 8.56 26.13
C LEU C 423 -35.95 9.80 25.51
N LYS C 424 -36.58 10.95 25.69
CA LYS C 424 -36.09 12.19 25.09
C LYS C 424 -35.04 12.95 25.89
N TYR C 425 -33.87 12.35 26.10
CA TYR C 425 -32.81 13.05 26.82
C TYR C 425 -31.76 13.50 25.81
N ASN C 426 -31.27 14.72 25.98
CA ASN C 426 -30.29 15.31 25.08
C ASN C 426 -29.06 14.43 24.87
N ARG C 427 -28.86 14.02 23.62
CA ARG C 427 -27.74 13.17 23.20
C ARG C 427 -27.89 11.69 23.50
N MET C 428 -29.05 11.26 23.98
CA MET C 428 -29.25 9.85 24.25
C MET C 428 -29.51 9.19 22.88
N THR C 429 -29.05 7.95 22.73
CA THR C 429 -29.23 7.20 21.49
C THR C 429 -30.62 6.59 21.48
N THR C 430 -30.88 5.64 20.58
CA THR C 430 -32.19 4.98 20.53
C THR C 430 -32.21 3.90 21.61
N VAL C 431 -31.04 3.62 22.17
CA VAL C 431 -30.92 2.63 23.23
C VAL C 431 -30.96 3.42 24.54
N LYS C 432 -32.02 3.20 25.31
CA LYS C 432 -32.21 3.89 26.58
C LYS C 432 -30.98 3.82 27.49
N GLY C 433 -30.60 4.97 28.03
CA GLY C 433 -29.45 5.03 28.92
C GLY C 433 -28.11 5.15 28.23
N LEU C 434 -28.09 5.01 26.91
CA LEU C 434 -26.86 5.09 26.14
C LEU C 434 -26.75 6.41 25.36
N PHE C 435 -25.75 7.22 25.72
CA PHE C 435 -25.52 8.50 25.06
C PHE C 435 -24.31 8.40 24.13
N ALA C 436 -24.22 9.33 23.18
CA ALA C 436 -23.12 9.37 22.23
C ALA C 436 -22.69 10.83 22.06
N ILE C 437 -21.38 11.07 22.08
CA ILE C 437 -20.84 12.42 21.95
C ILE C 437 -19.59 12.49 21.09
N GLY C 438 -19.24 13.72 20.70
CA GLY C 438 -18.07 13.92 19.87
C GLY C 438 -18.22 13.19 18.56
N ASP C 439 -17.17 12.48 18.17
CA ASP C 439 -17.17 11.70 16.93
C ASP C 439 -18.30 10.67 16.93
N CYS C 440 -18.73 10.26 18.12
CA CYS C 440 -19.79 9.26 18.24
C CYS C 440 -21.22 9.74 18.00
N ALA C 441 -21.45 11.05 18.04
CA ALA C 441 -22.80 11.57 17.79
C ALA C 441 -22.86 12.05 16.35
N GLY C 442 -23.76 11.46 15.57
CA GLY C 442 -23.88 11.85 14.18
C GLY C 442 -24.83 13.00 13.91
N ALA C 443 -24.90 13.40 12.65
CA ALA C 443 -25.78 14.47 12.17
C ALA C 443 -25.61 15.88 12.76
N ASN C 444 -24.51 16.11 13.49
CA ASN C 444 -24.24 17.45 14.01
C ASN C 444 -22.73 17.63 14.08
N PRO C 445 -22.11 17.97 12.93
CA PRO C 445 -20.68 18.20 12.69
C PRO C 445 -20.16 19.59 13.02
N HIS C 446 -18.87 19.80 12.72
CA HIS C 446 -18.18 21.06 12.96
C HIS C 446 -18.10 21.44 14.45
N LYS C 447 -18.02 20.43 15.30
CA LYS C 447 -17.91 20.61 16.74
C LYS C 447 -16.45 20.88 17.06
N PHE C 448 -15.58 20.03 16.50
CA PHE C 448 -14.13 20.10 16.67
C PHE C 448 -13.76 19.96 18.14
N SER C 449 -12.61 20.52 18.54
CA SER C 449 -12.19 20.40 19.93
C SER C 449 -13.20 21.00 20.89
N SER C 450 -13.43 22.30 20.78
CA SER C 450 -14.37 22.98 21.65
C SER C 450 -15.78 22.39 21.56
N GLY C 451 -16.25 22.10 20.35
CA GLY C 451 -17.58 21.55 20.19
C GLY C 451 -17.77 20.17 20.78
N SER C 452 -16.74 19.33 20.67
CA SER C 452 -16.83 17.99 21.22
C SER C 452 -16.86 18.00 22.74
N PHE C 453 -15.97 18.79 23.34
CA PHE C 453 -15.95 18.90 24.80
C PHE C 453 -17.32 19.39 25.23
N THR C 454 -17.86 20.37 24.51
CA THR C 454 -19.17 20.93 24.83
C THR C 454 -20.29 19.90 24.74
N GLU C 455 -20.30 19.11 23.66
CA GLU C 455 -21.33 18.11 23.50
C GLU C 455 -21.23 17.07 24.62
N GLY C 456 -20.04 16.89 25.15
CA GLY C 456 -19.84 15.96 26.24
C GLY C 456 -20.52 16.51 27.48
N ARG C 457 -20.38 17.82 27.69
CA ARG C 457 -20.98 18.49 28.83
C ARG C 457 -22.50 18.34 28.74
N ILE C 458 -23.04 18.51 27.54
CA ILE C 458 -24.47 18.40 27.31
C ILE C 458 -25.03 17.01 27.64
N ALA C 459 -24.39 15.97 27.14
CA ALA C 459 -24.85 14.61 27.43
C ALA C 459 -24.70 14.29 28.91
N ALA C 460 -23.62 14.78 29.52
CA ALA C 460 -23.37 14.53 30.93
C ALA C 460 -24.51 15.04 31.81
N LYS C 461 -24.91 16.30 31.62
CA LYS C 461 -26.00 16.86 32.40
C LYS C 461 -27.26 16.07 32.12
N ALA C 462 -27.48 15.73 30.85
CA ALA C 462 -28.69 14.99 30.48
C ALA C 462 -28.69 13.63 31.14
N ALA C 463 -27.49 13.06 31.28
CA ALA C 463 -27.35 11.75 31.89
C ALA C 463 -27.70 11.78 33.37
N VAL C 464 -27.31 12.86 34.05
CA VAL C 464 -27.63 12.98 35.47
C VAL C 464 -29.14 13.15 35.64
N ARG C 465 -29.73 13.92 34.74
CA ARG C 465 -31.16 14.18 34.76
C ARG C 465 -31.94 12.89 34.51
N PHE C 466 -31.44 12.11 33.55
CA PHE C 466 -32.04 10.82 33.21
C PHE C 466 -32.04 9.91 34.44
N ILE C 467 -30.89 9.77 35.06
CA ILE C 467 -30.78 8.91 36.23
C ILE C 467 -31.71 9.34 37.36
N LEU C 468 -31.68 10.63 37.70
CA LEU C 468 -32.53 11.11 38.79
C LEU C 468 -34.02 11.10 38.45
N GLU C 469 -34.36 11.27 37.17
CA GLU C 469 -35.77 11.26 36.77
C GLU C 469 -36.33 9.87 36.51
N GLN C 470 -35.64 9.08 35.70
CA GLN C 470 -36.11 7.74 35.37
C GLN C 470 -35.68 6.70 36.39
N LYS C 471 -34.71 7.07 37.22
CA LYS C 471 -34.18 6.15 38.21
C LYS C 471 -33.93 4.79 37.58
N PRO C 472 -33.05 4.75 36.56
CA PRO C 472 -32.74 3.49 35.89
C PRO C 472 -32.06 2.51 36.84
N ASN C 473 -32.22 1.23 36.57
CA ASN C 473 -31.63 0.22 37.42
C ASN C 473 -31.49 -1.08 36.66
N PRO C 474 -30.74 -1.04 35.54
CA PRO C 474 -30.54 -2.24 34.71
C PRO C 474 -29.72 -3.31 35.42
N GLU C 475 -29.89 -4.55 34.98
CA GLU C 475 -29.18 -5.68 35.55
C GLU C 475 -28.43 -6.37 34.41
N ILE C 476 -27.14 -6.59 34.60
CA ILE C 476 -26.35 -7.26 33.56
C ILE C 476 -26.64 -8.75 33.60
N ASP C 477 -26.32 -9.44 32.52
CA ASP C 477 -26.54 -10.87 32.41
C ASP C 477 -25.19 -11.57 32.59
N ASP C 478 -25.00 -12.22 33.73
CA ASP C 478 -23.75 -12.91 34.03
C ASP C 478 -23.39 -13.97 32.99
N ALA C 479 -24.41 -14.61 32.42
CA ALA C 479 -24.17 -15.61 31.40
C ALA C 479 -23.49 -14.91 30.23
N VAL C 480 -24.02 -13.77 29.81
CA VAL C 480 -23.43 -13.03 28.70
C VAL C 480 -22.03 -12.56 29.06
N VAL C 481 -21.88 -12.01 30.27
CA VAL C 481 -20.58 -11.53 30.71
C VAL C 481 -19.52 -12.62 30.59
N GLU C 482 -19.86 -13.84 31.01
CA GLU C 482 -18.92 -14.94 30.93
C GLU C 482 -18.61 -15.32 29.48
N GLU C 483 -19.57 -15.14 28.58
CA GLU C 483 -19.36 -15.45 27.17
C GLU C 483 -18.43 -14.39 26.58
N LEU C 484 -18.63 -13.15 27.01
CA LEU C 484 -17.83 -12.04 26.54
C LEU C 484 -16.41 -12.14 27.08
N LYS C 485 -16.26 -12.64 28.30
CA LYS C 485 -14.95 -12.79 28.88
C LYS C 485 -14.18 -13.84 28.09
N LYS C 486 -14.88 -14.92 27.72
CA LYS C 486 -14.26 -15.97 26.93
C LYS C 486 -13.85 -15.39 25.58
N LYS C 487 -14.74 -14.61 24.97
CA LYS C 487 -14.42 -14.00 23.68
C LYS C 487 -13.24 -13.04 23.75
N ALA C 488 -13.20 -12.26 24.82
CA ALA C 488 -12.13 -11.29 25.04
C ALA C 488 -10.73 -11.86 24.83
N TYR C 489 -10.44 -12.98 25.49
CA TYR C 489 -9.12 -13.59 25.37
C TYR C 489 -9.03 -14.75 24.38
N ALA C 490 -10.12 -15.02 23.67
CA ALA C 490 -10.12 -16.10 22.69
C ALA C 490 -8.93 -16.04 21.74
N PRO C 491 -8.59 -14.84 21.22
CA PRO C 491 -7.45 -14.74 20.31
C PRO C 491 -6.16 -15.33 20.89
N MET C 492 -5.88 -15.04 22.16
CA MET C 492 -4.69 -15.58 22.81
C MET C 492 -4.74 -17.10 22.91
N GLU C 493 -5.93 -17.61 23.24
CA GLU C 493 -6.11 -19.05 23.37
C GLU C 493 -6.01 -19.70 21.99
N ARG C 494 -6.50 -19.03 20.95
CA ARG C 494 -6.43 -19.60 19.61
C ARG C 494 -4.98 -19.68 19.15
N PHE C 495 -4.18 -18.68 19.54
CA PHE C 495 -2.77 -18.66 19.17
C PHE C 495 -2.06 -19.86 19.77
N MET C 496 -2.25 -20.08 21.06
CA MET C 496 -1.62 -21.19 21.75
C MET C 496 -2.06 -22.53 21.16
N GLN C 497 -3.32 -22.60 20.77
CA GLN C 497 -3.88 -23.83 20.22
C GLN C 497 -3.42 -24.21 18.82
N TYR C 498 -3.16 -23.22 17.97
CA TYR C 498 -2.75 -23.54 16.60
C TYR C 498 -1.36 -23.08 16.18
N LYS C 499 -0.62 -22.42 17.06
CA LYS C 499 0.72 -21.97 16.67
C LYS C 499 1.64 -23.10 16.20
N ASP C 500 1.45 -24.30 16.74
CA ASP C 500 2.29 -25.43 16.36
C ASP C 500 2.07 -25.98 14.95
N LEU C 501 1.14 -25.38 14.21
CA LEU C 501 0.89 -25.85 12.84
C LEU C 501 1.94 -25.31 11.88
N SER C 502 2.67 -24.27 12.29
CA SER C 502 3.67 -23.66 11.45
C SER C 502 4.90 -23.21 12.22
N THR C 503 6.07 -23.33 11.60
CA THR C 503 7.30 -22.91 12.26
C THR C 503 7.38 -21.38 12.31
N ALA C 504 6.39 -20.71 11.72
CA ALA C 504 6.36 -19.25 11.72
C ALA C 504 5.09 -18.78 12.41
N ASP C 505 5.23 -17.88 13.38
CA ASP C 505 4.07 -17.36 14.11
C ASP C 505 3.04 -16.62 13.27
N ASP C 506 3.49 -15.83 12.29
CA ASP C 506 2.57 -15.05 11.46
C ASP C 506 2.17 -15.67 10.12
N VAL C 507 2.40 -16.96 9.95
CA VAL C 507 2.00 -17.63 8.72
C VAL C 507 1.34 -18.93 9.16
N ASN C 508 0.07 -18.81 9.52
CA ASN C 508 -0.71 -19.94 10.00
C ASN C 508 -2.02 -20.06 9.21
N PRO C 509 -2.41 -21.30 8.89
CA PRO C 509 -3.63 -21.58 8.14
C PRO C 509 -4.92 -21.55 8.96
N GLU C 510 -4.79 -21.52 10.28
CA GLU C 510 -5.96 -21.51 11.15
C GLU C 510 -6.26 -20.18 11.85
N TYR C 511 -5.45 -19.16 11.58
CA TYR C 511 -5.72 -17.85 12.19
C TYR C 511 -5.02 -16.70 11.48
N ILE C 512 -5.55 -15.49 11.71
CA ILE C 512 -4.95 -14.28 11.17
C ILE C 512 -4.62 -13.40 12.36
N LEU C 513 -3.49 -12.73 12.29
CA LEU C 513 -3.09 -11.80 13.36
C LEU C 513 -3.79 -10.46 13.08
N PRO C 514 -3.86 -9.58 14.09
CA PRO C 514 -4.52 -8.29 13.87
C PRO C 514 -4.05 -7.52 12.65
N TRP C 515 -2.73 -7.31 12.50
CA TRP C 515 -2.24 -6.55 11.37
C TRP C 515 -2.59 -7.20 10.03
N GLN C 516 -2.74 -8.52 10.04
CA GLN C 516 -3.07 -9.24 8.82
C GLN C 516 -4.52 -8.95 8.42
N GLY C 517 -5.42 -8.96 9.39
CA GLY C 517 -6.81 -8.67 9.10
C GLY C 517 -7.01 -7.20 8.72
N LEU C 518 -6.20 -6.31 9.28
CA LEU C 518 -6.32 -4.88 8.97
C LEU C 518 -5.87 -4.57 7.55
N VAL C 519 -4.82 -5.25 7.10
CA VAL C 519 -4.33 -5.05 5.74
C VAL C 519 -5.42 -5.44 4.76
N ARG C 520 -6.11 -6.54 5.08
CA ARG C 520 -7.18 -7.06 4.25
C ARG C 520 -8.38 -6.12 4.24
N LEU C 521 -8.75 -5.61 5.41
CA LEU C 521 -9.86 -4.68 5.54
C LEU C 521 -9.58 -3.45 4.70
N GLN C 522 -8.37 -2.91 4.87
CA GLN C 522 -7.97 -1.72 4.15
C GLN C 522 -7.98 -1.93 2.64
N LYS C 523 -7.60 -3.12 2.19
CA LYS C 523 -7.60 -3.39 0.75
C LYS C 523 -9.05 -3.46 0.24
N ILE C 524 -9.93 -4.11 0.99
CA ILE C 524 -11.33 -4.22 0.58
C ILE C 524 -11.98 -2.83 0.46
N MET C 525 -11.83 -2.02 1.49
CA MET C 525 -12.42 -0.68 1.50
C MET C 525 -11.83 0.23 0.45
N ASP C 526 -10.50 0.17 0.31
CA ASP C 526 -9.80 1.00 -0.66
C ASP C 526 -10.24 0.71 -2.09
N GLU C 527 -10.42 -0.57 -2.41
CA GLU C 527 -10.81 -0.95 -3.77
C GLU C 527 -12.29 -0.99 -4.08
N TYR C 528 -13.15 -1.18 -3.08
CA TYR C 528 -14.58 -1.26 -3.34
C TYR C 528 -15.46 -0.21 -2.68
N ALA C 529 -14.95 0.44 -1.63
CA ALA C 529 -15.76 1.43 -0.92
C ALA C 529 -15.37 2.90 -1.17
N ALA C 530 -15.11 3.22 -2.43
CA ALA C 530 -14.73 4.59 -2.82
C ALA C 530 -13.50 5.10 -2.07
N GLY C 531 -12.42 4.33 -2.10
CA GLY C 531 -11.19 4.73 -1.46
C GLY C 531 -10.29 5.47 -2.44
N ILE C 532 -9.04 5.72 -2.06
CA ILE C 532 -8.10 6.44 -2.92
C ILE C 532 -7.84 5.69 -4.23
N ALA C 533 -7.93 4.36 -4.17
CA ALA C 533 -7.67 3.52 -5.35
C ALA C 533 -8.53 3.81 -6.58
N THR C 534 -9.76 4.26 -6.37
CA THR C 534 -10.64 4.56 -7.48
C THR C 534 -11.02 6.04 -7.47
N ILE C 535 -10.15 6.85 -6.87
CA ILE C 535 -10.38 8.28 -6.75
C ILE C 535 -11.74 8.54 -6.10
N TYR C 536 -11.97 7.86 -4.98
CA TYR C 536 -13.20 8.02 -4.21
C TYR C 536 -14.49 7.70 -4.97
N LYS C 537 -14.38 6.84 -5.96
CA LYS C 537 -15.55 6.45 -6.74
C LYS C 537 -15.99 5.02 -6.41
N THR C 538 -17.30 4.78 -6.49
CA THR C 538 -17.87 3.46 -6.24
C THR C 538 -19.24 3.34 -6.88
N ASN C 539 -19.81 2.13 -6.85
CA ASN C 539 -21.14 1.90 -7.40
C ASN C 539 -21.79 0.73 -6.68
N GLU C 540 -23.04 0.44 -6.99
CA GLU C 540 -23.74 -0.66 -6.35
C GLU C 540 -22.96 -1.97 -6.39
N LYS C 541 -22.48 -2.34 -7.57
CA LYS C 541 -21.76 -3.60 -7.74
C LYS C 541 -20.52 -3.68 -6.84
N MET C 542 -19.71 -2.61 -6.85
CA MET C 542 -18.51 -2.57 -6.02
C MET C 542 -18.88 -2.73 -4.55
N LEU C 543 -19.90 -1.99 -4.13
CA LEU C 543 -20.36 -2.02 -2.75
C LEU C 543 -20.87 -3.40 -2.35
N GLN C 544 -21.58 -4.07 -3.26
CA GLN C 544 -22.10 -5.39 -2.97
C GLN C 544 -20.94 -6.37 -2.82
N ARG C 545 -19.90 -6.20 -3.63
CA ARG C 545 -18.75 -7.07 -3.56
C ARG C 545 -17.99 -6.81 -2.26
N ALA C 546 -18.04 -5.56 -1.78
CA ALA C 546 -17.35 -5.22 -0.53
C ALA C 546 -18.04 -5.94 0.63
N LEU C 547 -19.36 -6.03 0.58
CA LEU C 547 -20.11 -6.71 1.63
C LEU C 547 -19.74 -8.20 1.65
N GLU C 548 -19.61 -8.78 0.47
CA GLU C 548 -19.24 -10.18 0.35
C GLU C 548 -17.84 -10.42 0.93
N LEU C 549 -16.91 -9.51 0.63
CA LEU C 549 -15.55 -9.66 1.13
C LEU C 549 -15.48 -9.38 2.62
N LEU C 550 -16.30 -8.45 3.09
CA LEU C 550 -16.32 -8.14 4.51
C LEU C 550 -16.91 -9.33 5.26
N ALA C 551 -17.86 -10.01 4.63
CA ALA C 551 -18.49 -11.18 5.24
C ALA C 551 -17.42 -12.24 5.48
N PHE C 552 -16.56 -12.45 4.48
CA PHE C 552 -15.48 -13.42 4.60
C PHE C 552 -14.58 -13.00 5.77
N LEU C 553 -14.28 -11.71 5.84
CA LEU C 553 -13.41 -11.19 6.87
C LEU C 553 -14.05 -11.29 8.25
N LYS C 554 -15.34 -11.01 8.36
CA LYS C 554 -16.02 -11.10 9.65
C LYS C 554 -15.98 -12.54 10.15
N GLU C 555 -16.19 -13.48 9.24
CA GLU C 555 -16.15 -14.89 9.62
C GLU C 555 -14.77 -15.22 10.15
N ASP C 556 -13.73 -14.74 9.48
CA ASP C 556 -12.35 -15.01 9.91
C ASP C 556 -11.97 -14.30 11.20
N LEU C 557 -12.75 -13.32 11.63
CA LEU C 557 -12.46 -12.63 12.87
C LEU C 557 -12.61 -13.64 13.99
N GLU C 558 -13.44 -14.65 13.76
CA GLU C 558 -13.66 -15.70 14.74
C GLU C 558 -12.40 -16.56 14.85
N LYS C 559 -11.44 -16.30 13.96
CA LYS C 559 -10.20 -17.04 13.97
C LYS C 559 -9.00 -16.11 14.18
N LEU C 560 -9.24 -15.02 14.89
CA LEU C 560 -8.18 -14.06 15.20
C LEU C 560 -7.23 -14.63 16.27
N ALA C 561 -5.96 -14.26 16.19
CA ALA C 561 -4.97 -14.71 17.16
C ALA C 561 -4.23 -13.49 17.70
N ALA C 562 -3.75 -13.58 18.94
CA ALA C 562 -3.02 -12.48 19.56
C ALA C 562 -1.92 -13.09 20.44
N ARG C 563 -0.75 -12.47 20.39
CA ARG C 563 0.41 -12.96 21.14
C ARG C 563 0.68 -12.24 22.47
N ASP C 564 0.05 -11.09 22.66
CA ASP C 564 0.20 -10.33 23.90
C ASP C 564 -0.97 -9.37 24.09
N LEU C 565 -1.04 -8.71 25.24
CA LEU C 565 -2.13 -7.78 25.51
C LEU C 565 -2.23 -6.68 24.47
N HIS C 566 -1.08 -6.18 24.04
CA HIS C 566 -1.03 -5.12 23.04
C HIS C 566 -1.73 -5.57 21.76
N GLU C 567 -1.38 -6.78 21.30
CA GLU C 567 -1.97 -7.32 20.10
C GLU C 567 -3.42 -7.74 20.33
N LEU C 568 -3.77 -8.05 21.57
CA LEU C 568 -5.14 -8.43 21.88
C LEU C 568 -6.02 -7.21 21.65
N MET C 569 -5.53 -6.04 22.08
CA MET C 569 -6.27 -4.79 21.89
C MET C 569 -6.32 -4.50 20.40
N ARG C 570 -5.21 -4.74 19.70
CA ARG C 570 -5.17 -4.52 18.26
C ARG C 570 -6.23 -5.42 17.62
N ALA C 571 -6.38 -6.62 18.17
CA ALA C 571 -7.35 -7.57 17.67
C ALA C 571 -8.76 -6.97 17.72
N TRP C 572 -9.16 -6.49 18.90
CA TRP C 572 -10.47 -5.91 19.06
C TRP C 572 -10.63 -4.57 18.33
N GLU C 573 -9.53 -3.86 18.12
CA GLU C 573 -9.60 -2.59 17.39
C GLU C 573 -9.94 -2.95 15.94
N LEU C 574 -9.43 -4.08 15.48
CA LEU C 574 -9.71 -4.56 14.12
C LEU C 574 -11.18 -4.91 14.02
N VAL C 575 -11.65 -5.72 14.98
CA VAL C 575 -13.05 -6.14 15.02
C VAL C 575 -13.93 -4.91 14.93
N HIS C 576 -13.59 -3.89 15.72
CA HIS C 576 -14.35 -2.66 15.74
C HIS C 576 -14.35 -1.98 14.38
N ARG C 577 -13.21 -1.97 13.71
CA ARG C 577 -13.13 -1.36 12.39
C ARG C 577 -13.98 -2.10 11.36
N VAL C 578 -13.89 -3.43 11.34
CA VAL C 578 -14.63 -4.23 10.37
C VAL C 578 -16.13 -3.94 10.37
N TRP C 579 -16.76 -3.92 11.55
CA TRP C 579 -18.19 -3.66 11.62
C TRP C 579 -18.49 -2.22 11.22
N THR C 580 -17.61 -1.31 11.63
CA THR C 580 -17.76 0.09 11.28
C THR C 580 -17.76 0.20 9.76
N ALA C 581 -16.83 -0.51 9.13
CA ALA C 581 -16.71 -0.48 7.68
C ALA C 581 -17.95 -1.06 7.00
N GLU C 582 -18.54 -2.09 7.60
CA GLU C 582 -19.74 -2.72 7.04
C GLU C 582 -20.90 -1.74 7.07
N ALA C 583 -21.00 -0.99 8.15
CA ALA C 583 -22.07 -0.01 8.30
C ALA C 583 -21.91 1.06 7.23
N HIS C 584 -20.66 1.50 7.07
CA HIS C 584 -20.37 2.54 6.09
C HIS C 584 -20.77 2.09 4.70
N VAL C 585 -20.39 0.87 4.34
CA VAL C 585 -20.71 0.32 3.02
C VAL C 585 -22.20 0.18 2.79
N ARG C 586 -22.92 -0.34 3.78
CA ARG C 586 -24.36 -0.52 3.66
C ARG C 586 -25.09 0.82 3.56
N HIS C 587 -24.52 1.83 4.21
CA HIS C 587 -25.09 3.17 4.18
C HIS C 587 -24.88 3.81 2.82
N MET C 588 -23.72 3.60 2.22
CA MET C 588 -23.45 4.17 0.91
C MET C 588 -24.26 3.46 -0.16
N LEU C 589 -24.57 2.20 0.09
CA LEU C 589 -25.34 1.40 -0.84
C LEU C 589 -26.81 1.83 -0.78
N PHE C 590 -27.27 2.16 0.42
CA PHE C 590 -28.65 2.58 0.58
C PHE C 590 -28.98 3.91 -0.08
N ARG C 591 -28.12 4.91 0.12
CA ARG C 591 -28.35 6.23 -0.46
C ARG C 591 -28.00 6.25 -1.95
N LYS C 592 -29.03 6.45 -2.76
CA LYS C 592 -28.88 6.46 -4.21
C LYS C 592 -28.73 7.86 -4.82
N GLU C 593 -27.62 8.50 -4.48
CA GLU C 593 -27.32 9.82 -4.96
C GLU C 593 -25.90 10.15 -4.59
N THR C 594 -25.40 11.24 -5.14
CA THR C 594 -24.05 11.69 -4.84
C THR C 594 -24.25 13.10 -4.31
N ARG C 595 -24.48 13.19 -3.00
CA ARG C 595 -24.71 14.47 -2.34
C ARG C 595 -23.41 15.15 -1.93
N TRP C 596 -22.34 14.38 -1.79
CA TRP C 596 -21.08 14.96 -1.38
C TRP C 596 -19.95 14.64 -2.34
N PRO C 597 -20.06 15.11 -3.59
CA PRO C 597 -18.99 14.83 -4.54
C PRO C 597 -17.78 15.48 -3.89
N GLY C 598 -16.65 14.78 -3.89
CA GLY C 598 -15.47 15.32 -3.24
C GLY C 598 -15.18 14.45 -2.03
N TYR C 599 -16.21 13.77 -1.54
CA TYR C 599 -16.07 12.86 -0.42
C TYR C 599 -16.20 11.47 -1.02
N TYR C 600 -17.12 11.34 -1.97
CA TYR C 600 -17.31 10.07 -2.68
C TYR C 600 -18.32 10.26 -3.81
N TYR C 601 -18.19 9.42 -4.83
CA TYR C 601 -19.07 9.50 -5.98
C TYR C 601 -19.70 8.16 -6.31
N ARG C 602 -21.03 8.11 -6.42
CA ARG C 602 -21.68 6.88 -6.85
C ARG C 602 -21.88 7.07 -8.35
N THR C 603 -20.96 6.51 -9.13
CA THR C 603 -20.99 6.62 -10.59
C THR C 603 -22.33 6.19 -11.20
N ASP C 604 -23.10 5.37 -10.49
CA ASP C 604 -24.40 4.92 -10.98
C ASP C 604 -25.56 5.84 -10.61
N TYR C 605 -25.27 6.82 -9.74
CA TYR C 605 -26.24 7.84 -9.29
C TYR C 605 -25.38 9.07 -9.00
N PRO C 606 -24.76 9.64 -10.04
CA PRO C 606 -23.89 10.81 -9.98
C PRO C 606 -24.46 12.16 -9.55
N GLU C 607 -25.78 12.29 -9.53
CA GLU C 607 -26.39 13.56 -9.17
C GLU C 607 -26.87 13.65 -7.72
N LEU C 608 -27.06 14.89 -7.27
CA LEU C 608 -27.57 15.14 -5.93
C LEU C 608 -29.09 15.17 -6.11
N ASN C 609 -29.79 14.43 -5.26
CA ASN C 609 -31.24 14.34 -5.36
C ASN C 609 -31.98 14.99 -4.18
N ASP C 610 -32.35 16.26 -4.34
CA ASP C 610 -33.06 16.95 -3.27
C ASP C 610 -34.55 16.67 -3.31
N GLU C 611 -34.98 15.88 -4.30
CA GLU C 611 -36.39 15.54 -4.43
C GLU C 611 -36.77 14.32 -3.58
N GLU C 612 -35.87 13.34 -3.46
CA GLU C 612 -36.16 12.15 -2.67
C GLU C 612 -35.10 11.74 -1.65
N TRP C 613 -33.95 12.42 -1.66
CA TRP C 613 -32.90 12.07 -0.71
C TRP C 613 -32.44 13.16 0.25
N LYS C 614 -33.16 14.27 0.30
CA LYS C 614 -32.80 15.32 1.24
C LYS C 614 -33.32 14.83 2.59
N CYS C 615 -32.73 13.74 3.06
CA CYS C 615 -33.13 13.13 4.31
C CYS C 615 -31.92 12.49 5.00
N PHE C 616 -32.08 12.20 6.28
CA PHE C 616 -31.03 11.55 7.04
C PHE C 616 -31.28 10.06 6.86
N VAL C 617 -30.22 9.31 6.62
CA VAL C 617 -30.36 7.87 6.47
C VAL C 617 -30.01 7.27 7.82
N CYS C 618 -30.99 6.64 8.46
CA CYS C 618 -30.79 6.04 9.77
C CYS C 618 -30.94 4.53 9.70
N SER C 619 -29.97 3.82 10.27
CA SER C 619 -30.04 2.38 10.25
C SER C 619 -29.95 1.79 11.63
N LYS C 620 -30.30 0.52 11.71
CA LYS C 620 -30.26 -0.22 12.94
C LYS C 620 -29.81 -1.63 12.64
N TYR C 621 -28.96 -2.16 13.50
CA TYR C 621 -28.51 -3.53 13.36
C TYR C 621 -29.08 -4.35 14.51
N ASP C 622 -29.76 -5.45 14.18
CA ASP C 622 -30.35 -6.33 15.19
C ASP C 622 -29.44 -7.56 15.32
N ALA C 623 -28.65 -7.59 16.37
CA ALA C 623 -27.70 -8.68 16.60
C ALA C 623 -28.35 -10.06 16.66
N GLU C 624 -29.49 -10.15 17.32
CA GLU C 624 -30.21 -11.40 17.44
C GLU C 624 -30.67 -11.93 16.08
N LYS C 625 -31.09 -11.02 15.21
CA LYS C 625 -31.55 -11.49 13.90
C LYS C 625 -30.45 -11.33 12.85
N ASP C 626 -29.39 -10.62 13.22
CA ASP C 626 -28.28 -10.36 12.31
C ASP C 626 -28.84 -9.71 11.06
N GLU C 627 -29.75 -8.76 11.26
CA GLU C 627 -30.36 -8.04 10.14
C GLU C 627 -30.19 -6.53 10.29
N TRP C 628 -30.07 -5.83 9.17
CA TRP C 628 -29.92 -4.40 9.16
C TRP C 628 -31.20 -3.81 8.56
N THR C 629 -31.72 -2.76 9.18
CA THR C 629 -32.92 -2.11 8.67
C THR C 629 -32.60 -0.63 8.50
N PHE C 630 -33.08 -0.06 7.39
CA PHE C 630 -32.83 1.35 7.11
C PHE C 630 -34.11 2.16 6.97
N GLU C 631 -33.99 3.46 7.20
CA GLU C 631 -35.11 4.38 7.04
C GLU C 631 -34.62 5.79 6.78
N LYS C 632 -35.46 6.55 6.09
CA LYS C 632 -35.15 7.91 5.70
C LYS C 632 -35.91 8.88 6.58
N VAL C 633 -35.20 9.79 7.23
CA VAL C 633 -35.85 10.78 8.07
C VAL C 633 -35.68 12.09 7.33
N PRO C 634 -36.77 12.61 6.77
CA PRO C 634 -36.70 13.87 6.02
C PRO C 634 -36.12 15.00 6.86
N TYR C 635 -35.21 15.76 6.26
CA TYR C 635 -34.62 16.89 6.94
C TYR C 635 -35.69 17.98 7.02
N VAL C 636 -35.65 18.78 8.07
CA VAL C 636 -36.57 19.89 8.22
C VAL C 636 -35.74 21.03 8.78
N GLN C 637 -35.89 22.24 8.23
CA GLN C 637 -35.13 23.36 8.74
C GLN C 637 -35.73 23.74 10.08
N VAL C 638 -34.88 23.76 11.11
CA VAL C 638 -35.30 24.08 12.46
C VAL C 638 -35.02 25.54 12.83
N ILE C 639 -33.87 26.04 12.38
CA ILE C 639 -33.47 27.40 12.67
C ILE C 639 -33.77 28.35 11.53
N GLU C 640 -34.12 29.58 11.89
CA GLU C 640 -34.44 30.61 10.91
C GLU C 640 -33.20 31.13 10.20
N TRP C 641 -33.18 30.96 8.87
CA TRP C 641 -32.09 31.45 8.03
C TRP C 641 -32.45 31.21 6.58
N SER C 642 -31.86 32.00 5.69
CA SER C 642 -32.12 31.89 4.27
C SER C 642 -30.81 32.02 3.51
N PHE C 643 -30.74 31.38 2.35
CA PHE C 643 -29.54 31.42 1.54
C PHE C 643 -29.18 32.85 1.14
N PRO D 2 9.00 7.58 12.92
CA PRO D 2 8.58 7.00 14.21
C PRO D 2 9.59 7.30 15.32
N SER D 3 9.19 7.06 16.56
CA SER D 3 10.08 7.31 17.67
C SER D 3 11.08 6.17 17.87
N PHE D 4 12.22 6.50 18.47
CA PHE D 4 13.24 5.51 18.75
C PHE D 4 14.00 5.99 19.97
N VAL D 5 14.45 5.05 20.80
CA VAL D 5 15.17 5.38 22.02
C VAL D 5 16.68 5.28 21.89
N ASN D 6 17.37 6.27 22.43
CA ASN D 6 18.83 6.30 22.43
C ASN D 6 19.31 5.51 23.65
N PRO D 7 19.96 4.36 23.43
CA PRO D 7 20.48 3.51 24.52
C PRO D 7 21.31 4.26 25.56
N GLU D 8 22.18 5.13 25.07
CA GLU D 8 23.07 5.91 25.93
C GLU D 8 22.32 6.87 26.85
N LYS D 9 21.11 7.27 26.48
CA LYS D 9 20.35 8.20 27.29
C LYS D 9 19.24 7.61 28.16
N CYS D 10 18.67 6.50 27.71
CA CYS D 10 17.61 5.84 28.44
C CYS D 10 18.12 5.07 29.66
N ASP D 11 17.54 5.33 30.82
CA ASP D 11 17.93 4.65 32.05
C ASP D 11 16.74 3.82 32.53
N GLY D 12 15.79 3.60 31.64
CA GLY D 12 14.62 2.82 31.98
C GLY D 12 13.74 3.43 33.05
N CYS D 13 13.92 4.72 33.33
CA CYS D 13 13.15 5.41 34.36
C CYS D 13 13.20 4.68 35.70
N LYS D 14 14.27 3.91 35.90
CA LYS D 14 14.40 3.14 37.13
C LYS D 14 14.65 3.98 38.37
N ALA D 15 14.62 5.31 38.23
CA ALA D 15 14.81 6.20 39.37
C ALA D 15 13.55 7.04 39.53
N LEU D 16 12.48 6.59 38.87
CA LEU D 16 11.18 7.24 38.89
C LEU D 16 10.13 6.23 39.31
N GLU D 17 8.96 6.72 39.73
CA GLU D 17 7.87 5.85 40.16
C GLU D 17 7.20 5.13 38.98
N ARG D 18 7.34 5.69 37.77
CA ARG D 18 6.74 5.08 36.59
C ARG D 18 7.54 5.38 35.33
N THR D 19 7.36 4.56 34.29
CA THR D 19 8.07 4.76 33.03
C THR D 19 7.34 5.80 32.19
N ALA D 20 7.94 6.97 32.04
CA ALA D 20 7.33 8.08 31.29
C ALA D 20 6.78 7.74 29.90
N CYS D 21 7.65 7.23 29.02
CA CYS D 21 7.22 6.90 27.66
C CYS D 21 6.10 5.87 27.63
N GLU D 22 6.23 4.80 28.41
CA GLU D 22 5.22 3.75 28.45
C GLU D 22 3.88 4.30 28.93
N TYR D 23 3.96 5.20 29.90
CA TYR D 23 2.78 5.82 30.49
C TYR D 23 2.02 6.75 29.55
N ILE D 24 2.77 7.57 28.83
CA ILE D 24 2.21 8.58 27.94
C ILE D 24 1.71 8.20 26.53
N CYS D 25 2.35 7.23 25.88
CA CYS D 25 1.96 6.87 24.52
C CYS D 25 0.49 6.53 24.27
N PRO D 26 -0.18 7.36 23.45
CA PRO D 26 -1.61 7.20 23.10
C PRO D 26 -1.92 5.92 22.33
N ASN D 27 -0.90 5.28 21.78
CA ASN D 27 -1.14 4.05 21.00
C ASN D 27 -0.47 2.82 21.60
N ASP D 28 -0.03 2.93 22.84
CA ASP D 28 0.60 1.82 23.56
C ASP D 28 1.79 1.19 22.80
N LEU D 29 2.65 2.05 22.26
CA LEU D 29 3.81 1.58 21.51
C LEU D 29 5.08 1.47 22.32
N MET D 30 5.26 2.40 23.27
CA MET D 30 6.45 2.41 24.10
C MET D 30 6.39 1.42 25.24
N THR D 31 7.42 0.57 25.32
CA THR D 31 7.48 -0.42 26.37
C THR D 31 8.94 -0.64 26.76
N LEU D 32 9.14 -1.39 27.83
CA LEU D 32 10.49 -1.66 28.29
C LEU D 32 10.95 -3.06 27.96
N ASP D 33 12.20 -3.17 27.52
CA ASP D 33 12.81 -4.46 27.24
C ASP D 33 13.41 -4.79 28.60
N LYS D 34 12.71 -5.61 29.37
CA LYS D 34 13.17 -5.99 30.70
C LYS D 34 14.57 -6.58 30.73
N GLU D 35 15.06 -7.04 29.58
CA GLU D 35 16.43 -7.53 29.50
C GLU D 35 17.43 -6.35 29.65
N LYS D 36 17.33 -5.36 28.74
CA LYS D 36 18.18 -4.18 28.71
C LYS D 36 17.75 -3.12 29.71
N MET D 37 16.48 -3.16 30.11
CA MET D 37 15.94 -2.16 31.01
C MET D 37 15.96 -0.84 30.26
N LYS D 38 15.59 -0.92 28.99
CA LYS D 38 15.53 0.25 28.11
C LYS D 38 14.28 0.16 27.28
N ALA D 39 13.71 1.34 26.97
CA ALA D 39 12.49 1.42 26.20
C ALA D 39 12.74 1.25 24.71
N TYR D 40 11.67 0.95 23.99
CA TYR D 40 11.72 0.78 22.55
C TYR D 40 10.29 0.83 22.02
N ASN D 41 10.15 1.31 20.80
CA ASN D 41 8.85 1.37 20.14
C ASN D 41 8.57 -0.05 19.68
N ARG D 42 7.53 -0.67 20.20
CA ARG D 42 7.19 -2.05 19.85
C ARG D 42 6.51 -2.22 18.50
N GLU D 43 5.94 -1.13 17.97
CA GLU D 43 5.24 -1.22 16.70
C GLU D 43 5.29 0.12 15.98
N PRO D 44 6.46 0.50 15.47
CA PRO D 44 6.73 1.76 14.75
C PRO D 44 5.78 2.14 13.62
N ASP D 45 5.25 1.15 12.90
CA ASP D 45 4.34 1.52 11.82
C ASP D 45 2.95 1.89 12.32
N MET D 46 2.82 1.96 13.63
CA MET D 46 1.56 2.35 14.26
C MET D 46 1.81 3.64 15.05
N CYS D 47 2.99 4.23 14.83
CA CYS D 47 3.37 5.48 15.48
C CYS D 47 2.80 6.65 14.69
N TRP D 48 2.14 7.57 15.39
CA TRP D 48 1.51 8.74 14.78
C TRP D 48 2.50 9.91 14.74
N GLU D 49 3.67 9.71 15.35
CA GLU D 49 4.69 10.75 15.45
C GLU D 49 4.12 11.97 16.17
N CYS D 50 3.48 11.74 17.30
CA CYS D 50 2.88 12.82 18.07
C CYS D 50 3.89 13.47 19.03
N TYR D 51 5.04 12.84 19.20
CA TYR D 51 6.10 13.36 20.07
C TYR D 51 5.77 13.44 21.55
N SER D 52 4.77 12.70 22.01
CA SER D 52 4.41 12.73 23.43
C SER D 52 5.52 12.10 24.27
N CYS D 53 6.01 10.96 23.83
CA CYS D 53 7.08 10.25 24.51
C CYS D 53 8.31 11.14 24.49
N VAL D 54 8.64 11.69 23.33
CA VAL D 54 9.79 12.57 23.19
C VAL D 54 9.71 13.71 24.20
N LYS D 55 8.57 14.37 24.30
CA LYS D 55 8.42 15.48 25.24
C LYS D 55 8.46 15.07 26.72
N MET D 56 7.96 13.87 27.04
CA MET D 56 7.95 13.48 28.45
C MET D 56 9.15 12.71 28.97
N CYS D 57 10.09 12.36 28.11
CA CYS D 57 11.28 11.62 28.55
C CYS D 57 12.22 12.57 29.29
N PRO D 58 12.31 12.41 30.62
CA PRO D 58 13.19 13.26 31.43
C PRO D 58 14.68 13.22 31.05
N GLN D 59 15.09 12.12 30.42
CA GLN D 59 16.49 11.98 30.01
C GLN D 59 16.70 12.44 28.57
N GLY D 60 15.62 12.88 27.92
CA GLY D 60 15.72 13.31 26.54
C GLY D 60 16.39 12.22 25.72
N ALA D 61 15.95 10.99 25.93
CA ALA D 61 16.52 9.83 25.24
C ALA D 61 15.74 9.44 23.99
N ILE D 62 14.57 10.03 23.80
CA ILE D 62 13.77 9.69 22.64
C ILE D 62 13.77 10.78 21.57
N ASP D 63 13.78 10.35 20.33
CA ASP D 63 13.76 11.28 19.20
C ASP D 63 12.88 10.63 18.14
N VAL D 64 12.69 11.31 17.03
CA VAL D 64 11.87 10.79 15.96
C VAL D 64 12.61 10.77 14.63
N ARG D 65 12.56 9.63 13.95
CA ARG D 65 13.19 9.47 12.65
C ARG D 65 12.04 9.33 11.67
N GLY D 66 11.80 10.39 10.88
CA GLY D 66 10.71 10.39 9.92
C GLY D 66 10.45 9.10 9.18
N TYR D 67 9.16 8.78 8.98
CA TYR D 67 8.75 7.57 8.28
C TYR D 67 9.60 7.38 7.02
N VAL D 68 10.12 6.16 6.85
CA VAL D 68 10.97 5.85 5.70
C VAL D 68 10.26 5.96 4.36
N ASP D 69 8.94 5.79 4.37
CA ASP D 69 8.16 5.85 3.14
C ASP D 69 8.41 7.11 2.31
N TYR D 70 8.54 8.26 2.98
CA TYR D 70 8.72 9.52 2.29
C TYR D 70 9.78 10.44 2.84
N SER D 71 10.42 10.03 3.94
CA SER D 71 11.43 10.87 4.57
C SER D 71 12.88 10.59 4.23
N PRO D 72 13.56 11.58 3.63
CA PRO D 72 14.96 11.33 3.32
C PRO D 72 15.67 11.45 4.68
N LEU D 73 16.80 10.78 4.86
CA LEU D 73 17.52 10.86 6.13
C LEU D 73 18.05 12.26 6.44
N GLY D 74 18.29 12.54 7.73
CA GLY D 74 18.83 13.82 8.11
C GLY D 74 17.97 14.85 8.82
N GLY D 75 16.66 14.80 8.63
CA GLY D 75 15.80 15.77 9.27
C GLY D 75 15.45 15.49 10.71
N ALA D 76 15.20 16.53 11.49
CA ALA D 76 14.83 16.35 12.89
C ALA D 76 14.16 17.56 13.51
N CYS D 77 13.26 17.28 14.44
CA CYS D 77 12.55 18.31 15.19
C CYS D 77 12.76 17.90 16.63
N VAL D 78 13.42 18.77 17.40
CA VAL D 78 13.70 18.45 18.79
C VAL D 78 13.03 19.44 19.74
N PRO D 79 12.19 18.93 20.65
CA PRO D 79 11.53 19.85 21.57
C PRO D 79 12.13 19.85 22.97
N MET D 80 12.00 20.98 23.66
CA MET D 80 12.45 21.13 25.03
C MET D 80 11.26 21.80 25.70
N ARG D 81 10.40 20.97 26.26
CA ARG D 81 9.17 21.42 26.91
C ARG D 81 9.36 21.85 28.36
N GLY D 82 8.90 23.06 28.67
CA GLY D 82 9.02 23.57 30.02
C GLY D 82 7.67 23.61 30.70
N THR D 83 7.45 24.61 31.54
CA THR D 83 6.18 24.73 32.25
C THR D 83 5.24 25.75 31.62
N SER D 84 5.79 26.86 31.13
CA SER D 84 4.99 27.90 30.51
C SER D 84 5.21 28.00 29.01
N ASP D 85 6.30 27.40 28.52
CA ASP D 85 6.59 27.44 27.10
C ASP D 85 7.35 26.21 26.62
N ILE D 86 7.49 26.11 25.30
CA ILE D 86 8.21 24.99 24.69
C ILE D 86 9.17 25.52 23.64
N MET D 87 10.34 24.91 23.57
CA MET D 87 11.35 25.29 22.59
C MET D 87 11.50 24.19 21.55
N TRP D 88 11.67 24.61 20.30
CA TRP D 88 11.85 23.66 19.22
C TRP D 88 13.07 24.04 18.41
N THR D 89 13.79 23.01 17.98
CA THR D 89 14.96 23.19 17.13
C THR D 89 14.61 22.32 15.94
N VAL D 90 14.55 22.92 14.77
CA VAL D 90 14.24 22.17 13.57
C VAL D 90 15.52 22.10 12.77
N LYS D 91 16.01 20.88 12.56
CA LYS D 91 17.24 20.71 11.82
C LYS D 91 16.99 20.05 10.47
N TYR D 92 17.40 20.75 9.42
CA TYR D 92 17.24 20.30 8.04
C TYR D 92 18.31 19.30 7.61
N ARG D 93 18.01 18.56 6.56
CA ARG D 93 18.92 17.57 6.01
C ARG D 93 20.19 18.27 5.52
N ASN D 94 20.02 19.47 4.95
CA ASN D 94 21.14 20.25 4.44
C ASN D 94 21.96 20.99 5.51
N GLY D 95 21.57 20.84 6.77
CA GLY D 95 22.31 21.48 7.85
C GLY D 95 21.71 22.75 8.46
N LYS D 96 20.64 23.25 7.85
CA LYS D 96 19.98 24.45 8.34
C LYS D 96 19.35 24.16 9.70
N VAL D 97 19.43 25.14 10.59
CA VAL D 97 18.88 24.99 11.93
C VAL D 97 18.00 26.17 12.29
N LEU D 98 16.75 25.86 12.61
CA LEU D 98 15.78 26.87 13.00
C LEU D 98 15.49 26.67 14.47
N ARG D 99 15.15 27.76 15.16
CA ARG D 99 14.83 27.68 16.58
C ARG D 99 13.55 28.46 16.85
N PHE D 100 12.65 27.88 17.63
CA PHE D 100 11.40 28.57 17.95
C PHE D 100 11.02 28.38 19.41
N LYS D 101 10.11 29.21 19.90
CA LYS D 101 9.68 29.10 21.29
C LYS D 101 8.26 29.60 21.36
N PHE D 102 7.37 28.74 21.82
CA PHE D 102 5.96 29.07 21.92
C PHE D 102 5.47 28.87 23.34
N ALA D 103 4.45 29.62 23.72
CA ALA D 103 3.85 29.51 25.05
C ALA D 103 2.97 28.26 25.00
N ILE D 104 2.77 27.62 26.16
CA ILE D 104 1.94 26.41 26.21
C ILE D 104 0.92 26.49 27.34
N ARG D 105 1.11 27.42 28.26
CA ARG D 105 0.19 27.58 29.37
C ARG D 105 0.46 28.89 30.11
N THR D 106 -0.62 29.58 30.46
CA THR D 106 -0.51 30.86 31.14
C THR D 106 -0.74 30.76 32.65
N THR D 107 -0.99 29.55 33.14
CA THR D 107 -1.20 29.33 34.57
C THR D 107 -0.32 28.19 35.08
N PRO D 108 -0.13 28.12 36.41
CA PRO D 108 0.71 27.04 36.97
C PRO D 108 0.06 25.69 36.74
N TRP D 109 0.88 24.65 36.57
CA TRP D 109 0.34 23.32 36.36
C TRP D 109 -0.34 22.78 37.61
N GLY D 110 -1.51 22.18 37.43
CA GLY D 110 -2.25 21.62 38.54
C GLY D 110 -3.01 22.65 39.35
N SER D 111 -3.18 23.85 38.79
CA SER D 111 -3.86 24.93 39.50
C SER D 111 -5.33 25.11 39.14
N ILE D 112 -5.86 24.27 38.26
CA ILE D 112 -7.26 24.41 37.87
C ILE D 112 -8.29 24.05 38.95
N GLN D 113 -9.19 24.99 39.19
CA GLN D 113 -10.28 24.80 40.14
C GLN D 113 -11.46 24.72 39.18
N PRO D 114 -11.81 23.48 38.78
CA PRO D 114 -12.89 23.17 37.84
C PRO D 114 -14.16 24.01 37.88
N PHE D 115 -14.68 24.29 39.07
CA PHE D 115 -15.92 25.06 39.19
C PHE D 115 -15.80 26.36 39.96
N GLU D 116 -14.62 26.96 39.94
CA GLU D 116 -14.40 28.22 40.67
C GLU D 116 -15.48 29.23 40.32
N GLY D 117 -16.05 29.86 41.35
CA GLY D 117 -17.09 30.86 41.12
C GLY D 117 -18.47 30.37 40.74
N PHE D 118 -18.61 29.07 40.45
CA PHE D 118 -19.91 28.53 40.05
C PHE D 118 -20.82 28.32 41.26
N PRO D 119 -22.12 28.57 41.10
CA PRO D 119 -22.99 28.36 42.26
C PRO D 119 -23.23 26.85 42.37
N GLU D 120 -23.78 26.38 43.47
CA GLU D 120 -24.05 24.96 43.64
C GLU D 120 -25.16 24.51 42.71
N PRO D 121 -25.11 23.26 42.23
CA PRO D 121 -26.18 22.81 41.34
C PRO D 121 -27.47 22.62 42.15
N THR D 122 -28.62 22.76 41.49
CA THR D 122 -29.90 22.59 42.18
C THR D 122 -30.83 21.77 41.30
N GLU D 123 -31.78 21.08 41.93
CA GLU D 123 -32.75 20.26 41.21
C GLU D 123 -33.43 21.07 40.13
N GLU D 124 -33.79 22.31 40.45
CA GLU D 124 -34.46 23.19 39.50
C GLU D 124 -33.57 23.45 38.28
N ALA D 125 -32.31 23.79 38.52
CA ALA D 125 -31.37 24.05 37.44
C ALA D 125 -31.15 22.82 36.56
N LEU D 126 -31.28 21.63 37.15
CA LEU D 126 -31.07 20.39 36.43
C LEU D 126 -32.05 20.17 35.27
N LYS D 127 -33.20 20.86 35.34
CA LYS D 127 -34.20 20.73 34.29
C LYS D 127 -34.08 21.77 33.18
N SER D 128 -33.13 22.69 33.29
CA SER D 128 -32.96 23.72 32.25
C SER D 128 -31.91 23.30 31.21
N GLU D 129 -31.64 24.18 30.26
CA GLU D 129 -30.65 23.91 29.22
C GLU D 129 -29.26 24.40 29.62
N LEU D 130 -29.18 25.06 30.77
CA LEU D 130 -27.92 25.62 31.26
C LEU D 130 -26.91 24.61 31.78
N LEU D 131 -25.65 24.79 31.38
CA LEU D 131 -24.56 23.94 31.84
C LEU D 131 -23.88 24.68 33.00
N ALA D 132 -22.90 24.02 33.63
CA ALA D 132 -22.21 24.64 34.75
C ALA D 132 -21.64 26.01 34.39
N GLY D 133 -21.87 26.99 35.27
CA GLY D 133 -21.38 28.33 35.04
C GLY D 133 -22.13 29.21 34.06
N GLU D 134 -23.18 28.67 33.44
CA GLU D 134 -23.94 29.46 32.46
C GLU D 134 -25.08 30.23 33.13
N PRO D 135 -25.55 31.30 32.47
CA PRO D 135 -25.10 31.78 31.16
C PRO D 135 -23.88 32.71 31.15
N GLU D 136 -23.38 33.09 32.32
CA GLU D 136 -22.27 34.02 32.37
C GLU D 136 -20.92 33.61 31.78
N ILE D 137 -20.53 32.35 31.93
CA ILE D 137 -19.25 31.95 31.36
C ILE D 137 -19.26 32.20 29.85
N ILE D 138 -20.46 32.26 29.27
CA ILE D 138 -20.60 32.50 27.84
C ILE D 138 -20.30 33.96 27.53
N GLY D 139 -20.38 34.81 28.54
CA GLY D 139 -20.10 36.23 28.34
C GLY D 139 -21.35 37.08 28.27
N THR D 140 -22.51 36.46 28.33
CA THR D 140 -23.80 37.15 28.26
C THR D 140 -24.54 37.01 29.60
N SER D 141 -25.34 38.02 29.94
CA SER D 141 -26.10 37.99 31.19
C SER D 141 -27.27 37.02 31.08
N GLU D 142 -27.71 36.80 29.84
CA GLU D 142 -28.82 35.88 29.59
C GLU D 142 -28.37 34.73 28.71
N PHE D 143 -29.10 33.63 28.76
CA PHE D 143 -28.77 32.47 27.96
C PHE D 143 -28.99 32.84 26.49
N PRO D 144 -28.01 32.54 25.63
CA PRO D 144 -28.13 32.86 24.20
C PRO D 144 -29.40 32.30 23.59
N GLN D 145 -30.09 33.12 22.80
CA GLN D 145 -31.31 32.70 22.13
C GLN D 145 -30.98 32.47 20.67
N VAL D 146 -31.72 31.57 20.03
CA VAL D 146 -31.49 31.30 18.61
C VAL D 146 -32.88 31.26 17.98
N LYS D 147 -33.05 32.01 16.89
CA LYS D 147 -34.36 32.09 16.25
C LYS D 147 -34.77 30.81 15.57
N LYS D 148 -35.92 30.30 15.98
CA LYS D 148 -36.43 29.10 15.39
C LYS D 148 -37.18 29.46 14.15
N LYS D 149 -37.13 28.58 13.18
CA LYS D 149 -37.81 28.86 11.95
C LYS D 149 -39.33 28.79 12.10
N ALA D 150 -40.01 29.86 11.67
CA ALA D 150 -41.47 29.92 11.74
C ALA D 150 -42.12 28.82 10.92
S SO3 E . 2.06 -15.31 -19.80
O1 SO3 E . 1.65 -15.48 -21.16
O2 SO3 E . 2.18 -13.90 -19.46
O3 SO3 E . 0.96 -15.78 -19.11
PA FAD F . 14.15 -15.14 -16.29
O1A FAD F . 13.84 -16.27 -16.78
O2A FAD F . 13.23 -14.54 -15.24
O5B FAD F . 15.64 -15.23 -15.70
C5B FAD F . 16.48 -14.35 -15.06
C4B FAD F . 17.52 -15.13 -14.17
O4B FAD F . 18.44 -14.15 -13.65
C3B FAD F . 16.67 -15.91 -12.99
O3B FAD F . 17.08 -17.25 -12.72
C2B FAD F . 17.05 -14.85 -11.88
O2B FAD F . 17.40 -15.25 -10.44
C1B FAD F . 18.58 -14.33 -12.21
N9A FAD F . 19.15 -13.18 -11.68
C8A FAD F . 18.57 -11.87 -11.49
N7A FAD F . 19.36 -10.96 -11.02
C5A FAD F . 20.48 -11.55 -10.82
C6A FAD F . 21.83 -11.17 -10.29
N6A FAD F . 22.00 -9.88 -9.89
N1A FAD F . 22.94 -12.17 -10.24
C2A FAD F . 22.83 -13.56 -10.68
N3A FAD F . 21.54 -14.02 -11.17
C4A FAD F . 20.42 -13.04 -11.23
N1 FAD F . 6.15 -17.13 -21.89
C2 FAD F . 5.71 -18.21 -22.63
O2 FAD F . 6.30 -18.57 -23.54
N3 FAD F . 4.43 -18.75 -22.16
C4 FAD F . 3.66 -18.18 -21.00
O4 FAD F . 2.72 -18.74 -20.69
C4X FAD F . 4.13 -17.03 -20.28
N5 FAD F . 3.53 -16.50 -19.05
C5X FAD F . 4.18 -15.74 -18.02
C6 FAD F . 3.51 -15.67 -16.75
C7 FAD F . 4.25 -15.15 -15.53
C7M FAD F . 3.54 -15.08 -14.27
C8 FAD F . 5.84 -14.68 -15.62
C8M FAD F . 6.71 -14.19 -14.51
C9 FAD F . 6.42 -14.73 -16.95
C9A FAD F . 5.66 -15.24 -18.31
N10 FAD F . 6.23 -15.59 -19.78
C10 FAD F . 5.51 -16.51 -20.76
C1' FAD F . 7.31 -15.07 -20.06
C2' FAD F . 8.61 -15.87 -19.81
O2' FAD F . 8.61 -16.59 -18.58
C3' FAD F . 9.84 -14.84 -20.00
O3' FAD F . 9.78 -14.24 -21.24
C4' FAD F . 11.13 -15.45 -19.83
O4' FAD F . 11.36 -16.32 -18.66
C5' FAD F . 12.28 -14.25 -19.64
O5' FAD F . 13.61 -14.83 -19.48
P FAD F . 14.78 -14.06 -18.79
O1P FAD F . 15.90 -14.95 -18.98
O2P FAD F . 14.81 -12.64 -19.51
O3P FAD F . 14.39 -13.89 -17.43
FE1 SF4 G . 10.44 -19.68 -2.24
FE2 SF4 G . 7.76 -18.98 -1.71
FE3 SF4 G . 8.48 -20.27 -3.94
FE4 SF4 G . 8.62 -21.49 -1.53
S1 SF4 G . 6.65 -20.72 -2.58
S2 SF4 G . 9.96 -21.62 -3.19
S3 SF4 G . 9.25 -19.80 -0.27
S4 SF4 G . 9.08 -18.20 -3.50
FE1 SF4 H . 12.03 -29.56 6.51
FE2 SF4 H . 13.78 -30.69 4.58
FE3 SF4 H . 12.81 -28.15 4.27
FE4 SF4 H . 11.19 -30.27 4.03
S1 SF4 H . 12.92 -29.70 2.65
S2 SF4 H . 10.80 -28.48 5.04
S3 SF4 H . 12.05 -31.72 5.65
S4 SF4 H . 14.17 -28.80 5.91
S SO3 I . -7.98 20.56 12.18
O1 SO3 I . -9.11 20.05 11.79
O2 SO3 I . -7.12 20.19 11.07
O3 SO3 I . -8.14 21.97 11.90
PA FAD J . -10.74 12.10 20.66
O1A FAD J . -10.20 13.14 21.30
O2A FAD J . -9.93 11.54 19.59
O5B FAD J . -10.90 10.95 21.85
C5B FAD J . -11.36 9.70 21.97
C4B FAD J . -10.82 8.88 23.18
O4B FAD J . -11.40 7.55 23.24
C3B FAD J . -9.19 8.92 23.18
O3B FAD J . -8.74 9.30 24.49
C2B FAD J . -9.05 7.48 22.68
O2B FAD J . -7.87 6.69 23.29
C1B FAD J . -10.30 6.62 23.42
N9A FAD J . -10.75 5.33 23.11
C8A FAD J . -10.96 4.83 21.81
N7A FAD J . -11.41 3.66 21.75
C5A FAD J . -11.51 3.26 22.96
C6A FAD J . -11.97 1.98 23.64
N6A FAD J . -12.40 0.97 22.85
N1A FAD J . -11.96 1.88 25.12
C2A FAD J . -11.52 2.97 26.00
N3A FAD J . -11.07 4.25 25.41
C4A FAD J . -11.07 4.35 23.92
N1 FAD J . -10.18 20.91 16.26
C2 FAD J . -10.07 22.26 16.69
O2 FAD J . -10.86 22.78 17.36
N3 FAD J . -8.90 22.93 16.09
C4 FAD J . -7.91 22.27 15.17
O4 FAD J . -7.01 22.91 14.88
C4X FAD J . -8.11 20.84 14.79
N5 FAD J . -7.18 20.05 14.04
C5X FAD J . -7.07 18.63 13.98
C6 FAD J . -5.89 18.10 13.52
C7 FAD J . -5.53 16.63 13.72
C7M FAD J . -4.26 16.26 13.18
C8 FAD J . -6.58 15.58 14.47
C8M FAD J . -6.51 14.16 14.69
C9 FAD J . -7.81 16.15 14.88
C9A FAD J . -8.19 17.75 14.67
N10 FAD J . -9.36 18.63 15.32
C10 FAD J . -9.32 20.16 15.41
C1' FAD J . -10.32 17.97 15.70
C2' FAD J . -10.51 17.61 17.17
O2' FAD J . -9.35 17.01 17.57
C3' FAD J . -11.74 16.58 17.35
O3' FAD J . -12.86 17.17 16.86
C4' FAD J . -11.92 16.19 18.76
O4' FAD J . -10.73 15.62 19.41
C5' FAD J . -12.85 14.85 18.76
O5' FAD J . -13.15 14.49 20.12
P FAD J . -13.71 12.99 20.45
O1P FAD J . -14.70 12.54 19.46
O2P FAD J . -13.88 12.84 21.95
O3P FAD J . -12.37 12.54 20.69
FE1 SF4 K . 5.79 8.32 20.82
FE2 SF4 K . 3.36 9.35 19.91
FE3 SF4 K . 4.73 7.49 18.49
FE4 SF4 K . 3.59 6.86 20.92
S1 SF4 K . 2.49 7.55 18.90
S2 SF4 K . 5.48 6.26 20.18
S3 SF4 K . 3.86 8.76 22.03
S4 SF4 K . 5.49 9.53 18.88
FE1 SF4 L . 14.00 5.46 28.81
FE2 SF4 L . 12.37 6.58 30.77
FE3 SF4 L . 11.36 5.92 28.37
FE4 SF4 L . 13.06 8.01 28.61
S1 SF4 L . 10.90 7.80 29.47
S2 SF4 L . 13.04 6.48 27.08
S3 SF4 L . 14.49 7.25 30.26
S4 SF4 L . 12.22 4.46 29.80
#